data_2DKL
#
_entry.id   2DKL
#
_entity_poly.entity_id   1
_entity_poly.type   'polypeptide(L)'
_entity_poly.pdbx_seq_one_letter_code
;GSSGSSGGMKTSGKQDEAWIMSRLIKQLTDMGFPREPAEEALKSNNMNLDQAMSALLEKKVDVDKRGLGVTDHNGMAAKS
GPSSG
;
_entity_poly.pdbx_strand_id   A
#
# COMPACT_ATOMS: atom_id res chain seq x y z
N GLY A 1 -27.81 29.25 20.88
CA GLY A 1 -28.23 29.68 19.56
C GLY A 1 -27.26 29.24 18.47
N SER A 2 -27.80 28.60 17.44
CA SER A 2 -26.99 28.11 16.34
C SER A 2 -27.84 27.86 15.09
N SER A 3 -27.71 28.75 14.11
CA SER A 3 -28.48 28.63 12.87
C SER A 3 -27.69 27.87 11.81
N GLY A 4 -28.40 27.29 10.85
CA GLY A 4 -27.75 26.54 9.80
C GLY A 4 -26.67 27.33 9.09
N SER A 5 -25.80 26.64 8.38
CA SER A 5 -24.70 27.29 7.66
C SER A 5 -24.19 26.40 6.53
N SER A 6 -23.80 27.03 5.42
CA SER A 6 -23.29 26.29 4.26
C SER A 6 -21.80 26.54 4.08
N GLY A 7 -21.13 25.64 3.35
CA GLY A 7 -19.72 25.77 3.12
C GLY A 7 -19.31 25.31 1.73
N GLY A 8 -18.02 25.04 1.55
CA GLY A 8 -17.54 24.60 0.26
C GLY A 8 -17.50 23.10 0.14
N MET A 9 -17.84 22.59 -1.04
CA MET A 9 -17.84 21.15 -1.28
C MET A 9 -16.98 20.79 -2.50
N LYS A 10 -16.64 19.51 -2.63
CA LYS A 10 -15.83 19.05 -3.74
C LYS A 10 -16.14 17.60 -4.07
N THR A 11 -15.50 17.08 -5.12
CA THR A 11 -15.71 15.71 -5.55
C THR A 11 -14.39 15.02 -5.88
N SER A 12 -14.45 13.73 -6.16
CA SER A 12 -13.25 12.97 -6.49
C SER A 12 -12.45 13.65 -7.59
N GLY A 13 -11.21 14.02 -7.27
CA GLY A 13 -10.36 14.69 -8.23
C GLY A 13 -10.13 13.85 -9.48
N LYS A 14 -9.61 14.48 -10.52
CA LYS A 14 -9.34 13.78 -11.78
C LYS A 14 -8.83 12.37 -11.52
N GLN A 15 -9.21 11.44 -12.38
CA GLN A 15 -8.78 10.05 -12.24
C GLN A 15 -7.50 9.80 -13.04
N ASP A 16 -6.36 9.99 -12.40
CA ASP A 16 -5.07 9.77 -13.05
C ASP A 16 -4.25 8.72 -12.31
N GLU A 17 -3.86 7.67 -13.01
CA GLU A 17 -3.06 6.61 -12.41
C GLU A 17 -1.87 7.17 -11.67
N ALA A 18 -1.37 8.31 -12.13
CA ALA A 18 -0.23 8.96 -11.50
C ALA A 18 -0.44 9.13 -10.00
N TRP A 19 -1.46 9.89 -9.63
CA TRP A 19 -1.77 10.14 -8.24
C TRP A 19 -2.03 8.83 -7.50
N ILE A 20 -2.64 7.87 -8.20
CA ILE A 20 -2.94 6.57 -7.62
C ILE A 20 -1.67 5.82 -7.24
N MET A 21 -0.68 5.89 -8.12
CA MET A 21 0.60 5.21 -7.88
C MET A 21 1.02 5.36 -6.41
N SER A 22 0.86 6.57 -5.87
CA SER A 22 1.23 6.83 -4.49
C SER A 22 0.52 5.88 -3.54
N ARG A 23 -0.80 5.78 -3.68
CA ARG A 23 -1.60 4.90 -2.84
C ARG A 23 -0.85 3.61 -2.54
N LEU A 24 -0.43 2.91 -3.58
CA LEU A 24 0.30 1.66 -3.43
C LEU A 24 1.60 1.88 -2.67
N ILE A 25 2.24 3.02 -2.91
CA ILE A 25 3.49 3.36 -2.26
C ILE A 25 3.30 3.52 -0.76
N LYS A 26 2.32 4.33 -0.38
CA LYS A 26 2.03 4.57 1.03
C LYS A 26 2.25 3.31 1.86
N GLN A 27 1.81 2.18 1.32
CA GLN A 27 1.96 0.90 2.01
C GLN A 27 3.43 0.52 2.13
N LEU A 28 4.08 0.28 1.00
CA LEU A 28 5.48 -0.09 0.97
C LEU A 28 6.31 0.84 1.87
N THR A 29 5.96 2.11 1.88
CA THR A 29 6.66 3.09 2.69
C THR A 29 6.38 2.86 4.18
N ASP A 30 5.19 2.39 4.49
CA ASP A 30 4.80 2.12 5.88
C ASP A 30 5.58 0.94 6.44
N MET A 31 5.83 -0.05 5.59
CA MET A 31 6.57 -1.24 6.02
C MET A 31 7.99 -0.87 6.43
N GLY A 32 8.78 -0.41 5.46
CA GLY A 32 10.16 -0.03 5.74
C GLY A 32 11.00 0.04 4.49
N PHE A 33 10.41 0.55 3.41
CA PHE A 33 11.12 0.66 2.14
C PHE A 33 10.92 2.05 1.53
N PRO A 34 11.96 2.56 0.86
CA PRO A 34 11.92 3.88 0.23
C PRO A 34 11.00 3.92 -0.99
N ARG A 35 10.50 5.10 -1.31
CA ARG A 35 9.60 5.27 -2.44
C ARG A 35 10.34 5.09 -3.76
N GLU A 36 11.67 5.27 -3.71
CA GLU A 36 12.49 5.14 -4.90
C GLU A 36 12.18 3.84 -5.64
N PRO A 37 12.45 2.70 -4.98
CA PRO A 37 12.20 1.37 -5.55
C PRO A 37 10.71 1.07 -5.68
N ALA A 38 9.98 1.24 -4.58
CA ALA A 38 8.55 0.99 -4.58
C ALA A 38 7.87 1.66 -5.76
N GLU A 39 8.47 2.72 -6.27
CA GLU A 39 7.91 3.44 -7.41
C GLU A 39 8.36 2.82 -8.72
N GLU A 40 9.57 2.25 -8.73
CA GLU A 40 10.12 1.63 -9.91
C GLU A 40 9.53 0.24 -10.12
N ALA A 41 9.63 -0.60 -9.08
CA ALA A 41 9.10 -1.96 -9.15
C ALA A 41 7.62 -1.96 -9.48
N LEU A 42 6.82 -1.30 -8.65
CA LEU A 42 5.38 -1.21 -8.86
C LEU A 42 5.05 -1.10 -10.35
N LYS A 43 5.49 0.00 -10.96
CA LYS A 43 5.25 0.23 -12.38
C LYS A 43 5.59 -1.01 -13.19
N SER A 44 6.60 -1.75 -12.75
CA SER A 44 7.04 -2.96 -13.43
C SER A 44 6.25 -4.17 -12.97
N ASN A 45 5.65 -4.05 -11.79
CA ASN A 45 4.85 -5.14 -11.23
C ASN A 45 3.38 -4.98 -11.56
N ASN A 46 3.10 -4.22 -12.62
CA ASN A 46 1.73 -3.99 -13.06
C ASN A 46 0.89 -3.43 -11.91
N MET A 47 1.48 -2.56 -11.12
CA MET A 47 0.79 -1.95 -9.99
C MET A 47 0.37 -3.01 -8.98
N ASN A 48 1.29 -3.91 -8.65
CA ASN A 48 1.02 -4.97 -7.69
C ASN A 48 1.79 -4.76 -6.41
N LEU A 49 1.17 -5.12 -5.28
CA LEU A 49 1.80 -4.96 -3.97
C LEU A 49 2.63 -6.19 -3.62
N ASP A 50 1.96 -7.33 -3.49
CA ASP A 50 2.63 -8.58 -3.16
C ASP A 50 3.79 -8.85 -4.11
N GLN A 51 3.56 -8.61 -5.39
CA GLN A 51 4.58 -8.82 -6.41
C GLN A 51 5.80 -7.94 -6.15
N ALA A 52 5.56 -6.64 -6.04
CA ALA A 52 6.63 -5.67 -5.80
C ALA A 52 7.37 -5.99 -4.50
N MET A 53 6.63 -5.98 -3.39
CA MET A 53 7.20 -6.27 -2.08
C MET A 53 8.26 -7.37 -2.19
N SER A 54 7.86 -8.52 -2.70
CA SER A 54 8.77 -9.65 -2.85
C SER A 54 9.96 -9.28 -3.73
N ALA A 55 9.71 -8.46 -4.73
CA ALA A 55 10.76 -8.01 -5.65
C ALA A 55 11.74 -7.07 -4.95
N LEU A 56 11.27 -6.42 -3.88
CA LEU A 56 12.10 -5.50 -3.12
C LEU A 56 12.84 -6.22 -2.01
N LEU A 57 12.22 -7.25 -1.46
CA LEU A 57 12.84 -8.03 -0.38
C LEU A 57 13.82 -9.04 -0.95
N GLU A 58 13.48 -9.64 -2.09
CA GLU A 58 14.35 -10.63 -2.71
C GLU A 58 15.78 -10.12 -2.81
N LYS A 59 15.93 -8.81 -2.97
CA LYS A 59 17.24 -8.19 -3.08
C LYS A 59 18.14 -8.62 -1.92
N LYS A 60 17.81 -8.15 -0.72
CA LYS A 60 18.59 -8.48 0.47
C LYS A 60 17.75 -9.30 1.45
N VAL A 61 18.39 -10.28 2.08
CA VAL A 61 17.71 -11.14 3.05
C VAL A 61 17.72 -10.53 4.44
N ASP A 62 16.57 -10.00 4.86
CA ASP A 62 16.45 -9.38 6.17
C ASP A 62 15.85 -10.35 7.18
N VAL A 63 15.92 -10.01 8.46
CA VAL A 63 15.39 -10.85 9.52
C VAL A 63 13.87 -10.75 9.58
N ASP A 64 13.36 -9.52 9.64
CA ASP A 64 11.92 -9.29 9.70
C ASP A 64 11.21 -9.98 8.54
N LYS A 65 9.91 -10.17 8.68
CA LYS A 65 9.11 -10.83 7.65
C LYS A 65 7.99 -9.90 7.17
N ARG A 66 7.34 -10.30 6.08
CA ARG A 66 6.25 -9.50 5.51
C ARG A 66 5.10 -9.37 6.50
N GLY A 67 4.11 -8.55 6.15
CA GLY A 67 2.98 -8.35 7.02
C GLY A 67 2.41 -6.95 6.93
N LEU A 68 1.09 -6.84 7.00
CA LEU A 68 0.42 -5.54 6.91
C LEU A 68 -0.05 -5.09 8.29
N GLY A 69 0.63 -4.09 8.85
CA GLY A 69 0.25 -3.58 10.16
C GLY A 69 -0.05 -4.70 11.15
N VAL A 70 -1.07 -4.48 11.97
CA VAL A 70 -1.47 -5.48 12.97
C VAL A 70 -1.44 -6.88 12.39
N THR A 71 -1.81 -7.01 11.12
CA THR A 71 -1.83 -8.29 10.45
C THR A 71 -2.22 -9.41 11.40
N ASP A 72 -3.20 -9.13 12.26
CA ASP A 72 -3.68 -10.12 13.23
C ASP A 72 -4.89 -10.87 12.68
N HIS A 73 -4.67 -12.12 12.31
CA HIS A 73 -5.75 -12.96 11.77
C HIS A 73 -7.02 -12.77 12.58
N ASN A 74 -8.16 -12.77 11.89
CA ASN A 74 -9.46 -12.61 12.53
C ASN A 74 -10.46 -13.62 12.01
N GLY A 75 -11.30 -14.13 12.90
CA GLY A 75 -12.30 -15.10 12.51
C GLY A 75 -12.89 -15.84 13.69
N MET A 76 -13.43 -15.09 14.66
CA MET A 76 -14.02 -15.68 15.84
C MET A 76 -15.46 -15.22 16.02
N ALA A 77 -16.28 -16.06 16.63
CA ALA A 77 -17.68 -15.73 16.87
C ALA A 77 -18.34 -16.75 17.80
N ALA A 78 -18.68 -16.30 19.01
CA ALA A 78 -19.32 -17.18 19.98
C ALA A 78 -20.64 -17.74 19.45
N LYS A 79 -20.62 -19.01 19.07
CA LYS A 79 -21.80 -19.67 18.54
C LYS A 79 -21.67 -21.18 18.61
N SER A 80 -22.79 -21.87 18.70
CA SER A 80 -22.80 -23.33 18.78
C SER A 80 -23.93 -23.93 17.95
N GLY A 81 -23.62 -24.94 17.17
CA GLY A 81 -24.63 -25.58 16.33
C GLY A 81 -24.67 -27.08 16.52
N PRO A 82 -25.32 -27.53 17.61
CA PRO A 82 -25.45 -28.95 17.92
C PRO A 82 -26.36 -29.69 16.93
N SER A 83 -26.10 -30.98 16.74
CA SER A 83 -26.89 -31.79 15.82
C SER A 83 -27.94 -32.59 16.59
N SER A 84 -28.89 -33.16 15.86
CA SER A 84 -29.95 -33.95 16.47
C SER A 84 -29.88 -35.41 16.00
N GLY A 85 -29.84 -35.60 14.69
CA GLY A 85 -29.78 -36.94 14.13
C GLY A 85 -29.99 -36.96 12.63
N GLY A 1 -13.10 17.34 18.62
CA GLY A 1 -11.87 17.33 17.86
C GLY A 1 -11.73 18.56 16.97
N SER A 2 -10.51 18.82 16.53
CA SER A 2 -10.24 19.97 15.67
C SER A 2 -9.45 19.56 14.43
N SER A 3 -9.70 20.25 13.32
CA SER A 3 -9.01 19.96 12.07
C SER A 3 -8.78 21.23 11.27
N GLY A 4 -7.68 21.26 10.52
CA GLY A 4 -7.35 22.42 9.72
C GLY A 4 -6.65 22.06 8.42
N SER A 5 -7.23 21.11 7.69
CA SER A 5 -6.64 20.67 6.42
C SER A 5 -7.73 20.20 5.45
N SER A 6 -7.61 20.62 4.20
CA SER A 6 -8.58 20.25 3.18
C SER A 6 -8.20 18.94 2.50
N GLY A 7 -6.92 18.83 2.13
CA GLY A 7 -6.43 17.63 1.48
C GLY A 7 -4.95 17.70 1.18
N GLY A 8 -4.61 17.87 -0.09
CA GLY A 8 -3.21 17.94 -0.49
C GLY A 8 -2.98 17.42 -1.89
N MET A 9 -3.85 17.80 -2.82
CA MET A 9 -3.74 17.37 -4.20
C MET A 9 -4.15 18.49 -5.16
N LYS A 10 -3.78 18.35 -6.43
CA LYS A 10 -4.12 19.34 -7.43
C LYS A 10 -5.00 18.74 -8.52
N THR A 11 -5.95 17.92 -8.12
CA THR A 11 -6.87 17.27 -9.06
C THR A 11 -8.32 17.60 -8.73
N SER A 12 -9.18 17.48 -9.73
CA SER A 12 -10.61 17.76 -9.55
C SER A 12 -11.42 17.23 -10.73
N GLY A 13 -12.62 16.74 -10.43
CA GLY A 13 -13.48 16.22 -11.47
C GLY A 13 -13.10 14.80 -11.87
N LYS A 14 -11.97 14.68 -12.57
CA LYS A 14 -11.50 13.36 -13.02
C LYS A 14 -10.30 12.91 -12.18
N GLN A 15 -10.02 11.62 -12.22
CA GLN A 15 -8.90 11.06 -11.48
C GLN A 15 -7.70 10.83 -12.39
N ASP A 16 -6.52 10.73 -11.79
CA ASP A 16 -5.29 10.51 -12.54
C ASP A 16 -4.43 9.42 -11.90
N GLU A 17 -4.24 8.33 -12.63
CA GLU A 17 -3.44 7.21 -12.14
C GLU A 17 -2.17 7.71 -11.44
N ALA A 18 -1.61 8.80 -11.96
CA ALA A 18 -0.40 9.38 -11.39
C ALA A 18 -0.51 9.48 -9.87
N TRP A 19 -1.50 10.22 -9.40
CA TRP A 19 -1.71 10.40 -7.97
C TRP A 19 -1.98 9.07 -7.28
N ILE A 20 -2.65 8.17 -8.00
CA ILE A 20 -2.97 6.85 -7.46
C ILE A 20 -1.71 6.06 -7.15
N MET A 21 -0.79 6.02 -8.12
CA MET A 21 0.46 5.30 -7.94
C MET A 21 0.95 5.38 -6.50
N SER A 22 0.88 6.58 -5.93
CA SER A 22 1.33 6.80 -4.56
C SER A 22 0.61 5.85 -3.61
N ARG A 23 -0.72 5.79 -3.73
CA ARG A 23 -1.52 4.93 -2.87
C ARG A 23 -0.80 3.60 -2.60
N LEU A 24 -0.39 2.93 -3.68
CA LEU A 24 0.31 1.66 -3.56
C LEU A 24 1.64 1.83 -2.84
N ILE A 25 2.26 2.99 -3.04
CA ILE A 25 3.54 3.27 -2.40
C ILE A 25 3.39 3.45 -0.90
N LYS A 26 2.35 4.17 -0.50
CA LYS A 26 2.08 4.41 0.92
C LYS A 26 2.24 3.13 1.73
N GLN A 27 1.51 2.08 1.33
CA GLN A 27 1.59 0.81 2.02
C GLN A 27 3.03 0.39 2.26
N LEU A 28 3.83 0.40 1.19
CA LEU A 28 5.23 0.03 1.30
C LEU A 28 5.99 1.00 2.22
N THR A 29 5.98 2.28 1.86
CA THR A 29 6.66 3.29 2.64
C THR A 29 6.36 3.14 4.13
N ASP A 30 5.20 2.54 4.43
CA ASP A 30 4.79 2.33 5.82
C ASP A 30 5.57 1.17 6.44
N MET A 31 5.87 0.17 5.62
CA MET A 31 6.59 -1.01 6.09
C MET A 31 8.02 -0.64 6.47
N GLY A 32 8.81 -0.25 5.47
CA GLY A 32 10.19 0.12 5.72
C GLY A 32 11.01 0.20 4.44
N PHE A 33 10.40 0.69 3.38
CA PHE A 33 11.08 0.82 2.09
C PHE A 33 10.85 2.19 1.48
N PRO A 34 11.87 2.72 0.80
CA PRO A 34 11.80 4.04 0.16
C PRO A 34 10.88 4.03 -1.06
N ARG A 35 10.44 5.21 -1.47
CA ARG A 35 9.56 5.35 -2.62
C ARG A 35 10.32 5.07 -3.92
N GLU A 36 11.60 5.35 -3.92
CA GLU A 36 12.44 5.14 -5.10
C GLU A 36 12.10 3.79 -5.76
N PRO A 37 12.37 2.70 -5.03
CA PRO A 37 12.10 1.35 -5.53
C PRO A 37 10.61 1.04 -5.62
N ALA A 38 9.89 1.30 -4.53
CA ALA A 38 8.45 1.06 -4.50
C ALA A 38 7.78 1.53 -5.78
N GLU A 39 8.27 2.64 -6.33
CA GLU A 39 7.72 3.19 -7.55
C GLU A 39 8.17 2.39 -8.77
N GLU A 40 9.48 2.29 -8.96
CA GLU A 40 10.04 1.55 -10.07
C GLU A 40 9.48 0.13 -10.13
N ALA A 41 9.64 -0.60 -9.04
CA ALA A 41 9.15 -1.97 -8.96
C ALA A 41 7.71 -2.06 -9.45
N LEU A 42 6.79 -1.45 -8.70
CA LEU A 42 5.39 -1.47 -9.06
C LEU A 42 5.20 -1.42 -10.57
N LYS A 43 5.78 -0.40 -11.19
CA LYS A 43 5.69 -0.23 -12.64
C LYS A 43 6.00 -1.54 -13.35
N SER A 44 7.02 -2.24 -12.88
CA SER A 44 7.42 -3.51 -13.48
C SER A 44 6.52 -4.65 -12.99
N ASN A 45 5.98 -4.49 -11.79
CA ASN A 45 5.10 -5.50 -11.21
C ASN A 45 3.65 -5.27 -11.61
N ASN A 46 3.46 -4.67 -12.79
CA ASN A 46 2.12 -4.38 -13.30
C ASN A 46 1.25 -3.78 -12.20
N MET A 47 1.81 -2.86 -11.43
CA MET A 47 1.09 -2.21 -10.35
C MET A 47 0.64 -3.22 -9.30
N ASN A 48 1.50 -4.19 -9.03
CA ASN A 48 1.19 -5.23 -8.04
C ASN A 48 1.98 -5.00 -6.76
N LEU A 49 1.34 -5.27 -5.63
CA LEU A 49 1.97 -5.10 -4.32
C LEU A 49 2.74 -6.35 -3.92
N ASP A 50 2.02 -7.45 -3.75
CA ASP A 50 2.63 -8.73 -3.38
C ASP A 50 3.87 -8.99 -4.20
N GLN A 51 3.79 -8.73 -5.50
CA GLN A 51 4.91 -8.95 -6.41
C GLN A 51 6.06 -8.01 -6.09
N ALA A 52 5.73 -6.73 -5.87
CA ALA A 52 6.74 -5.73 -5.55
C ALA A 52 7.45 -6.06 -4.24
N MET A 53 6.68 -6.14 -3.16
CA MET A 53 7.23 -6.46 -1.85
C MET A 53 8.27 -7.57 -1.95
N SER A 54 7.94 -8.62 -2.70
CA SER A 54 8.83 -9.75 -2.88
C SER A 54 10.08 -9.34 -3.64
N ALA A 55 9.89 -8.59 -4.73
CA ALA A 55 11.01 -8.12 -5.54
C ALA A 55 11.97 -7.28 -4.73
N LEU A 56 11.43 -6.51 -3.78
CA LEU A 56 12.25 -5.65 -2.93
C LEU A 56 12.87 -6.45 -1.79
N LEU A 57 12.11 -7.37 -1.23
CA LEU A 57 12.59 -8.20 -0.13
C LEU A 57 13.65 -9.18 -0.62
N GLU A 58 13.50 -9.66 -1.85
CA GLU A 58 14.46 -10.60 -2.42
C GLU A 58 15.89 -10.20 -2.07
N LYS A 59 16.27 -8.99 -2.47
CA LYS A 59 17.61 -8.49 -2.20
C LYS A 59 17.91 -8.51 -0.71
N LYS A 60 17.12 -7.77 0.06
CA LYS A 60 17.30 -7.71 1.51
C LYS A 60 16.09 -8.29 2.23
N VAL A 61 16.23 -9.52 2.73
CA VAL A 61 15.15 -10.18 3.45
C VAL A 61 15.02 -9.65 4.87
N ASP A 62 14.08 -8.74 5.08
CA ASP A 62 13.85 -8.15 6.39
C ASP A 62 12.73 -8.88 7.13
N VAL A 63 12.64 -8.64 8.43
CA VAL A 63 11.62 -9.28 9.25
C VAL A 63 10.22 -8.76 8.90
N ASP A 64 9.60 -9.37 7.90
CA ASP A 64 8.27 -8.96 7.47
C ASP A 64 7.29 -9.02 8.63
N LYS A 65 6.86 -7.85 9.11
CA LYS A 65 5.92 -7.78 10.21
C LYS A 65 4.49 -7.62 9.70
N ARG A 66 3.65 -8.60 9.99
CA ARG A 66 2.26 -8.57 9.56
C ARG A 66 1.44 -7.60 10.42
N GLY A 67 0.58 -6.83 9.77
CA GLY A 67 -0.24 -5.87 10.48
C GLY A 67 -0.18 -4.48 9.87
N LEU A 68 -0.56 -4.37 8.61
CA LEU A 68 -0.55 -3.09 7.91
C LEU A 68 -1.12 -1.98 8.80
N GLY A 69 -0.29 -0.99 9.10
CA GLY A 69 -0.74 0.11 9.93
C GLY A 69 -0.26 0.00 11.37
N VAL A 70 -0.34 1.10 12.11
CA VAL A 70 0.10 1.11 13.50
C VAL A 70 -0.90 1.86 14.38
N THR A 71 -1.25 1.26 15.51
CA THR A 71 -2.19 1.87 16.44
C THR A 71 -1.58 2.01 17.83
N ASP A 72 -1.24 3.24 18.19
CA ASP A 72 -0.64 3.52 19.50
C ASP A 72 -1.35 4.68 20.18
N HIS A 73 -1.87 4.43 21.37
CA HIS A 73 -2.58 5.46 22.13
C HIS A 73 -2.34 5.29 23.63
N ASN A 74 -2.26 6.41 24.34
CA ASN A 74 -2.03 6.38 25.77
C ASN A 74 -3.14 5.61 26.50
N GLY A 75 -4.38 6.05 26.28
CA GLY A 75 -5.51 5.39 26.91
C GLY A 75 -5.61 5.70 28.39
N MET A 76 -6.64 6.45 28.77
CA MET A 76 -6.85 6.82 30.17
C MET A 76 -8.33 6.81 30.51
N ALA A 77 -8.63 6.77 31.81
CA ALA A 77 -10.02 6.77 32.27
C ALA A 77 -10.31 8.00 33.11
N ALA A 78 -9.42 8.30 34.06
CA ALA A 78 -9.60 9.45 34.93
C ALA A 78 -8.25 10.00 35.39
N LYS A 79 -8.26 11.20 35.95
CA LYS A 79 -7.04 11.83 36.44
C LYS A 79 -7.10 12.04 37.94
N SER A 80 -5.94 12.00 38.59
CA SER A 80 -5.87 12.19 40.03
C SER A 80 -6.66 11.11 40.76
N GLY A 81 -6.58 9.88 40.26
CA GLY A 81 -7.30 8.78 40.87
C GLY A 81 -8.67 8.57 40.25
N PRO A 82 -9.41 7.58 40.80
CA PRO A 82 -10.76 7.26 40.31
C PRO A 82 -11.78 8.35 40.64
N SER A 83 -11.38 9.27 41.50
CA SER A 83 -12.25 10.36 41.90
C SER A 83 -11.71 11.71 41.43
N SER A 84 -12.49 12.76 41.63
CA SER A 84 -12.09 14.11 41.22
C SER A 84 -10.64 14.37 41.61
N GLY A 85 -10.28 13.99 42.83
CA GLY A 85 -8.92 14.20 43.31
C GLY A 85 -8.87 15.03 44.57
N GLY A 1 15.79 3.15 -25.69
CA GLY A 1 15.43 3.32 -24.30
C GLY A 1 14.53 4.52 -24.07
N SER A 2 14.05 4.68 -22.84
CA SER A 2 13.18 5.79 -22.50
C SER A 2 13.21 6.07 -21.00
N SER A 3 13.04 7.34 -20.64
CA SER A 3 13.06 7.74 -19.24
C SER A 3 12.55 9.17 -19.08
N GLY A 4 11.50 9.33 -18.26
CA GLY A 4 10.93 10.65 -18.04
C GLY A 4 9.46 10.60 -17.70
N SER A 5 9.11 11.09 -16.51
CA SER A 5 7.72 11.09 -16.06
C SER A 5 7.44 12.31 -15.20
N SER A 6 6.15 12.55 -14.93
CA SER A 6 5.74 13.69 -14.13
C SER A 6 5.18 13.23 -12.78
N GLY A 7 5.22 14.12 -11.80
CA GLY A 7 4.71 13.80 -10.48
C GLY A 7 4.86 14.94 -9.49
N GLY A 8 3.74 15.54 -9.11
CA GLY A 8 3.79 16.65 -8.17
C GLY A 8 3.02 16.35 -6.89
N MET A 9 3.57 16.79 -5.77
CA MET A 9 2.93 16.56 -4.47
C MET A 9 1.52 17.14 -4.46
N LYS A 10 0.53 16.26 -4.60
CA LYS A 10 -0.87 16.68 -4.61
C LYS A 10 -1.80 15.46 -4.60
N THR A 11 -2.95 15.62 -3.96
CA THR A 11 -3.92 14.53 -3.89
C THR A 11 -5.29 14.99 -4.38
N SER A 12 -5.76 16.11 -3.85
CA SER A 12 -7.06 16.66 -4.24
C SER A 12 -7.06 17.06 -5.71
N GLY A 13 -7.37 16.10 -6.59
CA GLY A 13 -7.40 16.39 -8.01
C GLY A 13 -8.18 15.35 -8.79
N LYS A 14 -8.45 15.63 -10.05
CA LYS A 14 -9.20 14.71 -10.90
C LYS A 14 -8.61 13.31 -10.83
N GLN A 15 -9.39 12.33 -11.31
CA GLN A 15 -8.94 10.94 -11.29
C GLN A 15 -7.76 10.74 -12.24
N ASP A 16 -6.58 10.58 -11.67
CA ASP A 16 -5.36 10.38 -12.46
C ASP A 16 -4.49 9.29 -11.85
N GLU A 17 -4.26 8.22 -12.60
CA GLU A 17 -3.44 7.12 -12.13
C GLU A 17 -2.16 7.63 -11.47
N ALA A 18 -1.68 8.77 -11.95
CA ALA A 18 -0.46 9.38 -11.41
C ALA A 18 -0.53 9.49 -9.89
N TRP A 19 -1.53 10.21 -9.40
CA TRP A 19 -1.71 10.40 -7.97
C TRP A 19 -1.94 9.07 -7.27
N ILE A 20 -2.57 8.13 -7.98
CA ILE A 20 -2.84 6.82 -7.42
C ILE A 20 -1.55 6.03 -7.20
N MET A 21 -0.63 6.14 -8.15
CA MET A 21 0.65 5.45 -8.06
C MET A 21 1.18 5.48 -6.63
N SER A 22 1.02 6.62 -5.97
CA SER A 22 1.49 6.78 -4.59
C SER A 22 0.77 5.82 -3.66
N ARG A 23 -0.55 5.74 -3.80
CA ARG A 23 -1.36 4.87 -2.96
C ARG A 23 -0.62 3.56 -2.67
N LEU A 24 -0.29 2.82 -3.72
CA LEU A 24 0.42 1.56 -3.57
C LEU A 24 1.73 1.75 -2.83
N ILE A 25 2.34 2.91 -3.02
CA ILE A 25 3.61 3.22 -2.36
C ILE A 25 3.41 3.41 -0.85
N LYS A 26 2.41 4.20 -0.48
CA LYS A 26 2.12 4.46 0.92
C LYS A 26 2.19 3.16 1.73
N GLN A 27 1.60 2.10 1.20
CA GLN A 27 1.61 0.81 1.88
C GLN A 27 3.03 0.36 2.18
N LEU A 28 3.95 0.62 1.26
CA LEU A 28 5.34 0.24 1.42
C LEU A 28 6.07 1.23 2.32
N THR A 29 6.02 2.50 1.94
CA THR A 29 6.68 3.56 2.71
C THR A 29 6.41 3.40 4.20
N ASP A 30 5.22 2.92 4.53
CA ASP A 30 4.84 2.72 5.93
C ASP A 30 5.41 1.41 6.46
N MET A 31 5.63 0.46 5.56
CA MET A 31 6.18 -0.84 5.94
C MET A 31 7.64 -0.72 6.37
N GLY A 32 8.50 -0.34 5.43
CA GLY A 32 9.91 -0.19 5.73
C GLY A 32 10.76 -0.10 4.48
N PHE A 33 10.23 0.53 3.44
CA PHE A 33 10.95 0.68 2.19
C PHE A 33 10.73 2.08 1.60
N PRO A 34 11.78 2.61 0.95
CA PRO A 34 11.74 3.94 0.34
C PRO A 34 10.83 3.99 -0.88
N ARG A 35 10.35 5.18 -1.22
CA ARG A 35 9.46 5.36 -2.36
C ARG A 35 10.21 5.13 -3.66
N GLU A 36 11.52 5.37 -3.65
CA GLU A 36 12.35 5.19 -4.84
C GLU A 36 11.99 3.88 -5.54
N PRO A 37 12.25 2.76 -4.86
CA PRO A 37 11.96 1.42 -5.41
C PRO A 37 10.46 1.14 -5.51
N ALA A 38 9.75 1.37 -4.42
CA ALA A 38 8.30 1.14 -4.39
C ALA A 38 7.65 1.61 -5.68
N GLU A 39 8.26 2.61 -6.32
CA GLU A 39 7.73 3.14 -7.56
C GLU A 39 8.22 2.32 -8.76
N GLU A 40 9.52 2.09 -8.82
CA GLU A 40 10.12 1.31 -9.90
C GLU A 40 9.54 -0.10 -9.94
N ALA A 41 9.57 -0.78 -8.80
CA ALA A 41 9.04 -2.14 -8.70
C ALA A 41 7.64 -2.23 -9.27
N LEU A 42 6.69 -1.62 -8.57
CA LEU A 42 5.29 -1.62 -9.00
C LEU A 42 5.19 -1.55 -10.52
N LYS A 43 5.66 -0.44 -11.09
CA LYS A 43 5.63 -0.24 -12.53
C LYS A 43 5.92 -1.54 -13.26
N SER A 44 6.89 -2.30 -12.76
CA SER A 44 7.27 -3.57 -13.37
C SER A 44 6.34 -4.69 -12.91
N ASN A 45 5.87 -4.59 -11.68
CA ASN A 45 4.97 -5.60 -11.12
C ASN A 45 3.52 -5.30 -11.48
N ASN A 46 3.33 -4.75 -12.68
CA ASN A 46 1.99 -4.41 -13.15
C ASN A 46 1.16 -3.80 -12.04
N MET A 47 1.79 -2.97 -11.23
CA MET A 47 1.11 -2.30 -10.12
C MET A 47 0.61 -3.32 -9.10
N ASN A 48 1.52 -4.18 -8.63
CA ASN A 48 1.18 -5.20 -7.65
C ASN A 48 1.95 -5.00 -6.36
N LEU A 49 1.31 -5.30 -5.23
CA LEU A 49 1.95 -5.15 -3.93
C LEU A 49 2.72 -6.41 -3.56
N ASP A 50 2.03 -7.54 -3.55
CA ASP A 50 2.65 -8.82 -3.22
C ASP A 50 3.79 -9.14 -4.18
N GLN A 51 3.56 -8.89 -5.47
CA GLN A 51 4.56 -9.15 -6.49
C GLN A 51 5.74 -8.19 -6.36
N ALA A 52 5.43 -6.92 -6.09
CA ALA A 52 6.46 -5.90 -5.94
C ALA A 52 7.33 -6.18 -4.73
N MET A 53 6.71 -6.25 -3.55
CA MET A 53 7.43 -6.51 -2.31
C MET A 53 8.54 -7.54 -2.55
N SER A 54 8.15 -8.75 -2.93
CA SER A 54 9.10 -9.82 -3.18
C SER A 54 10.28 -9.33 -4.01
N ALA A 55 9.99 -8.42 -4.94
CA ALA A 55 11.02 -7.85 -5.80
C ALA A 55 12.04 -7.05 -5.00
N LEU A 56 11.56 -6.40 -3.94
CA LEU A 56 12.42 -5.60 -3.09
C LEU A 56 13.13 -6.47 -2.04
N LEU A 57 12.39 -7.42 -1.49
CA LEU A 57 12.95 -8.32 -0.47
C LEU A 57 14.00 -9.24 -1.09
N GLU A 58 13.62 -9.95 -2.13
CA GLU A 58 14.54 -10.87 -2.81
C GLU A 58 15.96 -10.31 -2.81
N LYS A 59 16.09 -9.05 -3.22
CA LYS A 59 17.39 -8.40 -3.27
C LYS A 59 18.27 -8.86 -2.12
N LYS A 60 17.88 -8.51 -0.90
CA LYS A 60 18.63 -8.89 0.28
C LYS A 60 17.78 -9.74 1.23
N VAL A 61 18.42 -10.71 1.88
CA VAL A 61 17.71 -11.59 2.80
C VAL A 61 17.58 -10.94 4.18
N ASP A 62 16.34 -10.69 4.59
CA ASP A 62 16.07 -10.08 5.89
C ASP A 62 14.83 -10.70 6.53
N VAL A 63 14.55 -10.29 7.76
CA VAL A 63 13.40 -10.81 8.50
C VAL A 63 12.49 -9.67 8.94
N ASP A 64 11.30 -9.61 8.36
CA ASP A 64 10.33 -8.57 8.71
C ASP A 64 8.93 -9.16 8.82
N LYS A 65 8.01 -8.38 9.38
CA LYS A 65 6.62 -8.81 9.56
C LYS A 65 5.65 -7.75 9.06
N ARG A 66 4.80 -8.12 8.11
CA ARG A 66 3.82 -7.20 7.56
C ARG A 66 2.68 -6.97 8.54
N GLY A 67 1.78 -6.05 8.19
CA GLY A 67 0.65 -5.74 9.05
C GLY A 67 -0.20 -4.62 8.51
N LEU A 68 -0.52 -4.69 7.23
CA LEU A 68 -1.34 -3.67 6.58
C LEU A 68 -2.83 -3.93 6.83
N GLY A 69 -3.52 -2.94 7.40
CA GLY A 69 -4.93 -3.09 7.67
C GLY A 69 -5.21 -4.00 8.85
N VAL A 70 -6.46 -4.41 9.00
CA VAL A 70 -6.86 -5.29 10.10
C VAL A 70 -7.27 -6.65 9.57
N THR A 71 -8.25 -6.68 8.68
CA THR A 71 -8.74 -7.93 8.11
C THR A 71 -8.69 -9.06 9.14
N ASP A 72 -9.17 -8.77 10.34
CA ASP A 72 -9.19 -9.76 11.41
C ASP A 72 -10.16 -10.90 11.09
N HIS A 73 -9.66 -12.13 11.13
CA HIS A 73 -10.48 -13.29 10.84
C HIS A 73 -10.89 -14.01 12.12
N ASN A 74 -11.93 -13.53 12.76
CA ASN A 74 -12.42 -14.12 14.00
C ASN A 74 -13.91 -14.39 13.93
N GLY A 75 -14.38 -15.34 14.73
CA GLY A 75 -15.79 -15.68 14.75
C GLY A 75 -16.28 -16.15 13.39
N MET A 76 -15.69 -17.24 12.90
CA MET A 76 -16.08 -17.79 11.60
C MET A 76 -17.19 -18.82 11.76
N ALA A 77 -18.42 -18.34 11.88
CA ALA A 77 -19.57 -19.23 12.04
C ALA A 77 -20.88 -18.45 11.91
N ALA A 78 -22.00 -19.17 11.95
CA ALA A 78 -23.30 -18.55 11.85
C ALA A 78 -24.41 -19.54 12.23
N LYS A 79 -25.50 -19.01 12.78
CA LYS A 79 -26.63 -19.84 13.19
C LYS A 79 -27.94 -19.29 12.62
N SER A 80 -28.68 -20.15 11.94
CA SER A 80 -29.95 -19.76 11.35
C SER A 80 -31.12 -20.39 12.10
N GLY A 81 -32.08 -19.57 12.50
CA GLY A 81 -33.23 -20.07 13.22
C GLY A 81 -34.02 -18.96 13.89
N PRO A 82 -34.89 -18.29 13.12
CA PRO A 82 -35.73 -17.20 13.61
C PRO A 82 -36.81 -17.69 14.57
N SER A 83 -36.58 -17.49 15.87
CA SER A 83 -37.53 -17.91 16.88
C SER A 83 -38.87 -17.18 16.72
N SER A 84 -39.91 -17.72 17.33
CA SER A 84 -41.24 -17.12 17.26
C SER A 84 -41.81 -16.87 18.65
N GLY A 85 -41.61 -17.83 19.54
CA GLY A 85 -42.11 -17.70 20.90
C GLY A 85 -43.23 -18.68 21.20
N GLY A 1 16.21 16.43 -13.11
CA GLY A 1 15.36 16.77 -11.98
C GLY A 1 14.66 15.56 -11.40
N SER A 2 15.20 15.05 -10.30
CA SER A 2 14.63 13.88 -9.64
C SER A 2 13.46 14.28 -8.75
N SER A 3 13.70 15.25 -7.87
CA SER A 3 12.66 15.72 -6.96
C SER A 3 11.49 16.32 -7.73
N GLY A 4 10.28 15.96 -7.32
CA GLY A 4 9.09 16.47 -7.98
C GLY A 4 7.85 15.66 -7.66
N SER A 5 6.92 16.25 -6.92
CA SER A 5 5.69 15.57 -6.55
C SER A 5 4.56 16.57 -6.33
N SER A 6 3.32 16.07 -6.35
CA SER A 6 2.16 16.92 -6.14
C SER A 6 0.97 16.10 -5.66
N GLY A 7 0.01 16.79 -5.04
CA GLY A 7 -1.17 16.11 -4.52
C GLY A 7 -1.61 16.66 -3.18
N GLY A 8 -2.92 16.59 -2.91
CA GLY A 8 -3.45 17.08 -1.66
C GLY A 8 -4.85 17.63 -1.79
N MET A 9 -5.69 16.91 -2.53
CA MET A 9 -7.08 17.33 -2.74
C MET A 9 -8.05 16.27 -2.20
N LYS A 10 -8.92 16.70 -1.30
CA LYS A 10 -9.91 15.80 -0.71
C LYS A 10 -11.12 15.64 -1.62
N THR A 11 -10.86 15.45 -2.92
CA THR A 11 -11.93 15.29 -3.89
C THR A 11 -12.09 13.83 -4.31
N SER A 12 -12.84 13.07 -3.52
CA SER A 12 -13.07 11.66 -3.80
C SER A 12 -13.15 11.41 -5.31
N GLY A 13 -12.81 10.20 -5.72
CA GLY A 13 -12.85 9.85 -7.13
C GLY A 13 -11.48 9.84 -7.77
N LYS A 14 -11.29 8.94 -8.73
CA LYS A 14 -10.01 8.82 -9.42
C LYS A 14 -9.92 9.82 -10.57
N GLN A 15 -9.19 10.91 -10.35
CA GLN A 15 -9.02 11.94 -11.37
C GLN A 15 -7.88 11.59 -12.31
N ASP A 16 -6.83 10.98 -11.76
CA ASP A 16 -5.67 10.60 -12.56
C ASP A 16 -5.04 9.32 -12.01
N GLU A 17 -4.17 8.71 -12.82
CA GLU A 17 -3.50 7.48 -12.42
C GLU A 17 -2.21 7.77 -11.65
N ALA A 18 -1.58 8.90 -12.00
CA ALA A 18 -0.34 9.30 -11.34
C ALA A 18 -0.52 9.38 -9.83
N TRP A 19 -1.53 10.13 -9.39
CA TRP A 19 -1.80 10.28 -7.98
C TRP A 19 -2.04 8.93 -7.31
N ILE A 20 -2.69 8.03 -8.03
CA ILE A 20 -2.98 6.70 -7.51
C ILE A 20 -1.69 5.95 -7.18
N MET A 21 -0.73 5.98 -8.10
CA MET A 21 0.54 5.30 -7.89
C MET A 21 1.00 5.43 -6.45
N SER A 22 0.89 6.63 -5.89
CA SER A 22 1.29 6.89 -4.52
C SER A 22 0.64 5.90 -3.57
N ARG A 23 -0.66 5.71 -3.72
CA ARG A 23 -1.41 4.78 -2.87
C ARG A 23 -0.62 3.50 -2.64
N LEU A 24 -0.28 2.82 -3.73
CA LEU A 24 0.47 1.57 -3.65
C LEU A 24 1.79 1.77 -2.92
N ILE A 25 2.37 2.96 -3.10
CA ILE A 25 3.64 3.29 -2.45
C ILE A 25 3.47 3.39 -0.94
N LYS A 26 2.48 4.17 -0.50
CA LYS A 26 2.22 4.35 0.92
C LYS A 26 2.30 3.02 1.66
N GLN A 27 1.48 2.06 1.24
CA GLN A 27 1.46 0.75 1.87
C GLN A 27 2.88 0.26 2.15
N LEU A 28 3.77 0.47 1.17
CA LEU A 28 5.16 0.05 1.31
C LEU A 28 5.92 0.98 2.25
N THR A 29 5.93 2.27 1.92
CA THR A 29 6.63 3.25 2.74
C THR A 29 6.42 2.99 4.23
N ASP A 30 5.22 2.54 4.58
CA ASP A 30 4.89 2.24 5.97
C ASP A 30 5.69 1.04 6.46
N MET A 31 5.80 0.02 5.62
CA MET A 31 6.53 -1.19 5.98
C MET A 31 7.97 -0.86 6.37
N GLY A 32 8.70 -0.26 5.45
CA GLY A 32 10.08 0.11 5.71
C GLY A 32 10.91 0.20 4.45
N PHE A 33 10.30 0.62 3.36
CA PHE A 33 10.99 0.74 2.08
C PHE A 33 10.78 2.13 1.48
N PRO A 34 11.82 2.64 0.82
CA PRO A 34 11.79 3.97 0.18
C PRO A 34 10.86 4.00 -1.03
N ARG A 35 10.37 5.18 -1.37
CA ARG A 35 9.47 5.35 -2.50
C ARG A 35 10.22 5.13 -3.82
N GLU A 36 11.54 5.36 -3.79
CA GLU A 36 12.37 5.18 -4.97
C GLU A 36 12.03 3.88 -5.68
N PRO A 37 12.30 2.75 -5.01
CA PRO A 37 12.04 1.41 -5.56
C PRO A 37 10.54 1.12 -5.66
N ALA A 38 9.83 1.32 -4.56
CA ALA A 38 8.39 1.07 -4.53
C ALA A 38 7.73 1.55 -5.82
N GLU A 39 8.31 2.57 -6.44
CA GLU A 39 7.77 3.12 -7.68
C GLU A 39 8.21 2.29 -8.88
N GLU A 40 9.51 2.24 -9.10
CA GLU A 40 10.06 1.48 -10.22
C GLU A 40 9.50 0.06 -10.25
N ALA A 41 9.63 -0.64 -9.13
CA ALA A 41 9.14 -2.01 -9.02
C ALA A 41 7.70 -2.11 -9.51
N LEU A 42 6.79 -1.42 -8.82
CA LEU A 42 5.38 -1.44 -9.19
C LEU A 42 5.21 -1.32 -10.70
N LYS A 43 5.92 -0.37 -11.30
CA LYS A 43 5.85 -0.15 -12.74
C LYS A 43 6.16 -1.44 -13.49
N SER A 44 7.07 -2.24 -12.95
CA SER A 44 7.46 -3.50 -13.58
C SER A 44 6.65 -4.66 -13.02
N ASN A 45 6.01 -4.43 -11.87
CA ASN A 45 5.20 -5.46 -11.22
C ASN A 45 3.72 -5.24 -11.52
N ASN A 46 3.42 -4.62 -12.66
CA ASN A 46 2.06 -4.35 -13.06
C ASN A 46 1.23 -3.84 -11.88
N MET A 47 1.79 -2.88 -11.15
CA MET A 47 1.11 -2.30 -10.00
C MET A 47 0.62 -3.39 -9.05
N ASN A 48 1.55 -4.26 -8.64
CA ASN A 48 1.22 -5.35 -7.73
C ASN A 48 2.01 -5.23 -6.43
N LEU A 49 1.29 -5.17 -5.31
CA LEU A 49 1.92 -5.06 -4.00
C LEU A 49 2.71 -6.32 -3.66
N ASP A 50 1.99 -7.43 -3.47
CA ASP A 50 2.62 -8.70 -3.14
C ASP A 50 3.86 -8.93 -4.00
N GLN A 51 3.72 -8.70 -5.31
CA GLN A 51 4.84 -8.88 -6.24
C GLN A 51 5.97 -7.91 -5.93
N ALA A 52 5.62 -6.64 -5.78
CA ALA A 52 6.60 -5.61 -5.49
C ALA A 52 7.40 -5.95 -4.23
N MET A 53 6.70 -6.10 -3.12
CA MET A 53 7.35 -6.44 -1.85
C MET A 53 8.42 -7.50 -2.05
N SER A 54 8.01 -8.67 -2.53
CA SER A 54 8.94 -9.77 -2.76
C SER A 54 10.04 -9.36 -3.72
N ALA A 55 9.72 -8.40 -4.59
CA ALA A 55 10.70 -7.91 -5.57
C ALA A 55 11.75 -7.04 -4.90
N LEU A 56 11.41 -6.47 -3.76
CA LEU A 56 12.34 -5.61 -3.03
C LEU A 56 13.12 -6.41 -1.99
N LEU A 57 12.41 -7.19 -1.19
CA LEU A 57 13.04 -8.00 -0.16
C LEU A 57 14.06 -8.96 -0.78
N GLU A 58 13.65 -9.65 -1.85
CA GLU A 58 14.52 -10.59 -2.53
C GLU A 58 15.97 -10.11 -2.49
N LYS A 59 16.15 -8.79 -2.54
CA LYS A 59 17.49 -8.20 -2.52
C LYS A 59 17.91 -7.88 -1.09
N LYS A 60 17.08 -7.13 -0.38
CA LYS A 60 17.37 -6.77 1.00
C LYS A 60 16.37 -7.41 1.96
N VAL A 61 16.85 -8.38 2.73
CA VAL A 61 16.02 -9.09 3.69
C VAL A 61 16.34 -8.67 5.12
N ASP A 62 15.36 -8.14 5.82
CA ASP A 62 15.54 -7.69 7.20
C ASP A 62 14.27 -7.93 8.02
N VAL A 63 14.43 -8.01 9.34
CA VAL A 63 13.30 -8.23 10.23
C VAL A 63 12.51 -6.94 10.45
N ASP A 64 11.46 -6.75 9.65
CA ASP A 64 10.62 -5.56 9.76
C ASP A 64 9.25 -5.91 10.32
N LYS A 65 8.44 -4.88 10.57
CA LYS A 65 7.10 -5.08 11.12
C LYS A 65 6.43 -6.29 10.48
N ARG A 66 5.45 -6.86 11.18
CA ARG A 66 4.74 -8.03 10.69
C ARG A 66 4.09 -7.74 9.35
N GLY A 67 3.71 -8.79 8.64
CA GLY A 67 3.08 -8.64 7.34
C GLY A 67 1.75 -7.92 7.42
N LEU A 68 1.24 -7.48 6.28
CA LEU A 68 -0.03 -6.76 6.23
C LEU A 68 -1.17 -7.73 5.91
N GLY A 69 -2.30 -7.56 6.61
CA GLY A 69 -3.45 -8.41 6.39
C GLY A 69 -4.73 -7.62 6.20
N VAL A 70 -5.64 -8.15 5.39
CA VAL A 70 -6.91 -7.49 5.13
C VAL A 70 -7.48 -6.87 6.41
N THR A 71 -7.96 -5.63 6.28
CA THR A 71 -8.52 -4.91 7.43
C THR A 71 -10.00 -4.61 7.21
N ASP A 72 -10.72 -5.57 6.63
CA ASP A 72 -12.14 -5.40 6.37
C ASP A 72 -12.85 -4.78 7.57
N HIS A 73 -12.55 -5.29 8.76
CA HIS A 73 -13.16 -4.78 9.98
C HIS A 73 -13.14 -3.25 10.00
N ASN A 74 -11.95 -2.68 9.97
CA ASN A 74 -11.81 -1.23 9.97
C ASN A 74 -11.55 -0.69 8.56
N GLY A 75 -12.49 0.10 8.06
CA GLY A 75 -12.35 0.67 6.74
C GLY A 75 -13.62 0.55 5.92
N MET A 76 -14.76 0.86 6.54
CA MET A 76 -16.04 0.79 5.87
C MET A 76 -16.73 2.15 5.87
N ALA A 77 -17.85 2.24 5.17
CA ALA A 77 -18.60 3.49 5.09
C ALA A 77 -20.03 3.30 5.59
N ALA A 78 -20.35 3.92 6.72
CA ALA A 78 -21.68 3.82 7.31
C ALA A 78 -22.47 5.11 7.09
N LYS A 79 -23.79 5.02 7.23
CA LYS A 79 -24.66 6.17 7.05
C LYS A 79 -24.73 7.01 8.32
N SER A 80 -24.01 8.12 8.33
CA SER A 80 -24.00 9.01 9.49
C SER A 80 -23.79 10.46 9.07
N GLY A 81 -24.11 11.38 9.97
CA GLY A 81 -23.95 12.80 9.66
C GLY A 81 -24.51 13.69 10.75
N PRO A 82 -23.70 13.92 11.81
CA PRO A 82 -24.10 14.75 12.94
C PRO A 82 -24.19 16.23 12.57
N SER A 83 -24.82 17.02 13.44
CA SER A 83 -24.97 18.45 13.20
C SER A 83 -25.12 19.21 14.51
N SER A 84 -24.13 20.03 14.82
CA SER A 84 -24.14 20.81 16.06
C SER A 84 -24.48 22.27 15.77
N GLY A 85 -25.27 22.87 16.65
CA GLY A 85 -25.65 24.27 16.48
C GLY A 85 -24.98 25.18 17.49
N GLY A 1 -18.91 3.05 17.17
CA GLY A 1 -20.00 3.45 16.30
C GLY A 1 -19.61 3.44 14.84
N SER A 2 -20.19 2.52 14.08
CA SER A 2 -19.89 2.39 12.66
C SER A 2 -21.12 1.95 11.88
N SER A 3 -21.44 2.67 10.81
CA SER A 3 -22.60 2.35 9.98
C SER A 3 -22.28 2.56 8.51
N GLY A 4 -22.21 1.46 7.76
CA GLY A 4 -21.91 1.55 6.35
C GLY A 4 -22.04 0.21 5.65
N SER A 5 -22.58 0.23 4.43
CA SER A 5 -22.75 -0.99 3.65
C SER A 5 -21.90 -0.97 2.39
N SER A 6 -22.04 0.10 1.61
CA SER A 6 -21.29 0.24 0.37
C SER A 6 -20.41 1.48 0.41
N GLY A 7 -19.16 1.33 -0.06
CA GLY A 7 -18.23 2.44 -0.06
C GLY A 7 -17.52 2.59 -1.39
N GLY A 8 -16.74 3.67 -1.53
CA GLY A 8 -16.02 3.91 -2.76
C GLY A 8 -16.82 4.73 -3.74
N MET A 9 -16.61 4.48 -5.03
CA MET A 9 -17.32 5.21 -6.08
C MET A 9 -17.13 6.71 -5.92
N LYS A 10 -15.90 7.12 -5.61
CA LYS A 10 -15.58 8.54 -5.44
C LYS A 10 -15.25 9.19 -6.78
N THR A 11 -16.08 10.14 -7.19
CA THR A 11 -15.89 10.85 -8.44
C THR A 11 -15.71 12.34 -8.22
N SER A 12 -14.94 12.69 -7.19
CA SER A 12 -14.69 14.09 -6.86
C SER A 12 -14.39 14.89 -8.12
N GLY A 13 -13.56 14.33 -8.99
CA GLY A 13 -13.20 15.01 -10.22
C GLY A 13 -12.13 14.28 -11.00
N LYS A 14 -11.06 14.99 -11.36
CA LYS A 14 -9.96 14.39 -12.11
C LYS A 14 -9.45 13.13 -11.42
N GLN A 15 -9.64 11.99 -12.07
CA GLN A 15 -9.20 10.72 -11.52
C GLN A 15 -8.14 10.08 -12.40
N ASP A 16 -6.87 10.37 -12.11
CA ASP A 16 -5.76 9.83 -12.87
C ASP A 16 -5.14 8.63 -12.16
N GLU A 17 -4.24 7.93 -12.85
CA GLU A 17 -3.59 6.75 -12.29
C GLU A 17 -2.27 7.15 -11.62
N ALA A 18 -1.56 8.08 -12.24
CA ALA A 18 -0.28 8.54 -11.71
C ALA A 18 -0.38 8.83 -10.21
N TRP A 19 -1.40 9.59 -9.83
CA TRP A 19 -1.61 9.94 -8.43
C TRP A 19 -1.88 8.69 -7.60
N ILE A 20 -2.57 7.72 -8.20
CA ILE A 20 -2.90 6.49 -7.51
C ILE A 20 -1.64 5.69 -7.18
N MET A 21 -0.74 5.58 -8.15
CA MET A 21 0.51 4.85 -7.96
C MET A 21 1.06 5.08 -6.57
N SER A 22 0.98 6.32 -6.09
CA SER A 22 1.48 6.67 -4.77
C SER A 22 0.80 5.85 -3.69
N ARG A 23 -0.53 5.78 -3.76
CA ARG A 23 -1.30 5.02 -2.78
C ARG A 23 -0.61 3.70 -2.43
N LEU A 24 -0.32 2.90 -3.45
CA LEU A 24 0.35 1.62 -3.26
C LEU A 24 1.66 1.80 -2.51
N ILE A 25 2.35 2.91 -2.77
CA ILE A 25 3.61 3.21 -2.12
C ILE A 25 3.43 3.40 -0.62
N LYS A 26 2.39 4.14 -0.25
CA LYS A 26 2.10 4.41 1.16
C LYS A 26 2.07 3.11 1.95
N GLN A 27 1.77 2.01 1.29
CA GLN A 27 1.72 0.70 1.93
C GLN A 27 3.12 0.19 2.23
N LEU A 28 4.04 0.44 1.32
CA LEU A 28 5.43 0.00 1.49
C LEU A 28 6.20 0.95 2.39
N THR A 29 6.04 2.25 2.17
CA THR A 29 6.71 3.26 2.97
C THR A 29 6.49 3.02 4.46
N ASP A 30 5.35 2.41 4.80
CA ASP A 30 5.02 2.13 6.18
C ASP A 30 5.82 0.94 6.70
N MET A 31 6.04 -0.05 5.83
CA MET A 31 6.80 -1.23 6.20
C MET A 31 8.23 -0.88 6.58
N GLY A 32 9.03 -0.52 5.58
CA GLY A 32 10.41 -0.16 5.83
C GLY A 32 11.22 0.01 4.56
N PHE A 33 10.55 0.48 3.50
CA PHE A 33 11.20 0.68 2.22
C PHE A 33 10.89 2.07 1.67
N PRO A 34 11.88 2.66 0.97
CA PRO A 34 11.74 4.00 0.38
C PRO A 34 10.76 4.01 -0.80
N ARG A 35 10.48 5.21 -1.31
CA ARG A 35 9.57 5.36 -2.43
C ARG A 35 10.29 5.15 -3.77
N GLU A 36 11.59 5.44 -3.77
CA GLU A 36 12.40 5.28 -4.98
C GLU A 36 12.09 3.95 -5.67
N PRO A 37 12.40 2.84 -4.99
CA PRO A 37 12.17 1.49 -5.51
C PRO A 37 10.68 1.15 -5.58
N ALA A 38 9.98 1.35 -4.47
CA ALA A 38 8.55 1.06 -4.40
C ALA A 38 7.82 1.61 -5.62
N GLU A 39 8.42 2.61 -6.25
CA GLU A 39 7.83 3.23 -7.44
C GLU A 39 8.26 2.51 -8.71
N GLU A 40 9.58 2.35 -8.88
CA GLU A 40 10.12 1.68 -10.04
C GLU A 40 9.57 0.26 -10.16
N ALA A 41 9.56 -0.46 -9.04
CA ALA A 41 9.07 -1.83 -9.02
C ALA A 41 7.63 -1.90 -9.52
N LEU A 42 6.74 -1.18 -8.84
CA LEU A 42 5.33 -1.15 -9.22
C LEU A 42 5.16 -1.09 -10.73
N LYS A 43 5.80 -0.10 -11.35
CA LYS A 43 5.73 0.06 -12.80
C LYS A 43 5.96 -1.27 -13.51
N SER A 44 6.95 -2.03 -13.03
CA SER A 44 7.27 -3.31 -13.63
C SER A 44 6.33 -4.41 -13.12
N ASN A 45 5.79 -4.19 -11.92
CA ASN A 45 4.87 -5.15 -11.32
C ASN A 45 3.43 -4.83 -11.70
N ASN A 46 3.24 -4.25 -12.89
CA ASN A 46 1.91 -3.90 -13.36
C ASN A 46 1.09 -3.25 -12.25
N MET A 47 1.73 -2.39 -11.47
CA MET A 47 1.06 -1.70 -10.38
C MET A 47 0.56 -2.69 -9.33
N ASN A 48 1.36 -3.73 -9.09
CA ASN A 48 0.99 -4.75 -8.10
C ASN A 48 1.76 -4.56 -6.80
N LEU A 49 1.11 -4.84 -5.68
CA LEU A 49 1.72 -4.70 -4.37
C LEU A 49 2.52 -5.95 -4.01
N ASP A 50 1.82 -7.05 -3.80
CA ASP A 50 2.46 -8.32 -3.44
C ASP A 50 3.68 -8.56 -4.31
N GLN A 51 3.52 -8.38 -5.62
CA GLN A 51 4.62 -8.59 -6.56
C GLN A 51 5.75 -7.60 -6.31
N ALA A 52 5.39 -6.37 -5.96
CA ALA A 52 6.37 -5.33 -5.70
C ALA A 52 7.19 -5.66 -4.45
N MET A 53 6.51 -5.77 -3.32
CA MET A 53 7.18 -6.09 -2.05
C MET A 53 8.20 -7.20 -2.25
N SER A 54 7.71 -8.38 -2.65
CA SER A 54 8.58 -9.53 -2.86
C SER A 54 9.81 -9.14 -3.68
N ALA A 55 9.57 -8.43 -4.78
CA ALA A 55 10.65 -8.00 -5.66
C ALA A 55 11.74 -7.27 -4.88
N LEU A 56 11.33 -6.61 -3.80
CA LEU A 56 12.27 -5.87 -2.96
C LEU A 56 12.80 -6.74 -1.84
N LEU A 57 11.90 -7.21 -0.98
CA LEU A 57 12.28 -8.06 0.15
C LEU A 57 13.20 -9.19 -0.30
N GLU A 58 13.04 -9.60 -1.56
CA GLU A 58 13.86 -10.67 -2.12
C GLU A 58 15.34 -10.41 -1.88
N LYS A 59 15.72 -9.14 -1.94
CA LYS A 59 17.11 -8.74 -1.72
C LYS A 59 17.74 -9.55 -0.59
N LYS A 60 16.90 -10.02 0.32
CA LYS A 60 17.36 -10.80 1.46
C LYS A 60 16.39 -11.93 1.78
N VAL A 61 16.90 -13.03 2.31
CA VAL A 61 16.08 -14.18 2.67
C VAL A 61 15.26 -13.90 3.92
N ASP A 62 13.99 -13.58 3.73
CA ASP A 62 13.09 -13.29 4.84
C ASP A 62 11.76 -14.02 4.68
N VAL A 63 10.84 -13.75 5.58
CA VAL A 63 9.51 -14.39 5.55
C VAL A 63 8.43 -13.39 5.15
N ASP A 64 7.86 -13.60 3.96
CA ASP A 64 6.81 -12.72 3.45
C ASP A 64 5.63 -12.69 4.41
N LYS A 65 5.18 -11.48 4.74
CA LYS A 65 4.05 -11.31 5.65
C LYS A 65 2.77 -11.91 5.05
N ARG A 66 2.10 -12.75 5.81
CA ARG A 66 0.87 -13.38 5.35
C ARG A 66 0.07 -12.44 4.47
N GLY A 67 -0.15 -11.22 4.94
CA GLY A 67 -0.90 -10.25 4.17
C GLY A 67 -1.78 -9.37 5.04
N LEU A 68 -2.06 -8.16 4.59
CA LEU A 68 -2.89 -7.23 5.33
C LEU A 68 -4.31 -7.77 5.47
N GLY A 69 -5.11 -7.09 6.31
CA GLY A 69 -6.48 -7.52 6.52
C GLY A 69 -7.48 -6.68 5.75
N VAL A 70 -8.75 -7.02 5.87
CA VAL A 70 -9.81 -6.28 5.18
C VAL A 70 -9.65 -4.77 5.37
N THR A 71 -9.55 -4.05 4.26
CA THR A 71 -9.39 -2.60 4.31
C THR A 71 -10.39 -1.97 5.27
N ASP A 72 -9.93 -0.97 6.01
CA ASP A 72 -10.78 -0.27 6.96
C ASP A 72 -11.65 -1.27 7.74
N HIS A 73 -11.04 -2.37 8.16
CA HIS A 73 -11.77 -3.40 8.90
C HIS A 73 -12.24 -2.86 10.26
N ASN A 74 -11.31 -2.36 11.06
CA ASN A 74 -11.63 -1.82 12.37
C ASN A 74 -12.41 -0.51 12.24
N GLY A 75 -11.86 0.43 11.46
CA GLY A 75 -12.52 1.70 11.27
C GLY A 75 -11.53 2.85 11.16
N MET A 76 -10.57 2.89 12.06
CA MET A 76 -9.55 3.94 12.05
C MET A 76 -10.20 5.32 12.10
N ALA A 77 -11.23 5.46 12.94
CA ALA A 77 -11.93 6.73 13.09
C ALA A 77 -12.64 7.12 11.79
N ALA A 78 -13.31 6.15 11.19
CA ALA A 78 -14.03 6.39 9.94
C ALA A 78 -15.39 7.03 10.21
N LYS A 79 -16.12 6.50 11.18
CA LYS A 79 -17.43 7.02 11.54
C LYS A 79 -17.38 7.76 12.87
N SER A 80 -16.71 7.15 13.86
CA SER A 80 -16.59 7.75 15.18
C SER A 80 -15.94 9.12 15.10
N GLY A 81 -14.82 9.20 14.38
CA GLY A 81 -14.11 10.46 14.24
C GLY A 81 -13.21 10.76 15.41
N PRO A 82 -12.87 12.04 15.61
CA PRO A 82 -11.99 12.48 16.69
C PRO A 82 -12.66 12.34 18.06
N SER A 83 -11.96 11.71 19.00
CA SER A 83 -12.48 11.52 20.34
C SER A 83 -11.38 11.12 21.30
N SER A 84 -11.65 11.22 22.60
CA SER A 84 -10.68 10.87 23.62
C SER A 84 -9.29 11.41 23.26
N GLY A 85 -9.25 12.64 22.76
CA GLY A 85 -7.99 13.24 22.38
C GLY A 85 -8.16 14.62 21.76
N GLY A 1 6.02 28.95 1.73
CA GLY A 1 5.85 28.10 0.56
C GLY A 1 4.71 27.12 0.74
N SER A 2 4.72 26.05 -0.05
CA SER A 2 3.68 25.03 0.01
C SER A 2 4.21 23.75 0.67
N SER A 3 3.98 23.62 1.97
CA SER A 3 4.43 22.45 2.71
C SER A 3 3.51 21.27 2.46
N GLY A 4 2.20 21.50 2.58
CA GLY A 4 1.24 20.43 2.37
C GLY A 4 0.53 20.03 3.64
N SER A 5 0.01 21.01 4.37
CA SER A 5 -0.69 20.76 5.62
C SER A 5 -1.92 19.88 5.39
N SER A 6 -2.24 19.04 6.35
CA SER A 6 -3.39 18.15 6.25
C SER A 6 -4.69 18.93 6.33
N GLY A 7 -5.60 18.67 5.38
CA GLY A 7 -6.87 19.36 5.37
C GLY A 7 -8.02 18.45 4.98
N GLY A 8 -7.83 17.70 3.89
CA GLY A 8 -8.87 16.79 3.43
C GLY A 8 -8.33 15.42 3.08
N MET A 9 -8.38 14.51 4.05
CA MET A 9 -7.89 13.14 3.84
C MET A 9 -8.83 12.37 2.92
N LYS A 10 -10.12 12.44 3.21
CA LYS A 10 -11.12 11.75 2.41
C LYS A 10 -11.03 12.15 0.94
N THR A 11 -10.75 11.17 0.08
CA THR A 11 -10.62 11.42 -1.35
C THR A 11 -11.98 11.39 -2.03
N SER A 12 -12.20 12.31 -2.97
CA SER A 12 -13.46 12.38 -3.70
C SER A 12 -13.26 12.08 -5.18
N GLY A 13 -13.40 10.80 -5.54
CA GLY A 13 -13.23 10.40 -6.92
C GLY A 13 -11.78 10.44 -7.36
N LYS A 14 -11.54 10.15 -8.63
CA LYS A 14 -10.19 10.15 -9.18
C LYS A 14 -10.11 11.03 -10.42
N GLN A 15 -8.90 11.49 -10.73
CA GLN A 15 -8.69 12.34 -11.91
C GLN A 15 -7.61 11.76 -12.81
N ASP A 16 -6.63 11.11 -12.20
CA ASP A 16 -5.52 10.51 -12.95
C ASP A 16 -5.06 9.22 -12.29
N GLU A 17 -4.17 8.50 -12.96
CA GLU A 17 -3.64 7.24 -12.44
C GLU A 17 -2.32 7.47 -11.71
N ALA A 18 -1.56 8.44 -12.18
CA ALA A 18 -0.27 8.76 -11.57
C ALA A 18 -0.41 8.97 -10.06
N TRP A 19 -1.34 9.82 -9.68
CA TRP A 19 -1.58 10.11 -8.27
C TRP A 19 -1.85 8.83 -7.49
N ILE A 20 -2.53 7.88 -8.14
CA ILE A 20 -2.86 6.61 -7.51
C ILE A 20 -1.59 5.83 -7.17
N MET A 21 -0.69 5.73 -8.13
CA MET A 21 0.56 5.00 -7.93
C MET A 21 1.08 5.19 -6.50
N SER A 22 0.99 6.43 -6.01
CA SER A 22 1.46 6.74 -4.66
C SER A 22 0.75 5.87 -3.62
N ARG A 23 -0.58 5.78 -3.74
CA ARG A 23 -1.37 4.98 -2.82
C ARG A 23 -0.66 3.67 -2.49
N LEU A 24 -0.36 2.88 -3.52
CA LEU A 24 0.32 1.61 -3.33
C LEU A 24 1.64 1.79 -2.62
N ILE A 25 2.38 2.83 -2.99
CA ILE A 25 3.68 3.12 -2.39
C ILE A 25 3.55 3.24 -0.87
N LYS A 26 2.60 4.05 -0.42
CA LYS A 26 2.37 4.24 1.01
C LYS A 26 2.48 2.92 1.77
N GLN A 27 1.60 1.98 1.42
CA GLN A 27 1.60 0.68 2.07
C GLN A 27 3.02 0.20 2.34
N LEU A 28 3.92 0.48 1.41
CA LEU A 28 5.32 0.06 1.55
C LEU A 28 6.07 1.03 2.46
N THR A 29 5.98 2.32 2.15
CA THR A 29 6.65 3.34 2.94
C THR A 29 6.46 3.10 4.43
N ASP A 30 5.34 2.49 4.79
CA ASP A 30 5.04 2.19 6.19
C ASP A 30 5.78 0.94 6.64
N MET A 31 5.97 0.00 5.72
CA MET A 31 6.66 -1.25 6.03
C MET A 31 8.12 -0.99 6.39
N GLY A 32 8.90 -0.51 5.43
CA GLY A 32 10.30 -0.23 5.67
C GLY A 32 11.09 -0.07 4.38
N PHE A 33 10.46 0.55 3.38
CA PHE A 33 11.11 0.77 2.09
C PHE A 33 10.76 2.15 1.54
N PRO A 34 11.74 2.79 0.89
CA PRO A 34 11.56 4.12 0.29
C PRO A 34 10.64 4.09 -0.92
N ARG A 35 10.20 5.27 -1.35
CA ARG A 35 9.31 5.38 -2.49
C ARG A 35 10.07 5.17 -3.79
N GLU A 36 11.33 5.58 -3.81
CA GLU A 36 12.18 5.44 -4.99
C GLU A 36 11.92 4.10 -5.67
N PRO A 37 12.27 3.01 -4.98
CA PRO A 37 12.10 1.64 -5.50
C PRO A 37 10.63 1.24 -5.59
N ALA A 38 9.90 1.43 -4.50
CA ALA A 38 8.48 1.09 -4.46
C ALA A 38 7.76 1.59 -5.69
N GLU A 39 8.33 2.59 -6.35
CA GLU A 39 7.75 3.16 -7.56
C GLU A 39 8.26 2.45 -8.80
N GLU A 40 9.59 2.40 -8.95
CA GLU A 40 10.20 1.75 -10.09
C GLU A 40 9.73 0.30 -10.22
N ALA A 41 9.67 -0.40 -9.09
CA ALA A 41 9.23 -1.78 -9.08
C ALA A 41 7.79 -1.91 -9.56
N LEU A 42 6.87 -1.27 -8.84
CA LEU A 42 5.46 -1.31 -9.20
C LEU A 42 5.27 -1.32 -10.71
N LYS A 43 5.87 -0.33 -11.38
CA LYS A 43 5.78 -0.23 -12.84
C LYS A 43 6.06 -1.58 -13.49
N SER A 44 7.08 -2.28 -13.01
CA SER A 44 7.44 -3.57 -13.55
C SER A 44 6.60 -4.68 -12.93
N ASN A 45 5.97 -4.38 -11.80
CA ASN A 45 5.12 -5.35 -11.11
C ASN A 45 3.66 -5.18 -11.51
N ASN A 46 3.43 -4.78 -12.75
CA ASN A 46 2.08 -4.58 -13.27
C ASN A 46 1.21 -3.89 -12.22
N MET A 47 1.81 -2.99 -11.45
CA MET A 47 1.09 -2.26 -10.42
C MET A 47 0.54 -3.22 -9.35
N ASN A 48 1.42 -4.06 -8.82
CA ASN A 48 1.03 -5.03 -7.80
C ASN A 48 1.79 -4.77 -6.50
N LEU A 49 1.16 -5.08 -5.38
CA LEU A 49 1.77 -4.90 -4.07
C LEU A 49 2.56 -6.13 -3.66
N ASP A 50 1.88 -7.26 -3.57
CA ASP A 50 2.52 -8.52 -3.19
C ASP A 50 3.72 -8.81 -4.09
N GLN A 51 3.55 -8.57 -5.38
CA GLN A 51 4.61 -8.81 -6.35
C GLN A 51 5.78 -7.84 -6.13
N ALA A 52 5.46 -6.55 -6.02
CA ALA A 52 6.46 -5.53 -5.80
C ALA A 52 7.26 -5.80 -4.53
N MET A 53 6.55 -5.91 -3.41
CA MET A 53 7.19 -6.17 -2.13
C MET A 53 8.23 -7.29 -2.25
N SER A 54 7.76 -8.48 -2.63
CA SER A 54 8.65 -9.62 -2.78
C SER A 54 9.85 -9.27 -3.64
N ALA A 55 9.61 -8.52 -4.71
CA ALA A 55 10.67 -8.10 -5.62
C ALA A 55 11.76 -7.32 -4.88
N LEU A 56 11.34 -6.55 -3.88
CA LEU A 56 12.28 -5.75 -3.10
C LEU A 56 12.90 -6.58 -1.98
N LEU A 57 12.10 -7.43 -1.35
CA LEU A 57 12.58 -8.28 -0.27
C LEU A 57 13.65 -9.25 -0.78
N GLU A 58 13.39 -9.87 -1.93
CA GLU A 58 14.32 -10.81 -2.52
C GLU A 58 15.73 -10.24 -2.53
N LYS A 59 15.90 -9.10 -3.20
CA LYS A 59 17.20 -8.45 -3.29
C LYS A 59 17.79 -8.21 -1.91
N LYS A 60 17.07 -7.47 -1.09
CA LYS A 60 17.53 -7.17 0.27
C LYS A 60 17.52 -8.43 1.13
N VAL A 61 18.08 -8.31 2.34
CA VAL A 61 18.14 -9.44 3.26
C VAL A 61 17.08 -9.32 4.35
N ASP A 62 16.29 -10.38 4.53
CA ASP A 62 15.25 -10.38 5.54
C ASP A 62 15.57 -11.37 6.65
N VAL A 63 14.81 -11.32 7.73
CA VAL A 63 15.01 -12.20 8.87
C VAL A 63 13.73 -12.96 9.21
N ASP A 64 12.62 -12.25 9.23
CA ASP A 64 11.32 -12.86 9.54
C ASP A 64 10.24 -12.34 8.61
N LYS A 65 9.38 -13.24 8.15
CA LYS A 65 8.29 -12.87 7.25
C LYS A 65 7.40 -11.80 7.88
N ARG A 66 6.87 -10.92 7.05
CA ARG A 66 6.00 -9.85 7.52
C ARG A 66 5.14 -9.31 6.39
N GLY A 67 3.97 -8.79 6.74
CA GLY A 67 3.07 -8.24 5.74
C GLY A 67 1.76 -7.73 6.34
N LEU A 68 0.85 -7.28 5.49
CA LEU A 68 -0.43 -6.77 5.95
C LEU A 68 -1.26 -7.87 6.60
N GLY A 69 -1.44 -8.97 5.88
CA GLY A 69 -2.21 -10.09 6.41
C GLY A 69 -2.49 -11.15 5.37
N VAL A 70 -3.76 -11.34 5.05
CA VAL A 70 -4.16 -12.34 4.05
C VAL A 70 -4.25 -11.72 2.66
N THR A 71 -3.89 -12.52 1.66
CA THR A 71 -3.93 -12.05 0.27
C THR A 71 -5.29 -11.47 -0.07
N ASP A 72 -5.29 -10.40 -0.85
CA ASP A 72 -6.53 -9.74 -1.26
C ASP A 72 -7.59 -10.77 -1.66
N HIS A 73 -8.57 -10.98 -0.78
CA HIS A 73 -9.63 -11.94 -1.04
C HIS A 73 -10.35 -11.61 -2.34
N ASN A 74 -11.09 -12.60 -2.86
CA ASN A 74 -11.83 -12.41 -4.11
C ASN A 74 -12.83 -13.54 -4.31
N GLY A 75 -14.07 -13.17 -4.64
CA GLY A 75 -15.11 -14.16 -4.86
C GLY A 75 -16.32 -13.58 -5.56
N MET A 76 -16.94 -14.38 -6.42
CA MET A 76 -18.12 -13.94 -7.16
C MET A 76 -19.21 -15.01 -7.12
N ALA A 77 -20.43 -14.60 -7.42
CA ALA A 77 -21.57 -15.52 -7.43
C ALA A 77 -22.83 -14.83 -7.93
N ALA A 78 -23.58 -15.53 -8.78
CA ALA A 78 -24.81 -14.98 -9.33
C ALA A 78 -25.56 -16.02 -10.16
N LYS A 79 -26.87 -15.87 -10.27
CA LYS A 79 -27.69 -16.79 -11.03
C LYS A 79 -28.31 -16.10 -12.23
N SER A 80 -28.87 -14.92 -12.01
CA SER A 80 -29.50 -14.16 -13.09
C SER A 80 -28.48 -13.77 -14.15
N GLY A 81 -27.38 -13.17 -13.71
CA GLY A 81 -26.33 -12.76 -14.62
C GLY A 81 -26.87 -11.94 -15.78
N PRO A 82 -25.98 -11.53 -16.70
CA PRO A 82 -26.36 -10.73 -17.87
C PRO A 82 -27.16 -11.54 -18.88
N SER A 83 -28.27 -10.95 -19.34
CA SER A 83 -29.14 -11.61 -20.31
C SER A 83 -28.43 -11.76 -21.65
N SER A 84 -27.78 -10.68 -22.09
CA SER A 84 -27.06 -10.68 -23.36
C SER A 84 -25.62 -10.22 -23.18
N GLY A 85 -24.68 -11.06 -23.61
CA GLY A 85 -23.28 -10.73 -23.48
C GLY A 85 -22.86 -9.62 -24.43
N GLY A 1 17.49 34.84 -5.33
CA GLY A 1 17.16 34.42 -6.68
C GLY A 1 15.77 33.82 -6.77
N SER A 2 15.12 34.02 -7.90
CA SER A 2 13.77 33.49 -8.12
C SER A 2 13.82 32.13 -8.79
N SER A 3 13.39 31.10 -8.08
CA SER A 3 13.38 29.74 -8.60
C SER A 3 12.22 28.94 -8.03
N GLY A 4 11.37 28.42 -8.91
CA GLY A 4 10.23 27.64 -8.48
C GLY A 4 9.05 28.50 -8.08
N SER A 5 8.39 29.08 -9.06
CA SER A 5 7.23 29.94 -8.80
C SER A 5 5.94 29.14 -8.81
N SER A 6 5.63 28.53 -9.95
CA SER A 6 4.42 27.74 -10.10
C SER A 6 4.29 26.74 -8.95
N GLY A 7 5.25 25.84 -8.84
CA GLY A 7 5.23 24.84 -7.78
C GLY A 7 4.50 23.58 -8.20
N GLY A 8 3.23 23.48 -7.80
CA GLY A 8 2.43 22.31 -8.15
C GLY A 8 1.14 22.24 -7.37
N MET A 9 0.07 21.82 -8.05
CA MET A 9 -1.24 21.71 -7.41
C MET A 9 -1.50 20.28 -6.94
N LYS A 10 -2.57 20.11 -6.18
CA LYS A 10 -2.93 18.79 -5.66
C LYS A 10 -4.43 18.69 -5.43
N THR A 11 -5.01 17.55 -5.76
CA THR A 11 -6.44 17.32 -5.58
C THR A 11 -6.73 15.87 -5.25
N SER A 12 -7.78 15.65 -4.44
CA SER A 12 -8.15 14.30 -4.05
C SER A 12 -9.20 13.72 -5.00
N GLY A 13 -9.15 12.41 -5.20
CA GLY A 13 -10.10 11.75 -6.08
C GLY A 13 -9.42 10.97 -7.18
N LYS A 14 -10.22 10.31 -8.02
CA LYS A 14 -9.68 9.52 -9.12
C LYS A 14 -9.66 10.34 -10.40
N GLN A 15 -9.07 11.53 -10.34
CA GLN A 15 -8.98 12.40 -11.50
C GLN A 15 -7.85 11.95 -12.43
N ASP A 16 -6.78 11.43 -11.85
CA ASP A 16 -5.64 10.96 -12.61
C ASP A 16 -5.11 9.64 -12.07
N GLU A 17 -4.19 9.02 -12.80
CA GLU A 17 -3.61 7.75 -12.38
C GLU A 17 -2.31 7.97 -11.63
N ALA A 18 -1.55 8.97 -12.05
CA ALA A 18 -0.28 9.29 -11.40
C ALA A 18 -0.44 9.39 -9.88
N TRP A 19 -1.40 10.20 -9.45
CA TRP A 19 -1.67 10.38 -8.03
C TRP A 19 -1.94 9.04 -7.35
N ILE A 20 -2.61 8.15 -8.07
CA ILE A 20 -2.93 6.83 -7.53
C ILE A 20 -1.68 6.05 -7.20
N MET A 21 -0.75 5.99 -8.17
CA MET A 21 0.51 5.28 -7.99
C MET A 21 0.98 5.36 -6.54
N SER A 22 0.91 6.57 -5.98
CA SER A 22 1.35 6.79 -4.61
C SER A 22 0.63 5.84 -3.65
N ARG A 23 -0.69 5.78 -3.77
CA ARG A 23 -1.49 4.90 -2.92
C ARG A 23 -0.76 3.59 -2.64
N LEU A 24 -0.45 2.86 -3.72
CA LEU A 24 0.25 1.59 -3.60
C LEU A 24 1.56 1.75 -2.86
N ILE A 25 2.26 2.86 -3.11
CA ILE A 25 3.53 3.14 -2.46
C ILE A 25 3.36 3.24 -0.95
N LYS A 26 2.43 4.09 -0.52
CA LYS A 26 2.18 4.28 0.90
C LYS A 26 2.31 2.97 1.66
N GLN A 27 1.47 1.99 1.32
CA GLN A 27 1.49 0.70 1.97
C GLN A 27 2.92 0.25 2.25
N LEU A 28 3.80 0.46 1.27
CA LEU A 28 5.20 0.09 1.41
C LEU A 28 5.94 1.06 2.33
N THR A 29 5.93 2.34 1.96
CA THR A 29 6.59 3.36 2.75
C THR A 29 6.41 3.12 4.24
N ASP A 30 5.22 2.64 4.61
CA ASP A 30 4.91 2.37 6.01
C ASP A 30 5.73 1.18 6.52
N MET A 31 5.86 0.16 5.67
CA MET A 31 6.61 -1.04 6.05
C MET A 31 8.05 -0.68 6.42
N GLY A 32 8.81 -0.18 5.46
CA GLY A 32 10.19 0.19 5.71
C GLY A 32 11.01 0.27 4.44
N PHE A 33 10.39 0.73 3.36
CA PHE A 33 11.07 0.86 2.08
C PHE A 33 10.81 2.22 1.46
N PRO A 34 11.84 2.78 0.80
CA PRO A 34 11.75 4.09 0.14
C PRO A 34 10.85 4.07 -1.08
N ARG A 35 10.34 5.23 -1.46
CA ARG A 35 9.46 5.34 -2.62
C ARG A 35 10.24 5.08 -3.91
N GLU A 36 11.53 5.40 -3.90
CA GLU A 36 12.37 5.19 -5.07
C GLU A 36 12.08 3.85 -5.73
N PRO A 37 12.35 2.76 -5.01
CA PRO A 37 12.12 1.40 -5.50
C PRO A 37 10.63 1.07 -5.61
N ALA A 38 9.89 1.30 -4.54
CA ALA A 38 8.47 1.04 -4.51
C ALA A 38 7.80 1.49 -5.81
N GLU A 39 8.22 2.65 -6.31
CA GLU A 39 7.67 3.20 -7.54
C GLU A 39 8.15 2.41 -8.76
N GLU A 40 9.46 2.17 -8.82
CA GLU A 40 10.04 1.43 -9.92
C GLU A 40 9.46 0.03 -10.01
N ALA A 41 9.62 -0.74 -8.94
CA ALA A 41 9.11 -2.10 -8.89
C ALA A 41 7.67 -2.17 -9.40
N LEU A 42 6.76 -1.52 -8.68
CA LEU A 42 5.35 -1.50 -9.06
C LEU A 42 5.19 -1.47 -10.58
N LYS A 43 5.65 -0.38 -11.20
CA LYS A 43 5.56 -0.23 -12.64
C LYS A 43 5.85 -1.56 -13.34
N SER A 44 6.83 -2.29 -12.82
CA SER A 44 7.20 -3.59 -13.41
C SER A 44 6.28 -4.70 -12.90
N ASN A 45 5.80 -4.55 -11.67
CA ASN A 45 4.91 -5.54 -11.08
C ASN A 45 3.46 -5.25 -11.44
N ASN A 46 3.25 -4.76 -12.65
CA ASN A 46 1.91 -4.45 -13.13
C ASN A 46 1.08 -3.78 -12.03
N MET A 47 1.74 -2.95 -11.24
CA MET A 47 1.06 -2.25 -10.14
C MET A 47 0.58 -3.23 -9.09
N ASN A 48 1.45 -4.15 -8.70
CA ASN A 48 1.10 -5.15 -7.68
C ASN A 48 1.87 -4.91 -6.39
N LEU A 49 1.29 -5.34 -5.28
CA LEU A 49 1.92 -5.16 -3.98
C LEU A 49 2.78 -6.38 -3.62
N ASP A 50 2.12 -7.54 -3.52
CA ASP A 50 2.81 -8.77 -3.18
C ASP A 50 3.97 -9.03 -4.14
N GLN A 51 3.72 -8.80 -5.42
CA GLN A 51 4.75 -9.00 -6.44
C GLN A 51 5.92 -8.05 -6.25
N ALA A 52 5.61 -6.77 -6.03
CA ALA A 52 6.65 -5.76 -5.82
C ALA A 52 7.44 -6.05 -4.54
N MET A 53 6.74 -6.05 -3.41
CA MET A 53 7.37 -6.31 -2.12
C MET A 53 8.44 -7.39 -2.25
N SER A 54 8.02 -8.60 -2.59
CA SER A 54 8.95 -9.71 -2.73
C SER A 54 10.13 -9.32 -3.61
N ALA A 55 9.88 -8.48 -4.61
CA ALA A 55 10.93 -8.03 -5.51
C ALA A 55 11.97 -7.19 -4.77
N LEU A 56 11.50 -6.43 -3.79
CA LEU A 56 12.39 -5.57 -3.00
C LEU A 56 13.04 -6.37 -1.86
N LEU A 57 12.27 -7.25 -1.26
CA LEU A 57 12.78 -8.08 -0.16
C LEU A 57 13.78 -9.10 -0.67
N GLU A 58 13.38 -9.88 -1.67
CA GLU A 58 14.25 -10.90 -2.24
C GLU A 58 15.70 -10.44 -2.25
N LYS A 59 15.92 -9.19 -2.65
CA LYS A 59 17.25 -8.62 -2.70
C LYS A 59 18.04 -8.96 -1.43
N LYS A 60 17.52 -8.54 -0.29
CA LYS A 60 18.17 -8.80 0.99
C LYS A 60 17.48 -9.93 1.72
N VAL A 61 18.23 -10.62 2.58
CA VAL A 61 17.68 -11.74 3.35
C VAL A 61 17.21 -11.27 4.71
N ASP A 62 15.90 -11.36 4.94
CA ASP A 62 15.31 -10.95 6.21
C ASP A 62 14.00 -11.68 6.45
N VAL A 63 13.67 -11.88 7.73
CA VAL A 63 12.44 -12.57 8.11
C VAL A 63 11.43 -11.61 8.73
N ASP A 64 10.57 -11.04 7.90
CA ASP A 64 9.56 -10.10 8.37
C ASP A 64 8.15 -10.61 8.05
N LYS A 65 7.17 -10.12 8.80
CA LYS A 65 5.79 -10.53 8.60
C LYS A 65 5.39 -10.39 7.13
N ARG A 66 4.20 -10.88 6.80
CA ARG A 66 3.71 -10.81 5.43
C ARG A 66 2.90 -9.53 5.21
N GLY A 67 3.61 -8.42 5.08
CA GLY A 67 2.95 -7.15 4.86
C GLY A 67 1.82 -6.90 5.84
N LEU A 68 1.16 -5.75 5.72
CA LEU A 68 0.06 -5.40 6.60
C LEU A 68 -1.18 -6.20 6.26
N GLY A 69 -2.10 -6.30 7.22
CA GLY A 69 -3.33 -7.04 7.00
C GLY A 69 -3.13 -8.54 7.08
N VAL A 70 -4.09 -9.23 7.70
CA VAL A 70 -4.01 -10.67 7.85
C VAL A 70 -4.19 -11.38 6.50
N THR A 71 -3.95 -12.69 6.49
CA THR A 71 -4.10 -13.48 5.27
C THR A 71 -4.94 -14.72 5.51
N ASP A 72 -4.87 -15.25 6.73
CA ASP A 72 -5.62 -16.44 7.10
C ASP A 72 -6.96 -16.06 7.75
N HIS A 73 -8.04 -16.59 7.19
CA HIS A 73 -9.37 -16.32 7.72
C HIS A 73 -9.79 -17.38 8.73
N ASN A 74 -9.75 -17.02 10.00
CA ASN A 74 -10.13 -17.94 11.07
C ASN A 74 -10.83 -17.20 12.21
N GLY A 75 -12.09 -17.57 12.45
CA GLY A 75 -12.85 -16.93 13.51
C GLY A 75 -14.19 -17.61 13.75
N MET A 76 -14.17 -18.94 13.83
CA MET A 76 -15.38 -19.71 14.07
C MET A 76 -16.14 -19.17 15.27
N ALA A 77 -17.44 -18.97 15.10
CA ALA A 77 -18.28 -18.46 16.18
C ALA A 77 -18.45 -19.50 17.29
N ALA A 78 -18.85 -19.05 18.46
CA ALA A 78 -19.04 -19.93 19.60
C ALA A 78 -20.11 -19.39 20.55
N LYS A 79 -20.66 -20.28 21.37
CA LYS A 79 -21.70 -19.88 22.32
C LYS A 79 -21.90 -20.96 23.38
N SER A 80 -22.14 -20.54 24.62
CA SER A 80 -22.35 -21.47 25.73
C SER A 80 -23.52 -21.04 26.59
N GLY A 81 -23.94 -21.92 27.49
CA GLY A 81 -25.05 -21.61 28.37
C GLY A 81 -24.95 -22.30 29.71
N PRO A 82 -24.19 -21.70 30.63
CA PRO A 82 -23.98 -22.26 31.97
C PRO A 82 -25.24 -22.18 32.82
N SER A 83 -25.13 -22.59 34.09
CA SER A 83 -26.25 -22.57 35.01
C SER A 83 -25.78 -22.47 36.45
N SER A 84 -26.52 -21.70 37.26
CA SER A 84 -26.17 -21.51 38.66
C SER A 84 -26.72 -22.65 39.51
N GLY A 85 -27.99 -22.99 39.30
CA GLY A 85 -28.62 -24.05 40.05
C GLY A 85 -30.01 -24.38 39.55
N GLY A 1 19.84 15.24 -24.69
CA GLY A 1 18.96 14.27 -24.05
C GLY A 1 18.49 13.20 -25.00
N SER A 2 19.07 12.01 -24.88
CA SER A 2 18.72 10.89 -25.74
C SER A 2 17.20 10.79 -25.91
N SER A 3 16.49 10.87 -24.80
CA SER A 3 15.03 10.79 -24.81
C SER A 3 14.40 12.07 -24.25
N GLY A 4 14.78 12.41 -23.01
CA GLY A 4 14.26 13.61 -22.38
C GLY A 4 13.04 13.31 -21.51
N SER A 5 13.23 13.42 -20.20
CA SER A 5 12.14 13.16 -19.26
C SER A 5 10.91 14.01 -19.59
N SER A 6 9.81 13.72 -18.92
CA SER A 6 8.57 14.46 -19.15
C SER A 6 8.10 15.14 -17.86
N GLY A 7 7.91 14.35 -16.81
CA GLY A 7 7.47 14.91 -15.55
C GLY A 7 6.54 13.97 -14.80
N GLY A 8 5.24 14.21 -14.92
CA GLY A 8 4.27 13.38 -14.25
C GLY A 8 3.56 14.11 -13.11
N MET A 9 3.14 15.34 -13.37
CA MET A 9 2.46 16.14 -12.37
C MET A 9 0.95 16.05 -12.54
N LYS A 10 0.28 15.57 -11.50
CA LYS A 10 -1.18 15.43 -11.54
C LYS A 10 -1.86 16.68 -10.99
N THR A 11 -3.13 16.86 -11.32
CA THR A 11 -3.89 18.00 -10.87
C THR A 11 -5.15 17.57 -10.11
N SER A 12 -5.52 18.36 -9.10
CA SER A 12 -6.70 18.06 -8.31
C SER A 12 -7.94 17.91 -9.18
N GLY A 13 -8.98 17.30 -8.64
CA GLY A 13 -10.21 17.11 -9.38
C GLY A 13 -10.28 15.75 -10.05
N LYS A 14 -10.23 15.74 -11.38
CA LYS A 14 -10.28 14.50 -12.13
C LYS A 14 -9.43 13.41 -11.47
N GLN A 15 -9.92 12.18 -11.49
CA GLN A 15 -9.21 11.06 -10.90
C GLN A 15 -8.20 10.48 -11.88
N ASP A 16 -6.93 10.86 -11.72
CA ASP A 16 -5.87 10.38 -12.60
C ASP A 16 -5.27 9.08 -12.05
N GLU A 17 -4.37 8.48 -12.83
CA GLU A 17 -3.72 7.23 -12.42
C GLU A 17 -2.41 7.53 -11.69
N ALA A 18 -1.73 8.59 -12.11
CA ALA A 18 -0.46 8.96 -11.50
C ALA A 18 -0.61 9.13 -9.98
N TRP A 19 -1.58 9.94 -9.58
CA TRP A 19 -1.83 10.18 -8.16
C TRP A 19 -2.07 8.87 -7.41
N ILE A 20 -2.69 7.92 -8.09
CA ILE A 20 -2.98 6.62 -7.50
C ILE A 20 -1.70 5.87 -7.17
N MET A 21 -0.79 5.82 -8.15
CA MET A 21 0.48 5.13 -7.97
C MET A 21 0.99 5.29 -6.54
N SER A 22 0.86 6.49 -6.00
CA SER A 22 1.32 6.76 -4.64
C SER A 22 0.62 5.85 -3.64
N ARG A 23 -0.70 5.77 -3.74
CA ARG A 23 -1.48 4.93 -2.84
C ARG A 23 -0.75 3.63 -2.53
N LEU A 24 -0.36 2.92 -3.58
CA LEU A 24 0.35 1.65 -3.42
C LEU A 24 1.68 1.86 -2.70
N ILE A 25 2.36 2.95 -3.03
CA ILE A 25 3.64 3.27 -2.41
C ILE A 25 3.51 3.37 -0.90
N LYS A 26 2.50 4.10 -0.44
CA LYS A 26 2.26 4.27 0.99
C LYS A 26 2.44 2.95 1.74
N GLN A 27 1.59 1.97 1.42
CA GLN A 27 1.67 0.66 2.05
C GLN A 27 3.12 0.24 2.26
N LEU A 28 3.93 0.39 1.23
CA LEU A 28 5.34 0.02 1.31
C LEU A 28 6.10 0.97 2.24
N THR A 29 6.03 2.27 1.93
CA THR A 29 6.72 3.27 2.74
C THR A 29 6.38 3.10 4.22
N ASP A 30 5.31 2.38 4.51
CA ASP A 30 4.88 2.14 5.88
C ASP A 30 5.61 0.94 6.47
N MET A 31 5.98 -0.01 5.61
CA MET A 31 6.68 -1.21 6.05
C MET A 31 8.12 -0.88 6.43
N GLY A 32 8.86 -0.30 5.49
CA GLY A 32 10.25 0.05 5.75
C GLY A 32 11.07 0.12 4.49
N PHE A 33 10.47 0.65 3.43
CA PHE A 33 11.15 0.77 2.14
C PHE A 33 10.94 2.16 1.54
N PRO A 34 11.97 2.69 0.88
CA PRO A 34 11.92 4.01 0.25
C PRO A 34 11.01 4.03 -0.98
N ARG A 35 10.51 5.21 -1.33
CA ARG A 35 9.63 5.36 -2.48
C ARG A 35 10.39 5.13 -3.78
N GLU A 36 11.70 5.39 -3.75
CA GLU A 36 12.52 5.21 -4.94
C GLU A 36 12.21 3.90 -5.64
N PRO A 37 12.49 2.78 -4.95
CA PRO A 37 12.24 1.43 -5.48
C PRO A 37 10.75 1.12 -5.59
N ALA A 38 10.02 1.33 -4.50
CA ALA A 38 8.59 1.07 -4.46
C ALA A 38 7.92 1.55 -5.75
N GLU A 39 8.36 2.70 -6.25
CA GLU A 39 7.80 3.27 -7.46
C GLU A 39 8.27 2.49 -8.69
N GLU A 40 9.57 2.26 -8.79
CA GLU A 40 10.14 1.52 -9.91
C GLU A 40 9.55 0.11 -9.99
N ALA A 41 9.73 -0.65 -8.92
CA ALA A 41 9.22 -2.02 -8.86
C ALA A 41 7.80 -2.11 -9.40
N LEU A 42 6.87 -1.46 -8.70
CA LEU A 42 5.47 -1.46 -9.11
C LEU A 42 5.35 -1.44 -10.63
N LYS A 43 5.90 -0.40 -11.25
CA LYS A 43 5.87 -0.27 -12.70
C LYS A 43 6.17 -1.59 -13.38
N SER A 44 7.16 -2.31 -12.85
CA SER A 44 7.54 -3.60 -13.40
C SER A 44 6.61 -4.71 -12.93
N ASN A 45 6.03 -4.52 -11.75
CA ASN A 45 5.12 -5.50 -11.18
C ASN A 45 3.68 -5.21 -11.61
N ASN A 46 3.53 -4.64 -12.80
CA ASN A 46 2.20 -4.32 -13.32
C ASN A 46 1.34 -3.65 -12.25
N MET A 47 1.98 -2.79 -11.45
CA MET A 47 1.26 -2.08 -10.38
C MET A 47 0.74 -3.07 -9.33
N ASN A 48 1.54 -4.07 -9.01
CA ASN A 48 1.15 -5.07 -8.02
C ASN A 48 1.89 -4.85 -6.70
N LEU A 49 1.18 -5.06 -5.60
CA LEU A 49 1.76 -4.89 -4.27
C LEU A 49 2.55 -6.12 -3.86
N ASP A 50 1.85 -7.23 -3.66
CA ASP A 50 2.48 -8.49 -3.26
C ASP A 50 3.72 -8.76 -4.11
N GLN A 51 3.59 -8.58 -5.43
CA GLN A 51 4.69 -8.82 -6.34
C GLN A 51 5.82 -7.82 -6.10
N ALA A 52 5.47 -6.54 -5.98
CA ALA A 52 6.45 -5.49 -5.74
C ALA A 52 7.23 -5.76 -4.46
N MET A 53 6.52 -5.84 -3.35
CA MET A 53 7.16 -6.10 -2.06
C MET A 53 8.22 -7.18 -2.18
N SER A 54 7.81 -8.37 -2.60
CA SER A 54 8.73 -9.49 -2.75
C SER A 54 9.93 -9.09 -3.61
N ALA A 55 9.66 -8.45 -4.74
CA ALA A 55 10.72 -8.01 -5.64
C ALA A 55 11.78 -7.20 -4.90
N LEU A 56 11.34 -6.48 -3.87
CA LEU A 56 12.25 -5.65 -3.07
C LEU A 56 12.90 -6.48 -1.97
N LEU A 57 12.08 -7.07 -1.12
CA LEU A 57 12.57 -7.89 -0.02
C LEU A 57 13.65 -8.85 -0.49
N GLU A 58 13.42 -9.48 -1.64
CA GLU A 58 14.38 -10.42 -2.21
C GLU A 58 15.71 -9.73 -2.49
N LYS A 59 15.68 -8.70 -3.34
CA LYS A 59 16.87 -7.96 -3.69
C LYS A 59 17.62 -7.51 -2.44
N LYS A 60 16.90 -6.88 -1.53
CA LYS A 60 17.50 -6.39 -0.29
C LYS A 60 17.16 -7.33 0.89
N VAL A 61 18.14 -8.11 1.32
CA VAL A 61 17.94 -9.04 2.42
C VAL A 61 17.92 -8.30 3.76
N ASP A 62 16.77 -8.38 4.44
CA ASP A 62 16.62 -7.73 5.73
C ASP A 62 15.85 -8.62 6.70
N VAL A 63 15.91 -8.27 7.98
CA VAL A 63 15.23 -9.05 9.01
C VAL A 63 13.79 -8.55 9.21
N ASP A 64 12.84 -9.31 8.67
CA ASP A 64 11.43 -8.95 8.77
C ASP A 64 10.54 -10.14 8.43
N LYS A 65 9.38 -10.21 9.07
CA LYS A 65 8.44 -11.30 8.84
C LYS A 65 7.48 -10.95 7.70
N ARG A 66 7.58 -11.68 6.60
CA ARG A 66 6.72 -11.45 5.44
C ARG A 66 5.25 -11.59 5.82
N GLY A 67 4.41 -10.73 5.23
CA GLY A 67 2.99 -10.78 5.53
C GLY A 67 2.45 -9.46 6.02
N LEU A 68 1.69 -8.78 5.18
CA LEU A 68 1.11 -7.48 5.55
C LEU A 68 0.00 -7.65 6.58
N GLY A 69 0.35 -7.46 7.86
CA GLY A 69 -0.63 -7.60 8.92
C GLY A 69 -1.58 -8.75 8.68
N VAL A 70 -1.03 -9.95 8.51
CA VAL A 70 -1.85 -11.14 8.28
C VAL A 70 -2.44 -11.66 9.57
N THR A 71 -3.76 -11.60 9.69
CA THR A 71 -4.44 -12.07 10.89
C THR A 71 -5.82 -12.64 10.55
N ASP A 72 -6.47 -13.23 11.54
CA ASP A 72 -7.79 -13.82 11.34
C ASP A 72 -8.87 -12.95 11.98
N HIS A 73 -10.00 -12.82 11.28
CA HIS A 73 -11.12 -12.01 11.78
C HIS A 73 -12.43 -12.46 11.14
N ASN A 74 -13.54 -12.12 11.80
CA ASN A 74 -14.86 -12.49 11.31
C ASN A 74 -14.84 -13.89 10.70
N GLY A 75 -14.12 -14.79 11.35
CA GLY A 75 -14.04 -16.16 10.86
C GLY A 75 -14.50 -17.17 11.89
N MET A 76 -15.17 -18.22 11.43
CA MET A 76 -15.67 -19.27 12.32
C MET A 76 -14.59 -20.31 12.58
N ALA A 77 -14.17 -20.41 13.83
CA ALA A 77 -13.14 -21.37 14.22
C ALA A 77 -13.15 -21.61 15.72
N ALA A 78 -13.62 -22.79 16.13
CA ALA A 78 -13.68 -23.13 17.55
C ALA A 78 -13.60 -24.65 17.74
N LYS A 79 -12.57 -25.10 18.46
CA LYS A 79 -12.37 -26.51 18.72
C LYS A 79 -13.70 -27.20 19.02
N SER A 80 -14.28 -27.83 18.02
CA SER A 80 -15.56 -28.52 18.17
C SER A 80 -15.67 -29.68 17.20
N GLY A 81 -15.98 -30.86 17.73
CA GLY A 81 -16.11 -32.04 16.89
C GLY A 81 -16.32 -33.31 17.70
N PRO A 82 -17.58 -33.57 18.09
CA PRO A 82 -17.94 -34.74 18.87
C PRO A 82 -17.82 -36.04 18.06
N SER A 83 -17.95 -37.17 18.75
CA SER A 83 -17.86 -38.47 18.10
C SER A 83 -18.79 -39.48 18.77
N SER A 84 -19.73 -40.01 17.99
CA SER A 84 -20.69 -40.99 18.51
C SER A 84 -20.14 -42.41 18.35
N GLY A 85 -20.84 -43.37 18.95
CA GLY A 85 -20.42 -44.76 18.87
C GLY A 85 -19.48 -45.14 19.99
N GLY A 1 -9.96 -11.89 14.26
CA GLY A 1 -10.06 -11.74 12.82
C GLY A 1 -10.98 -10.60 12.42
N SER A 2 -10.92 -10.20 11.16
CA SER A 2 -11.75 -9.11 10.65
C SER A 2 -13.22 -9.51 10.65
N SER A 3 -13.95 -9.07 11.67
CA SER A 3 -15.36 -9.37 11.79
C SER A 3 -16.21 -8.28 11.15
N GLY A 4 -17.11 -8.68 10.24
CA GLY A 4 -17.96 -7.72 9.58
C GLY A 4 -17.18 -6.66 8.81
N SER A 5 -17.26 -5.42 9.27
CA SER A 5 -16.57 -4.31 8.62
C SER A 5 -15.97 -3.37 9.65
N SER A 6 -14.78 -2.85 9.35
CA SER A 6 -14.10 -1.93 10.26
C SER A 6 -14.81 -0.57 10.29
N GLY A 7 -15.00 0.01 9.12
CA GLY A 7 -15.67 1.30 9.03
C GLY A 7 -14.89 2.30 8.20
N GLY A 8 -15.60 3.28 7.63
CA GLY A 8 -14.95 4.29 6.82
C GLY A 8 -14.84 3.87 5.36
N MET A 9 -13.71 4.18 4.75
CA MET A 9 -13.48 3.84 3.35
C MET A 9 -14.41 4.63 2.44
N LYS A 10 -14.57 5.91 2.74
CA LYS A 10 -15.44 6.78 1.94
C LYS A 10 -14.70 7.32 0.72
N THR A 11 -14.94 6.69 -0.42
CA THR A 11 -14.29 7.11 -1.66
C THR A 11 -14.38 8.62 -1.85
N SER A 12 -13.32 9.19 -2.44
CA SER A 12 -13.28 10.63 -2.67
C SER A 12 -13.46 10.95 -4.15
N GLY A 13 -12.64 10.31 -4.99
CA GLY A 13 -12.73 10.53 -6.42
C GLY A 13 -11.45 10.14 -7.14
N LYS A 14 -11.39 10.45 -8.44
CA LYS A 14 -10.22 10.12 -9.25
C LYS A 14 -10.07 11.11 -10.40
N GLN A 15 -8.82 11.45 -10.71
CA GLN A 15 -8.53 12.38 -11.79
C GLN A 15 -7.44 11.84 -12.71
N ASP A 16 -6.51 11.09 -12.14
CA ASP A 16 -5.41 10.51 -12.90
C ASP A 16 -4.91 9.23 -12.25
N GLU A 17 -4.02 8.52 -12.94
CA GLU A 17 -3.47 7.28 -12.42
C GLU A 17 -2.15 7.53 -11.69
N ALA A 18 -1.40 8.53 -12.16
CA ALA A 18 -0.13 8.87 -11.55
C ALA A 18 -0.26 9.06 -10.05
N TRP A 19 -1.28 9.83 -9.65
CA TRP A 19 -1.52 10.08 -8.23
C TRP A 19 -1.83 8.79 -7.48
N ILE A 20 -2.53 7.88 -8.15
CA ILE A 20 -2.88 6.60 -7.54
C ILE A 20 -1.64 5.79 -7.20
N MET A 21 -0.65 5.81 -8.09
CA MET A 21 0.59 5.09 -7.88
C MET A 21 1.08 5.24 -6.45
N SER A 22 0.93 6.45 -5.91
CA SER A 22 1.36 6.73 -4.54
C SER A 22 0.65 5.81 -3.55
N ARG A 23 -0.67 5.75 -3.64
CA ARG A 23 -1.46 4.91 -2.76
C ARG A 23 -0.74 3.59 -2.47
N LEU A 24 -0.34 2.90 -3.53
CA LEU A 24 0.36 1.63 -3.39
C LEU A 24 1.69 1.81 -2.67
N ILE A 25 2.39 2.90 -2.99
CA ILE A 25 3.68 3.18 -2.37
C ILE A 25 3.53 3.34 -0.86
N LYS A 26 2.58 4.16 -0.44
CA LYS A 26 2.34 4.39 0.98
C LYS A 26 2.40 3.08 1.76
N GLN A 27 1.53 2.14 1.39
CA GLN A 27 1.47 0.84 2.05
C GLN A 27 2.89 0.32 2.34
N LEU A 28 3.79 0.55 1.40
CA LEU A 28 5.17 0.11 1.55
C LEU A 28 5.96 1.07 2.46
N THR A 29 5.92 2.34 2.13
CA THR A 29 6.62 3.37 2.91
C THR A 29 6.44 3.12 4.41
N ASP A 30 5.24 2.70 4.79
CA ASP A 30 4.94 2.43 6.19
C ASP A 30 5.66 1.18 6.67
N MET A 31 5.80 0.20 5.79
CA MET A 31 6.47 -1.06 6.12
C MET A 31 7.93 -0.81 6.49
N GLY A 32 8.72 -0.35 5.52
CA GLY A 32 10.12 -0.09 5.76
C GLY A 32 10.93 -0.03 4.48
N PHE A 33 10.37 0.61 3.46
CA PHE A 33 11.04 0.74 2.17
C PHE A 33 10.79 2.11 1.56
N PRO A 34 11.82 2.65 0.88
CA PRO A 34 11.74 3.97 0.25
C PRO A 34 10.82 3.96 -0.98
N ARG A 35 10.34 5.14 -1.35
CA ARG A 35 9.45 5.27 -2.51
C ARG A 35 10.20 5.01 -3.81
N GLU A 36 11.49 5.29 -3.81
CA GLU A 36 12.32 5.09 -4.99
C GLU A 36 11.99 3.75 -5.66
N PRO A 37 12.26 2.65 -4.94
CA PRO A 37 12.00 1.30 -5.44
C PRO A 37 10.51 1.00 -5.54
N ALA A 38 9.79 1.24 -4.46
CA ALA A 38 8.35 0.99 -4.42
C ALA A 38 7.67 1.57 -5.66
N GLU A 39 8.32 2.53 -6.30
CA GLU A 39 7.78 3.16 -7.49
C GLU A 39 8.16 2.38 -8.75
N GLU A 40 9.45 2.19 -8.95
CA GLU A 40 9.94 1.46 -10.11
C GLU A 40 9.40 0.04 -10.14
N ALA A 41 9.49 -0.64 -9.00
CA ALA A 41 9.00 -2.01 -8.89
C ALA A 41 7.58 -2.13 -9.41
N LEU A 42 6.64 -1.46 -8.74
CA LEU A 42 5.23 -1.49 -9.13
C LEU A 42 5.10 -1.36 -10.65
N LYS A 43 5.49 -0.20 -11.17
CA LYS A 43 5.40 0.05 -12.61
C LYS A 43 5.86 -1.17 -13.40
N SER A 44 6.72 -1.98 -12.78
CA SER A 44 7.24 -3.18 -13.43
C SER A 44 6.40 -4.40 -13.06
N ASN A 45 5.82 -4.38 -11.87
CA ASN A 45 5.00 -5.49 -11.39
C ASN A 45 3.53 -5.26 -11.74
N ASN A 46 3.29 -4.49 -12.80
CA ASN A 46 1.93 -4.20 -13.23
C ASN A 46 1.12 -3.55 -12.11
N MET A 47 1.77 -2.64 -11.37
CA MET A 47 1.11 -1.95 -10.27
C MET A 47 0.63 -2.94 -9.22
N ASN A 48 1.50 -3.90 -8.88
CA ASN A 48 1.16 -4.90 -7.88
C ASN A 48 1.93 -4.66 -6.58
N LEU A 49 1.31 -5.03 -5.47
CA LEU A 49 1.93 -4.85 -4.15
C LEU A 49 2.70 -6.10 -3.73
N ASP A 50 1.99 -7.21 -3.64
CA ASP A 50 2.60 -8.47 -3.25
C ASP A 50 3.77 -8.82 -4.17
N GLN A 51 3.57 -8.64 -5.47
CA GLN A 51 4.60 -8.92 -6.46
C GLN A 51 5.80 -7.99 -6.28
N ALA A 52 5.53 -6.70 -6.15
CA ALA A 52 6.58 -5.71 -5.97
C ALA A 52 7.35 -5.97 -4.68
N MET A 53 6.66 -5.94 -3.55
CA MET A 53 7.28 -6.17 -2.26
C MET A 53 8.40 -7.20 -2.37
N SER A 54 8.05 -8.40 -2.82
CA SER A 54 9.03 -9.47 -2.96
C SER A 54 10.25 -8.99 -3.75
N ALA A 55 10.00 -8.43 -4.92
CA ALA A 55 11.07 -7.93 -5.77
C ALA A 55 12.00 -7.00 -4.98
N LEU A 56 11.52 -6.53 -3.84
CA LEU A 56 12.32 -5.64 -3.00
C LEU A 56 13.11 -6.42 -1.96
N LEU A 57 12.43 -7.35 -1.29
CA LEU A 57 13.07 -8.16 -0.27
C LEU A 57 14.13 -9.08 -0.88
N GLU A 58 13.83 -9.61 -2.06
CA GLU A 58 14.75 -10.50 -2.77
C GLU A 58 16.19 -10.04 -2.59
N LYS A 59 16.42 -8.74 -2.77
CA LYS A 59 17.76 -8.16 -2.63
C LYS A 59 18.48 -8.78 -1.44
N LYS A 60 17.90 -8.64 -0.25
CA LYS A 60 18.50 -9.19 0.96
C LYS A 60 17.42 -9.79 1.87
N VAL A 61 17.81 -10.82 2.62
CA VAL A 61 16.89 -11.47 3.54
C VAL A 61 16.97 -10.87 4.94
N ASP A 62 16.00 -10.03 5.26
CA ASP A 62 15.96 -9.39 6.58
C ASP A 62 14.56 -9.47 7.17
N VAL A 63 14.45 -9.10 8.45
CA VAL A 63 13.17 -9.14 9.14
C VAL A 63 12.60 -7.73 9.32
N ASP A 64 11.54 -7.43 8.58
CA ASP A 64 10.91 -6.13 8.65
C ASP A 64 9.55 -6.22 9.34
N LYS A 65 9.28 -5.30 10.26
CA LYS A 65 8.01 -5.29 10.99
C LYS A 65 6.84 -5.49 10.04
N ARG A 66 5.80 -6.16 10.52
CA ARG A 66 4.61 -6.42 9.72
C ARG A 66 3.34 -6.28 10.55
N GLY A 67 2.25 -5.90 9.90
CA GLY A 67 0.99 -5.72 10.60
C GLY A 67 0.34 -4.38 10.30
N LEU A 68 -0.20 -4.24 9.09
CA LEU A 68 -0.85 -3.01 8.68
C LEU A 68 -2.06 -2.71 9.56
N GLY A 69 -3.04 -3.61 9.54
CA GLY A 69 -4.23 -3.43 10.35
C GLY A 69 -3.92 -2.98 11.75
N VAL A 70 -4.68 -2.00 12.25
CA VAL A 70 -4.47 -1.48 13.59
C VAL A 70 -5.22 -2.32 14.63
N THR A 71 -4.48 -2.84 15.60
CA THR A 71 -5.07 -3.66 16.65
C THR A 71 -5.81 -2.80 17.67
N ASP A 72 -7.08 -3.10 17.89
CA ASP A 72 -7.89 -2.35 18.84
C ASP A 72 -8.90 -3.27 19.55
N HIS A 73 -9.51 -2.76 20.60
CA HIS A 73 -10.49 -3.53 21.36
C HIS A 73 -11.88 -2.93 21.24
N ASN A 74 -12.91 -3.75 21.42
CA ASN A 74 -14.28 -3.30 21.33
C ASN A 74 -15.10 -3.78 22.52
N GLY A 75 -15.11 -5.10 22.73
CA GLY A 75 -15.86 -5.67 23.83
C GLY A 75 -17.23 -6.16 23.41
N MET A 76 -17.31 -7.45 23.08
CA MET A 76 -18.57 -8.04 22.66
C MET A 76 -18.50 -9.57 22.67
N ALA A 77 -19.62 -10.22 22.95
CA ALA A 77 -19.67 -11.67 23.00
C ALA A 77 -20.87 -12.20 22.21
N ALA A 78 -22.05 -11.74 22.58
CA ALA A 78 -23.28 -12.16 21.91
C ALA A 78 -23.26 -13.66 21.64
N LYS A 79 -22.72 -14.43 22.58
CA LYS A 79 -22.64 -15.88 22.45
C LYS A 79 -24.02 -16.52 22.60
N SER A 80 -24.81 -16.48 21.53
CA SER A 80 -26.15 -17.05 21.55
C SER A 80 -26.27 -18.20 20.56
N GLY A 81 -27.01 -19.23 20.93
CA GLY A 81 -27.18 -20.38 20.07
C GLY A 81 -27.70 -21.60 20.81
N PRO A 82 -29.01 -21.57 21.13
CA PRO A 82 -29.67 -22.68 21.85
C PRO A 82 -29.79 -23.93 20.99
N SER A 83 -29.19 -25.02 21.45
CA SER A 83 -29.22 -26.29 20.73
C SER A 83 -30.07 -27.31 21.48
N SER A 84 -31.33 -27.43 21.07
CA SER A 84 -32.25 -28.37 21.71
C SER A 84 -32.58 -29.52 20.76
N GLY A 85 -33.02 -30.64 21.33
CA GLY A 85 -33.37 -31.80 20.52
C GLY A 85 -34.76 -32.31 20.81
N GLY A 1 -5.00 16.77 25.34
CA GLY A 1 -5.37 15.54 24.66
C GLY A 1 -6.65 15.67 23.87
N SER A 2 -6.55 15.56 22.56
CA SER A 2 -7.71 15.68 21.69
C SER A 2 -8.10 14.31 21.12
N SER A 3 -9.38 13.96 21.28
CA SER A 3 -9.88 12.68 20.78
C SER A 3 -11.36 12.76 20.45
N GLY A 4 -11.82 11.89 19.57
CA GLY A 4 -13.22 11.88 19.18
C GLY A 4 -13.57 10.67 18.33
N SER A 5 -13.95 10.92 17.08
CA SER A 5 -14.33 9.85 16.18
C SER A 5 -13.64 10.02 14.82
N SER A 6 -13.72 8.98 13.99
CA SER A 6 -13.09 9.02 12.67
C SER A 6 -14.11 9.43 11.61
N GLY A 7 -13.75 10.44 10.82
CA GLY A 7 -14.63 10.92 9.78
C GLY A 7 -14.01 12.04 8.96
N GLY A 8 -13.80 11.78 7.67
CA GLY A 8 -13.22 12.79 6.80
C GLY A 8 -12.82 12.22 5.46
N MET A 9 -13.79 11.66 4.74
CA MET A 9 -13.53 11.08 3.43
C MET A 9 -13.43 12.17 2.36
N LYS A 10 -12.24 12.36 1.82
CA LYS A 10 -12.01 13.36 0.79
C LYS A 10 -12.36 12.82 -0.59
N THR A 11 -12.93 13.67 -1.44
CA THR A 11 -13.31 13.28 -2.79
C THR A 11 -12.25 13.70 -3.80
N SER A 12 -11.91 12.79 -4.70
CA SER A 12 -10.91 13.07 -5.73
C SER A 12 -11.49 13.93 -6.84
N GLY A 13 -10.71 14.91 -7.29
CA GLY A 13 -11.17 15.80 -8.34
C GLY A 13 -11.05 15.17 -9.72
N LYS A 14 -9.94 14.47 -9.95
CA LYS A 14 -9.71 13.82 -11.24
C LYS A 14 -9.05 12.45 -11.04
N GLN A 15 -9.44 11.49 -11.88
CA GLN A 15 -8.89 10.15 -11.80
C GLN A 15 -7.64 10.01 -12.66
N ASP A 16 -6.47 10.07 -12.02
CA ASP A 16 -5.20 9.96 -12.72
C ASP A 16 -4.30 8.93 -12.06
N GLU A 17 -3.99 7.86 -12.79
CA GLU A 17 -3.13 6.81 -12.27
C GLU A 17 -1.92 7.38 -11.55
N ALA A 18 -1.47 8.54 -12.01
CA ALA A 18 -0.31 9.19 -11.41
C ALA A 18 -0.48 9.31 -9.90
N TRP A 19 -1.53 10.00 -9.48
CA TRP A 19 -1.80 10.19 -8.06
C TRP A 19 -2.02 8.85 -7.36
N ILE A 20 -2.61 7.91 -8.08
CA ILE A 20 -2.88 6.58 -7.54
C ILE A 20 -1.58 5.86 -7.19
N MET A 21 -0.63 5.90 -8.11
CA MET A 21 0.66 5.26 -7.90
C MET A 21 1.11 5.38 -6.45
N SER A 22 0.93 6.57 -5.88
CA SER A 22 1.32 6.81 -4.50
C SER A 22 0.62 5.83 -3.55
N ARG A 23 -0.69 5.71 -3.70
CA ARG A 23 -1.48 4.82 -2.87
C ARG A 23 -0.70 3.53 -2.57
N LEU A 24 -0.32 2.81 -3.61
CA LEU A 24 0.43 1.57 -3.47
C LEU A 24 1.73 1.82 -2.73
N ILE A 25 2.38 2.94 -3.04
CA ILE A 25 3.65 3.29 -2.40
C ILE A 25 3.49 3.42 -0.89
N LYS A 26 2.51 4.22 -0.47
CA LYS A 26 2.26 4.44 0.94
C LYS A 26 2.36 3.13 1.72
N GLN A 27 1.52 2.16 1.37
CA GLN A 27 1.53 0.87 2.04
C GLN A 27 2.96 0.40 2.31
N LEU A 28 3.84 0.62 1.35
CA LEU A 28 5.24 0.23 1.48
C LEU A 28 5.99 1.21 2.38
N THR A 29 5.90 2.48 2.07
CA THR A 29 6.56 3.52 2.84
C THR A 29 6.33 3.32 4.34
N ASP A 30 5.23 2.65 4.68
CA ASP A 30 4.89 2.39 6.08
C ASP A 30 5.60 1.15 6.58
N MET A 31 5.84 0.19 5.68
CA MET A 31 6.51 -1.05 6.05
C MET A 31 7.97 -0.79 6.44
N GLY A 32 8.75 -0.32 5.46
CA GLY A 32 10.15 -0.05 5.73
C GLY A 32 10.97 0.03 4.45
N PHE A 33 10.40 0.63 3.42
CA PHE A 33 11.09 0.77 2.14
C PHE A 33 10.85 2.16 1.54
N PRO A 34 11.88 2.69 0.87
CA PRO A 34 11.82 4.01 0.25
C PRO A 34 10.90 4.02 -0.97
N ARG A 35 10.41 5.21 -1.32
CA ARG A 35 9.52 5.37 -2.46
C ARG A 35 10.27 5.15 -3.77
N GLU A 36 11.58 5.40 -3.75
CA GLU A 36 12.40 5.24 -4.93
C GLU A 36 12.09 3.92 -5.64
N PRO A 37 12.37 2.80 -4.96
CA PRO A 37 12.12 1.46 -5.50
C PRO A 37 10.63 1.14 -5.60
N ALA A 38 9.91 1.35 -4.50
CA ALA A 38 8.48 1.09 -4.46
C ALA A 38 7.80 1.59 -5.73
N GLU A 39 8.40 2.59 -6.36
CA GLU A 39 7.84 3.16 -7.58
C GLU A 39 8.29 2.37 -8.81
N GLU A 40 9.59 2.30 -9.04
CA GLU A 40 10.14 1.57 -10.17
C GLU A 40 9.58 0.15 -10.22
N ALA A 41 9.58 -0.52 -9.08
CA ALA A 41 9.07 -1.89 -8.99
C ALA A 41 7.66 -1.98 -9.54
N LEU A 42 6.71 -1.37 -8.84
CA LEU A 42 5.31 -1.38 -9.27
C LEU A 42 5.20 -1.24 -10.77
N LYS A 43 5.77 -0.16 -11.30
CA LYS A 43 5.73 0.10 -12.74
C LYS A 43 5.99 -1.19 -13.53
N SER A 44 6.92 -2.01 -13.02
CA SER A 44 7.26 -3.26 -13.68
C SER A 44 6.44 -4.42 -13.10
N ASN A 45 5.91 -4.22 -11.91
CA ASN A 45 5.11 -5.25 -11.24
C ASN A 45 3.62 -5.01 -11.48
N ASN A 46 3.30 -4.33 -12.57
CA ASN A 46 1.91 -4.03 -12.92
C ASN A 46 1.14 -3.57 -11.69
N MET A 47 1.70 -2.60 -10.97
CA MET A 47 1.06 -2.07 -9.78
C MET A 47 0.59 -3.20 -8.86
N ASN A 48 1.52 -4.09 -8.50
CA ASN A 48 1.20 -5.21 -7.62
C ASN A 48 1.95 -5.10 -6.30
N LEU A 49 1.21 -5.25 -5.20
CA LEU A 49 1.80 -5.17 -3.87
C LEU A 49 2.55 -6.45 -3.53
N ASP A 50 1.85 -7.58 -3.60
CA ASP A 50 2.44 -8.87 -3.29
C ASP A 50 3.68 -9.12 -4.16
N GLN A 51 3.57 -8.76 -5.43
CA GLN A 51 4.68 -8.94 -6.37
C GLN A 51 5.79 -7.93 -6.10
N ALA A 52 5.41 -6.67 -5.95
CA ALA A 52 6.37 -5.61 -5.69
C ALA A 52 7.21 -5.91 -4.45
N MET A 53 6.53 -6.21 -3.35
CA MET A 53 7.22 -6.52 -2.10
C MET A 53 8.33 -7.53 -2.33
N SER A 54 7.96 -8.71 -2.83
CA SER A 54 8.94 -9.76 -3.10
C SER A 54 10.11 -9.23 -3.91
N ALA A 55 9.80 -8.44 -4.93
CA ALA A 55 10.82 -7.86 -5.79
C ALA A 55 11.85 -7.08 -4.98
N LEU A 56 11.41 -6.49 -3.88
CA LEU A 56 12.28 -5.72 -3.02
C LEU A 56 12.95 -6.61 -1.97
N LEU A 57 12.17 -7.52 -1.40
CA LEU A 57 12.68 -8.44 -0.39
C LEU A 57 13.81 -9.30 -0.95
N GLU A 58 13.72 -9.59 -2.25
CA GLU A 58 14.73 -10.41 -2.90
C GLU A 58 16.14 -9.91 -2.58
N LYS A 59 16.26 -8.61 -2.33
CA LYS A 59 17.54 -8.02 -2.00
C LYS A 59 17.84 -8.15 -0.51
N LYS A 60 17.41 -9.26 0.08
CA LYS A 60 17.63 -9.51 1.49
C LYS A 60 17.53 -8.23 2.30
N VAL A 61 16.56 -7.38 1.94
CA VAL A 61 16.35 -6.11 2.62
C VAL A 61 15.74 -6.34 4.00
N ASP A 62 16.49 -5.96 5.04
CA ASP A 62 16.03 -6.12 6.42
C ASP A 62 14.68 -5.41 6.61
N VAL A 63 13.93 -5.86 7.61
CA VAL A 63 12.63 -5.27 7.91
C VAL A 63 12.36 -5.27 9.41
N ASP A 64 12.16 -4.08 9.96
CA ASP A 64 11.89 -3.93 11.39
C ASP A 64 10.80 -4.90 11.84
N LYS A 65 10.53 -4.91 13.14
CA LYS A 65 9.50 -5.78 13.71
C LYS A 65 8.11 -5.23 13.45
N ARG A 66 7.98 -3.91 13.51
CA ARG A 66 6.69 -3.25 13.28
C ARG A 66 6.41 -3.12 11.78
N GLY A 67 5.18 -3.45 11.38
CA GLY A 67 4.80 -3.37 9.99
C GLY A 67 3.99 -2.12 9.68
N LEU A 68 2.92 -2.30 8.91
CA LEU A 68 2.06 -1.18 8.54
C LEU A 68 0.73 -1.24 9.29
N GLY A 69 0.18 -0.07 9.61
CA GLY A 69 -1.09 -0.02 10.32
C GLY A 69 -1.92 1.18 9.92
N VAL A 70 -3.11 1.30 10.51
CA VAL A 70 -4.00 2.40 10.21
C VAL A 70 -3.88 3.50 11.26
N THR A 71 -3.22 4.58 10.90
CA THR A 71 -3.03 5.71 11.81
C THR A 71 -2.96 7.03 11.05
N ASP A 72 -3.31 8.12 11.72
CA ASP A 72 -3.29 9.44 11.11
C ASP A 72 -1.94 10.11 11.31
N HIS A 73 -1.33 10.54 10.21
CA HIS A 73 -0.04 11.20 10.26
C HIS A 73 -0.10 12.46 11.11
N ASN A 74 -0.96 13.40 10.70
CA ASN A 74 -1.11 14.65 11.42
C ASN A 74 -1.97 14.46 12.67
N GLY A 75 -1.35 13.99 13.74
CA GLY A 75 -2.07 13.76 14.98
C GLY A 75 -2.30 15.05 15.75
N MET A 76 -2.92 16.03 15.08
CA MET A 76 -3.21 17.31 15.72
C MET A 76 -4.46 17.94 15.10
N ALA A 77 -5.56 17.90 15.85
CA ALA A 77 -6.81 18.48 15.39
C ALA A 77 -6.73 20.00 15.31
N ALA A 78 -6.17 20.50 14.22
CA ALA A 78 -6.03 21.94 14.02
C ALA A 78 -6.70 22.38 12.73
N LYS A 79 -7.77 23.18 12.86
CA LYS A 79 -8.50 23.67 11.70
C LYS A 79 -7.98 25.04 11.27
N SER A 80 -8.42 25.50 10.12
CA SER A 80 -8.00 26.80 9.60
C SER A 80 -9.00 27.32 8.57
N GLY A 81 -9.58 28.49 8.86
CA GLY A 81 -10.54 29.08 7.95
C GLY A 81 -11.65 28.12 7.59
N PRO A 82 -12.51 27.79 8.58
CA PRO A 82 -13.63 26.88 8.38
C PRO A 82 -14.72 27.48 7.52
N SER A 83 -14.51 28.71 7.07
CA SER A 83 -15.48 29.41 6.24
C SER A 83 -16.76 29.72 7.03
N SER A 84 -16.58 30.07 8.30
CA SER A 84 -17.71 30.38 9.17
C SER A 84 -17.73 31.87 9.51
N GLY A 85 -18.77 32.56 9.03
CA GLY A 85 -18.90 33.98 9.29
C GLY A 85 -17.62 34.73 9.00
N GLY A 1 19.65 12.46 -22.84
CA GLY A 1 20.01 13.14 -21.60
C GLY A 1 19.38 14.52 -21.51
N SER A 2 18.08 14.56 -21.22
CA SER A 2 17.37 15.84 -21.10
C SER A 2 16.15 15.69 -20.20
N SER A 3 16.07 16.55 -19.19
CA SER A 3 14.94 16.51 -18.26
C SER A 3 14.03 17.72 -18.46
N GLY A 4 12.82 17.63 -17.90
CA GLY A 4 11.87 18.71 -18.03
C GLY A 4 10.47 18.22 -18.32
N SER A 5 9.51 18.69 -17.53
CA SER A 5 8.11 18.28 -17.70
C SER A 5 7.18 19.19 -16.92
N SER A 6 5.88 19.01 -17.11
CA SER A 6 4.88 19.82 -16.43
C SER A 6 3.66 18.97 -16.04
N GLY A 7 2.91 19.44 -15.05
CA GLY A 7 1.73 18.72 -14.62
C GLY A 7 1.56 18.74 -13.11
N GLY A 8 0.33 18.89 -12.66
CA GLY A 8 0.06 18.92 -11.23
C GLY A 8 -1.42 18.89 -10.92
N MET A 9 -1.78 19.34 -9.71
CA MET A 9 -3.18 19.37 -9.29
C MET A 9 -3.88 20.60 -9.83
N LYS A 10 -3.64 20.93 -11.10
CA LYS A 10 -4.25 22.08 -11.74
C LYS A 10 -5.75 22.11 -11.48
N THR A 11 -6.44 21.05 -11.94
CA THR A 11 -7.88 20.96 -11.76
C THR A 11 -8.27 19.64 -11.10
N SER A 12 -8.99 19.72 -9.99
CA SER A 12 -9.42 18.54 -9.26
C SER A 12 -10.73 18.00 -9.83
N GLY A 13 -10.93 16.68 -9.71
CA GLY A 13 -12.13 16.07 -10.22
C GLY A 13 -11.84 14.84 -11.06
N LYS A 14 -11.31 15.08 -12.26
CA LYS A 14 -10.98 13.99 -13.18
C LYS A 14 -9.87 13.11 -12.61
N GLN A 15 -10.24 12.15 -11.78
CA GLN A 15 -9.26 11.25 -11.16
C GLN A 15 -8.20 10.84 -12.17
N ASP A 16 -6.99 10.58 -11.68
CA ASP A 16 -5.89 10.18 -12.55
C ASP A 16 -5.18 8.95 -11.97
N GLU A 17 -4.25 8.40 -12.74
CA GLU A 17 -3.50 7.23 -12.32
C GLU A 17 -2.22 7.63 -11.59
N ALA A 18 -1.64 8.75 -11.99
CA ALA A 18 -0.41 9.24 -11.37
C ALA A 18 -0.57 9.36 -9.86
N TRP A 19 -1.61 10.06 -9.44
CA TRP A 19 -1.88 10.26 -8.01
C TRP A 19 -2.08 8.92 -7.31
N ILE A 20 -2.68 7.96 -8.03
CA ILE A 20 -2.93 6.64 -7.47
C ILE A 20 -1.62 5.92 -7.16
N MET A 21 -0.70 5.93 -8.10
CA MET A 21 0.60 5.28 -7.92
C MET A 21 1.07 5.41 -6.48
N SER A 22 0.93 6.60 -5.92
CA SER A 22 1.35 6.86 -4.54
C SER A 22 0.68 5.87 -3.58
N ARG A 23 -0.64 5.76 -3.69
CA ARG A 23 -1.41 4.85 -2.83
C ARG A 23 -0.64 3.56 -2.60
N LEU A 24 -0.28 2.88 -3.68
CA LEU A 24 0.45 1.63 -3.59
C LEU A 24 1.77 1.82 -2.85
N ILE A 25 2.41 2.96 -3.08
CA ILE A 25 3.68 3.26 -2.43
C ILE A 25 3.51 3.40 -0.93
N LYS A 26 2.54 4.21 -0.52
CA LYS A 26 2.27 4.43 0.90
C LYS A 26 2.30 3.11 1.67
N GLN A 27 1.57 2.13 1.18
CA GLN A 27 1.51 0.82 1.82
C GLN A 27 2.92 0.30 2.12
N LEU A 28 3.86 0.61 1.23
CA LEU A 28 5.24 0.18 1.40
C LEU A 28 6.00 1.14 2.31
N THR A 29 5.91 2.43 2.02
CA THR A 29 6.58 3.44 2.81
C THR A 29 6.34 3.24 4.29
N ASP A 30 5.24 2.58 4.62
CA ASP A 30 4.89 2.31 6.01
C ASP A 30 5.59 1.05 6.52
N MET A 31 5.78 0.09 5.63
CA MET A 31 6.43 -1.17 5.98
C MET A 31 7.88 -0.92 6.39
N GLY A 32 8.68 -0.44 5.44
CA GLY A 32 10.09 -0.18 5.72
C GLY A 32 10.92 -0.09 4.45
N PHE A 33 10.37 0.55 3.42
CA PHE A 33 11.06 0.70 2.15
C PHE A 33 10.82 2.09 1.56
N PRO A 34 11.85 2.65 0.91
CA PRO A 34 11.78 3.98 0.29
C PRO A 34 10.88 3.98 -0.94
N ARG A 35 10.36 5.17 -1.28
CA ARG A 35 9.48 5.31 -2.44
C ARG A 35 10.26 5.10 -3.74
N GLU A 36 11.55 5.39 -3.70
CA GLU A 36 12.40 5.22 -4.89
C GLU A 36 12.10 3.91 -5.59
N PRO A 37 12.40 2.79 -4.91
CA PRO A 37 12.17 1.45 -5.45
C PRO A 37 10.69 1.10 -5.56
N ALA A 38 9.96 1.30 -4.46
CA ALA A 38 8.53 1.02 -4.44
C ALA A 38 7.86 1.49 -5.73
N GLU A 39 8.45 2.49 -6.38
CA GLU A 39 7.91 3.02 -7.61
C GLU A 39 8.35 2.19 -8.81
N GLU A 40 9.67 2.15 -9.04
CA GLU A 40 10.22 1.40 -10.16
C GLU A 40 9.67 -0.02 -10.18
N ALA A 41 9.63 -0.65 -9.00
CA ALA A 41 9.12 -2.01 -8.87
C ALA A 41 7.70 -2.12 -9.40
N LEU A 42 6.76 -1.51 -8.69
CA LEU A 42 5.36 -1.55 -9.10
C LEU A 42 5.23 -1.53 -10.62
N LYS A 43 5.92 -0.59 -11.26
CA LYS A 43 5.87 -0.48 -12.71
C LYS A 43 6.06 -1.83 -13.37
N SER A 44 7.04 -2.59 -12.90
CA SER A 44 7.32 -3.92 -13.45
C SER A 44 6.46 -4.98 -12.77
N ASN A 45 5.97 -4.66 -11.57
CA ASN A 45 5.14 -5.58 -10.81
C ASN A 45 3.66 -5.37 -11.12
N ASN A 46 3.38 -4.66 -12.22
CA ASN A 46 2.01 -4.40 -12.63
C ASN A 46 1.22 -3.76 -11.49
N MET A 47 1.82 -2.75 -10.86
CA MET A 47 1.16 -2.05 -9.76
C MET A 47 0.60 -3.05 -8.74
N ASN A 48 1.43 -3.99 -8.33
CA ASN A 48 1.02 -4.99 -7.35
C ASN A 48 1.86 -4.90 -6.08
N LEU A 49 1.23 -5.24 -4.95
CA LEU A 49 1.91 -5.19 -3.66
C LEU A 49 2.66 -6.50 -3.38
N ASP A 50 1.98 -7.61 -3.61
CA ASP A 50 2.58 -8.92 -3.39
C ASP A 50 3.78 -9.13 -4.30
N GLN A 51 3.68 -8.63 -5.53
CA GLN A 51 4.76 -8.77 -6.51
C GLN A 51 5.84 -7.73 -6.26
N ALA A 52 5.44 -6.51 -5.92
CA ALA A 52 6.37 -5.43 -5.65
C ALA A 52 7.20 -5.72 -4.41
N MET A 53 6.53 -6.05 -3.32
CA MET A 53 7.21 -6.36 -2.06
C MET A 53 8.33 -7.36 -2.28
N SER A 54 7.97 -8.56 -2.72
CA SER A 54 8.95 -9.62 -2.97
C SER A 54 10.07 -9.12 -3.88
N ALA A 55 9.70 -8.27 -4.85
CA ALA A 55 10.67 -7.73 -5.78
C ALA A 55 11.73 -6.90 -5.05
N LEU A 56 11.34 -6.32 -3.92
CA LEU A 56 12.25 -5.49 -3.13
C LEU A 56 12.96 -6.33 -2.06
N LEU A 57 12.18 -7.08 -1.30
CA LEU A 57 12.73 -7.93 -0.24
C LEU A 57 13.75 -8.91 -0.81
N GLU A 58 13.39 -9.55 -1.92
CA GLU A 58 14.28 -10.51 -2.57
C GLU A 58 15.74 -10.08 -2.44
N LYS A 59 15.98 -8.79 -2.58
CA LYS A 59 17.32 -8.23 -2.47
C LYS A 59 18.08 -8.87 -1.31
N LYS A 60 17.45 -8.91 -0.14
CA LYS A 60 18.06 -9.49 1.05
C LYS A 60 17.37 -10.80 1.43
N VAL A 61 17.90 -11.46 2.45
CA VAL A 61 17.33 -12.72 2.92
C VAL A 61 16.04 -12.48 3.70
N ASP A 62 14.94 -13.01 3.19
CA ASP A 62 13.64 -12.86 3.85
C ASP A 62 13.73 -13.22 5.32
N VAL A 63 13.16 -12.37 6.17
CA VAL A 63 13.18 -12.59 7.61
C VAL A 63 11.78 -12.47 8.21
N ASP A 64 11.32 -13.55 8.84
CA ASP A 64 10.00 -13.56 9.45
C ASP A 64 9.66 -12.19 10.04
N LYS A 65 8.61 -11.56 9.52
CA LYS A 65 8.18 -10.25 9.99
C LYS A 65 6.68 -10.24 10.29
N ARG A 66 6.19 -9.12 10.78
CA ARG A 66 4.78 -8.98 11.12
C ARG A 66 3.97 -8.55 9.89
N GLY A 67 3.55 -9.54 9.10
CA GLY A 67 2.77 -9.26 7.91
C GLY A 67 1.63 -8.29 8.18
N LEU A 68 1.31 -7.45 7.20
CA LEU A 68 0.23 -6.49 7.34
C LEU A 68 -1.03 -7.16 7.87
N GLY A 69 -1.30 -6.97 9.15
CA GLY A 69 -2.48 -7.57 9.75
C GLY A 69 -2.15 -8.70 10.70
N VAL A 70 -2.50 -8.54 11.97
CA VAL A 70 -2.24 -9.55 12.98
C VAL A 70 -3.26 -10.68 12.90
N THR A 71 -4.53 -10.31 12.88
CA THR A 71 -5.61 -11.30 12.80
C THR A 71 -6.77 -10.78 11.96
N ASP A 72 -7.44 -11.69 11.25
CA ASP A 72 -8.57 -11.33 10.41
C ASP A 72 -9.88 -11.60 11.12
N HIS A 73 -10.01 -12.80 11.68
CA HIS A 73 -11.23 -13.19 12.39
C HIS A 73 -10.91 -14.16 13.52
N ASN A 74 -11.17 -13.74 14.75
CA ASN A 74 -10.90 -14.58 15.92
C ASN A 74 -12.17 -15.34 16.33
N GLY A 75 -12.29 -16.56 15.81
CA GLY A 75 -13.44 -17.38 16.14
C GLY A 75 -13.54 -18.62 15.26
N MET A 76 -12.53 -19.47 15.34
CA MET A 76 -12.49 -20.69 14.54
C MET A 76 -12.46 -21.93 15.45
N ALA A 77 -13.62 -22.54 15.67
CA ALA A 77 -13.70 -23.72 16.51
C ALA A 77 -15.10 -24.33 16.46
N ALA A 78 -15.15 -25.65 16.32
CA ALA A 78 -16.42 -26.36 16.24
C ALA A 78 -16.45 -27.54 17.22
N LYS A 79 -17.65 -27.93 17.63
CA LYS A 79 -17.81 -29.04 18.56
C LYS A 79 -19.13 -29.76 18.31
N SER A 80 -19.19 -31.04 18.70
CA SER A 80 -20.39 -31.84 18.52
C SER A 80 -20.34 -33.10 19.38
N GLY A 81 -21.28 -33.22 20.31
CA GLY A 81 -21.32 -34.37 21.18
C GLY A 81 -22.53 -34.36 22.11
N PRO A 82 -23.05 -35.54 22.41
CA PRO A 82 -24.22 -35.69 23.30
C PRO A 82 -23.89 -35.36 24.74
N SER A 83 -24.91 -35.36 25.60
CA SER A 83 -24.74 -35.06 27.01
C SER A 83 -24.46 -36.33 27.81
N SER A 84 -24.09 -36.15 29.08
CA SER A 84 -23.80 -37.29 29.95
C SER A 84 -24.55 -37.16 31.27
N GLY A 85 -24.52 -38.22 32.08
CA GLY A 85 -25.20 -38.20 33.35
C GLY A 85 -25.12 -39.54 34.06
N GLY A 1 10.58 20.92 -18.00
CA GLY A 1 11.46 20.98 -16.85
C GLY A 1 10.90 21.82 -15.72
N SER A 2 9.61 21.65 -15.44
CA SER A 2 8.95 22.40 -14.39
C SER A 2 7.94 21.53 -13.64
N SER A 3 7.82 21.77 -12.34
CA SER A 3 6.90 21.00 -11.51
C SER A 3 6.78 21.61 -10.12
N GLY A 4 5.55 21.87 -9.69
CA GLY A 4 5.32 22.45 -8.38
C GLY A 4 3.86 22.76 -8.13
N SER A 5 3.10 21.76 -7.67
CA SER A 5 1.69 21.93 -7.40
C SER A 5 1.41 21.84 -5.90
N SER A 6 1.06 22.98 -5.31
CA SER A 6 0.78 23.04 -3.88
C SER A 6 -0.32 24.06 -3.59
N GLY A 7 -0.82 24.04 -2.36
CA GLY A 7 -1.87 24.97 -1.97
C GLY A 7 -3.13 24.26 -1.51
N GLY A 8 -4.11 24.16 -2.41
CA GLY A 8 -5.36 23.51 -2.08
C GLY A 8 -5.77 22.48 -3.11
N MET A 9 -6.12 21.29 -2.65
CA MET A 9 -6.54 20.21 -3.55
C MET A 9 -7.77 20.63 -4.35
N LYS A 10 -7.67 20.53 -5.67
CA LYS A 10 -8.78 20.90 -6.54
C LYS A 10 -9.98 19.98 -6.31
N THR A 11 -11.02 20.53 -5.69
CA THR A 11 -12.23 19.77 -5.40
C THR A 11 -12.70 19.00 -6.64
N SER A 12 -12.45 19.55 -7.81
CA SER A 12 -12.84 18.92 -9.06
C SER A 12 -11.62 18.35 -9.79
N GLY A 13 -11.85 17.34 -10.63
CA GLY A 13 -10.76 16.73 -11.37
C GLY A 13 -10.97 15.24 -11.57
N LYS A 14 -10.74 14.77 -12.79
CA LYS A 14 -10.90 13.36 -13.11
C LYS A 14 -9.86 12.51 -12.38
N GLN A 15 -10.25 11.30 -12.00
CA GLN A 15 -9.33 10.39 -11.30
C GLN A 15 -8.23 9.90 -12.22
N ASP A 16 -6.99 10.24 -11.89
CA ASP A 16 -5.84 9.83 -12.70
C ASP A 16 -5.13 8.64 -12.06
N GLU A 17 -4.18 8.07 -12.79
CA GLU A 17 -3.43 6.92 -12.30
C GLU A 17 -2.16 7.37 -11.58
N ALA A 18 -1.56 8.45 -12.06
CA ALA A 18 -0.35 8.99 -11.46
C ALA A 18 -0.51 9.16 -9.95
N TRP A 19 -1.56 9.86 -9.55
CA TRP A 19 -1.82 10.10 -8.14
C TRP A 19 -2.04 8.78 -7.39
N ILE A 20 -2.67 7.83 -8.07
CA ILE A 20 -2.94 6.53 -7.47
C ILE A 20 -1.64 5.80 -7.14
N MET A 21 -0.72 5.77 -8.09
CA MET A 21 0.57 5.11 -7.89
C MET A 21 1.06 5.28 -6.45
N SER A 22 0.90 6.49 -5.92
CA SER A 22 1.32 6.78 -4.55
C SER A 22 0.63 5.84 -3.56
N ARG A 23 -0.68 5.73 -3.68
CA ARG A 23 -1.46 4.87 -2.79
C ARG A 23 -0.71 3.56 -2.52
N LEU A 24 -0.38 2.83 -3.59
CA LEU A 24 0.33 1.57 -3.46
C LEU A 24 1.65 1.76 -2.72
N ILE A 25 2.33 2.86 -3.01
CA ILE A 25 3.61 3.16 -2.37
C ILE A 25 3.45 3.30 -0.87
N LYS A 26 2.57 4.20 -0.44
CA LYS A 26 2.32 4.43 0.97
C LYS A 26 2.42 3.12 1.75
N GLN A 27 1.57 2.17 1.40
CA GLN A 27 1.55 0.87 2.07
C GLN A 27 2.98 0.38 2.34
N LEU A 28 3.84 0.54 1.35
CA LEU A 28 5.23 0.11 1.47
C LEU A 28 6.02 1.06 2.36
N THR A 29 5.94 2.36 2.04
CA THR A 29 6.64 3.37 2.81
C THR A 29 6.34 3.25 4.30
N ASP A 30 5.22 2.61 4.62
CA ASP A 30 4.82 2.42 6.01
C ASP A 30 5.49 1.18 6.60
N MET A 31 5.85 0.24 5.74
CA MET A 31 6.50 -0.99 6.17
C MET A 31 7.94 -0.73 6.58
N GLY A 32 8.78 -0.42 5.59
CA GLY A 32 10.18 -0.15 5.87
C GLY A 32 11.00 0.00 4.59
N PHE A 33 10.36 0.48 3.53
CA PHE A 33 11.04 0.67 2.26
C PHE A 33 10.75 2.05 1.69
N PRO A 34 11.75 2.63 0.99
CA PRO A 34 11.63 3.95 0.38
C PRO A 34 10.67 3.97 -0.79
N ARG A 35 10.48 5.14 -1.38
CA ARG A 35 9.59 5.29 -2.53
C ARG A 35 10.34 5.07 -3.84
N GLU A 36 11.64 5.31 -3.82
CA GLU A 36 12.47 5.14 -5.00
C GLU A 36 12.17 3.80 -5.69
N PRO A 37 12.48 2.70 -4.98
CA PRO A 37 12.25 1.35 -5.50
C PRO A 37 10.76 1.00 -5.58
N ALA A 38 10.05 1.21 -4.49
CA ALA A 38 8.62 0.92 -4.44
C ALA A 38 7.91 1.48 -5.67
N GLU A 39 8.50 2.50 -6.28
CA GLU A 39 7.92 3.13 -7.47
C GLU A 39 8.38 2.41 -8.73
N GLU A 40 9.69 2.34 -8.92
CA GLU A 40 10.25 1.68 -10.10
C GLU A 40 9.71 0.26 -10.25
N ALA A 41 9.57 -0.44 -9.12
CA ALA A 41 9.07 -1.80 -9.12
C ALA A 41 7.65 -1.86 -9.68
N LEU A 42 6.69 -1.34 -8.92
CA LEU A 42 5.30 -1.33 -9.34
C LEU A 42 5.18 -1.13 -10.85
N LYS A 43 5.88 -0.12 -11.36
CA LYS A 43 5.87 0.18 -12.79
C LYS A 43 5.99 -1.10 -13.61
N SER A 44 6.94 -1.94 -13.25
CA SER A 44 7.17 -3.20 -13.96
C SER A 44 6.32 -4.32 -13.35
N ASN A 45 5.90 -4.14 -12.10
CA ASN A 45 5.10 -5.13 -11.41
C ASN A 45 3.61 -4.87 -11.63
N ASN A 46 3.29 -4.25 -12.76
CA ASN A 46 1.90 -3.94 -13.08
C ASN A 46 1.15 -3.41 -11.87
N MET A 47 1.78 -2.49 -11.15
CA MET A 47 1.18 -1.90 -9.95
C MET A 47 0.67 -2.99 -9.01
N ASN A 48 1.55 -3.93 -8.66
CA ASN A 48 1.20 -5.02 -7.76
C ASN A 48 1.93 -4.90 -6.43
N LEU A 49 1.19 -5.05 -5.34
CA LEU A 49 1.78 -4.96 -4.01
C LEU A 49 2.55 -6.23 -3.67
N ASP A 50 1.84 -7.35 -3.62
CA ASP A 50 2.47 -8.63 -3.31
C ASP A 50 3.70 -8.86 -4.17
N GLN A 51 3.57 -8.59 -5.46
CA GLN A 51 4.68 -8.77 -6.39
C GLN A 51 5.83 -7.82 -6.06
N ALA A 52 5.51 -6.53 -5.93
CA ALA A 52 6.51 -5.53 -5.60
C ALA A 52 7.29 -5.90 -4.35
N MET A 53 6.58 -6.10 -3.26
CA MET A 53 7.20 -6.47 -1.98
C MET A 53 8.26 -7.56 -2.20
N SER A 54 7.86 -8.66 -2.83
CA SER A 54 8.77 -9.76 -3.09
C SER A 54 9.96 -9.31 -3.92
N ALA A 55 9.71 -8.38 -4.85
CA ALA A 55 10.77 -7.85 -5.70
C ALA A 55 11.81 -7.10 -4.89
N LEU A 56 11.36 -6.40 -3.85
CA LEU A 56 12.26 -5.64 -3.00
C LEU A 56 12.92 -6.54 -1.95
N LEU A 57 12.14 -7.47 -1.42
CA LEU A 57 12.65 -8.41 -0.41
C LEU A 57 13.73 -9.31 -1.00
N GLU A 58 13.45 -9.88 -2.17
CA GLU A 58 14.39 -10.76 -2.83
C GLU A 58 15.83 -10.23 -2.69
N LYS A 59 16.02 -8.98 -3.09
CA LYS A 59 17.34 -8.35 -3.00
C LYS A 59 18.06 -8.77 -1.73
N LYS A 60 17.36 -8.69 -0.60
CA LYS A 60 17.93 -9.07 0.68
C LYS A 60 17.29 -10.35 1.22
N VAL A 61 18.07 -11.43 1.22
CA VAL A 61 17.57 -12.71 1.70
C VAL A 61 17.65 -12.79 3.22
N ASP A 62 16.50 -12.89 3.87
CA ASP A 62 16.44 -12.97 5.32
C ASP A 62 15.74 -14.25 5.76
N VAL A 63 15.68 -14.47 7.08
CA VAL A 63 15.04 -15.66 7.62
C VAL A 63 13.63 -15.35 8.12
N ASP A 64 13.53 -14.42 9.07
CA ASP A 64 12.24 -14.03 9.61
C ASP A 64 11.62 -12.90 8.81
N LYS A 65 10.35 -12.63 9.06
CA LYS A 65 9.64 -11.56 8.35
C LYS A 65 8.38 -11.15 9.12
N ARG A 66 7.85 -9.98 8.77
CA ARG A 66 6.64 -9.48 9.41
C ARG A 66 5.49 -9.36 8.42
N GLY A 67 5.73 -8.66 7.32
CA GLY A 67 4.71 -8.49 6.31
C GLY A 67 3.46 -7.82 6.85
N LEU A 68 2.75 -7.11 5.99
CA LEU A 68 1.53 -6.42 6.38
C LEU A 68 0.62 -7.33 7.19
N GLY A 69 -0.43 -6.75 7.77
CA GLY A 69 -1.36 -7.53 8.57
C GLY A 69 -2.42 -6.67 9.23
N VAL A 70 -3.23 -6.01 8.41
CA VAL A 70 -4.29 -5.15 8.93
C VAL A 70 -5.57 -5.30 8.10
N THR A 71 -6.71 -5.23 8.78
CA THR A 71 -8.00 -5.36 8.13
C THR A 71 -8.46 -4.03 7.53
N ASP A 72 -8.70 -4.01 6.23
CA ASP A 72 -9.15 -2.81 5.54
C ASP A 72 -10.10 -3.15 4.41
N HIS A 73 -11.17 -2.37 4.29
CA HIS A 73 -12.17 -2.58 3.24
C HIS A 73 -12.56 -1.27 2.57
N ASN A 74 -12.36 -1.19 1.26
CA ASN A 74 -12.70 0.01 0.51
C ASN A 74 -13.13 -0.35 -0.91
N GLY A 75 -13.53 0.68 -1.67
CA GLY A 75 -13.97 0.45 -3.04
C GLY A 75 -13.17 1.27 -4.04
N MET A 76 -12.60 0.59 -5.02
CA MET A 76 -11.80 1.26 -6.06
C MET A 76 -12.69 1.75 -7.20
N ALA A 77 -13.44 0.82 -7.79
CA ALA A 77 -14.35 1.16 -8.89
C ALA A 77 -15.78 1.27 -8.41
N ALA A 78 -15.97 1.90 -7.25
CA ALA A 78 -17.30 2.08 -6.69
C ALA A 78 -18.27 2.65 -7.72
N LYS A 79 -19.04 1.78 -8.36
CA LYS A 79 -20.00 2.20 -9.36
C LYS A 79 -21.24 1.33 -9.32
N SER A 80 -22.27 1.72 -10.07
CA SER A 80 -23.52 0.98 -10.12
C SER A 80 -23.79 0.45 -11.52
N GLY A 81 -24.74 -0.47 -11.63
CA GLY A 81 -25.08 -1.05 -12.92
C GLY A 81 -26.45 -0.64 -13.40
N PRO A 82 -26.53 0.56 -14.02
CA PRO A 82 -27.79 1.10 -14.53
C PRO A 82 -28.30 0.32 -15.75
N SER A 83 -29.39 0.81 -16.34
CA SER A 83 -29.97 0.17 -17.52
C SER A 83 -30.68 1.19 -18.39
N SER A 84 -30.63 0.97 -19.70
CA SER A 84 -31.27 1.86 -20.65
C SER A 84 -32.23 1.10 -21.57
N GLY A 85 -32.96 1.83 -22.40
CA GLY A 85 -33.90 1.21 -23.32
C GLY A 85 -35.01 0.48 -22.59
N GLY A 1 -14.89 7.18 12.33
CA GLY A 1 -15.90 7.87 13.11
C GLY A 1 -15.77 9.38 13.02
N SER A 2 -14.67 9.90 13.54
CA SER A 2 -14.44 11.34 13.53
C SER A 2 -13.40 11.71 12.46
N SER A 3 -13.39 12.98 12.07
CA SER A 3 -12.46 13.46 11.06
C SER A 3 -11.02 13.30 11.53
N GLY A 4 -10.71 13.93 12.67
CA GLY A 4 -9.36 13.85 13.22
C GLY A 4 -8.40 14.78 12.51
N SER A 5 -7.70 14.26 11.50
CA SER A 5 -6.73 15.05 10.75
C SER A 5 -6.18 14.26 9.57
N SER A 6 -6.01 14.93 8.44
CA SER A 6 -5.48 14.29 7.24
C SER A 6 -4.60 15.25 6.44
N GLY A 7 -3.74 14.68 5.61
CA GLY A 7 -2.85 15.50 4.80
C GLY A 7 -3.48 15.94 3.50
N GLY A 8 -4.43 16.88 3.58
CA GLY A 8 -5.09 17.35 2.39
C GLY A 8 -4.23 18.30 1.58
N MET A 9 -3.58 17.77 0.55
CA MET A 9 -2.72 18.57 -0.31
C MET A 9 -2.25 17.77 -1.52
N LYS A 10 -1.98 18.47 -2.62
CA LYS A 10 -1.52 17.82 -3.85
C LYS A 10 -2.57 16.83 -4.35
N THR A 11 -3.84 17.23 -4.30
CA THR A 11 -4.92 16.38 -4.76
C THR A 11 -5.43 16.83 -6.13
N SER A 12 -4.78 16.33 -7.18
CA SER A 12 -5.16 16.68 -8.54
C SER A 12 -6.67 16.77 -8.68
N GLY A 13 -7.12 17.56 -9.65
CA GLY A 13 -8.55 17.73 -9.87
C GLY A 13 -9.19 16.49 -10.45
N LYS A 14 -8.79 16.14 -11.67
CA LYS A 14 -9.35 14.96 -12.33
C LYS A 14 -8.85 13.67 -11.67
N GLN A 15 -9.39 12.55 -12.10
CA GLN A 15 -9.00 11.25 -11.55
C GLN A 15 -7.95 10.58 -12.42
N ASP A 16 -6.69 10.88 -12.17
CA ASP A 16 -5.58 10.31 -12.92
C ASP A 16 -5.08 9.03 -12.27
N GLU A 17 -4.24 8.30 -13.00
CA GLU A 17 -3.68 7.05 -12.48
C GLU A 17 -2.33 7.28 -11.81
N ALA A 18 -1.66 8.36 -12.21
CA ALA A 18 -0.36 8.69 -11.65
C ALA A 18 -0.46 8.95 -10.15
N TRP A 19 -1.47 9.71 -9.76
CA TRP A 19 -1.69 10.04 -8.35
C TRP A 19 -1.97 8.78 -7.53
N ILE A 20 -2.66 7.83 -8.15
CA ILE A 20 -3.00 6.57 -7.47
C ILE A 20 -1.74 5.78 -7.14
N MET A 21 -0.84 5.67 -8.11
CA MET A 21 0.41 4.93 -7.92
C MET A 21 0.97 5.17 -6.52
N SER A 22 0.88 6.42 -6.06
CA SER A 22 1.37 6.77 -4.73
C SER A 22 0.69 5.95 -3.66
N ARG A 23 -0.63 5.81 -3.76
CA ARG A 23 -1.41 5.05 -2.80
C ARG A 23 -0.72 3.73 -2.47
N LEU A 24 -0.32 3.00 -3.50
CA LEU A 24 0.35 1.71 -3.31
C LEU A 24 1.71 1.90 -2.63
N ILE A 25 2.32 3.06 -2.87
CA ILE A 25 3.63 3.36 -2.27
C ILE A 25 3.51 3.51 -0.76
N LYS A 26 2.53 4.28 -0.32
CA LYS A 26 2.31 4.51 1.11
C LYS A 26 2.48 3.22 1.90
N GLN A 27 1.65 2.23 1.59
CA GLN A 27 1.72 0.94 2.28
C GLN A 27 3.17 0.51 2.48
N LEU A 28 3.94 0.51 1.40
CA LEU A 28 5.34 0.12 1.46
C LEU A 28 6.13 1.06 2.36
N THR A 29 5.99 2.36 2.12
CA THR A 29 6.69 3.37 2.91
C THR A 29 6.38 3.22 4.39
N ASP A 30 5.27 2.55 4.69
CA ASP A 30 4.86 2.34 6.08
C ASP A 30 5.47 1.06 6.63
N MET A 31 5.97 0.21 5.74
CA MET A 31 6.58 -1.06 6.14
C MET A 31 8.05 -0.86 6.50
N GLY A 32 8.85 -0.48 5.51
CA GLY A 32 10.27 -0.27 5.74
C GLY A 32 11.06 -0.18 4.46
N PHE A 33 10.50 0.48 3.45
CA PHE A 33 11.16 0.63 2.16
C PHE A 33 10.92 2.01 1.59
N PRO A 34 11.94 2.57 0.92
CA PRO A 34 11.87 3.90 0.31
C PRO A 34 10.95 3.93 -0.90
N ARG A 35 10.55 5.13 -1.30
CA ARG A 35 9.66 5.30 -2.45
C ARG A 35 10.40 5.00 -3.75
N GLU A 36 11.69 5.31 -3.78
CA GLU A 36 12.51 5.09 -4.97
C GLU A 36 12.15 3.76 -5.63
N PRO A 37 12.41 2.65 -4.92
CA PRO A 37 12.12 1.31 -5.41
C PRO A 37 10.63 1.01 -5.48
N ALA A 38 9.94 1.27 -4.38
CA ALA A 38 8.50 1.05 -4.31
C ALA A 38 7.82 1.48 -5.61
N GLU A 39 8.26 2.60 -6.16
CA GLU A 39 7.69 3.11 -7.40
C GLU A 39 8.22 2.36 -8.61
N GLU A 40 9.55 2.33 -8.74
CA GLU A 40 10.19 1.64 -9.85
C GLU A 40 9.59 0.25 -10.05
N ALA A 41 9.68 -0.57 -9.01
CA ALA A 41 9.15 -1.93 -9.06
C ALA A 41 7.70 -1.93 -9.53
N LEU A 42 6.82 -1.31 -8.75
CA LEU A 42 5.40 -1.25 -9.09
C LEU A 42 5.22 -1.13 -10.60
N LYS A 43 5.76 -0.06 -11.17
CA LYS A 43 5.65 0.17 -12.60
C LYS A 43 5.90 -1.12 -13.39
N SER A 44 6.96 -1.82 -13.04
CA SER A 44 7.32 -3.07 -13.70
C SER A 44 6.44 -4.21 -13.20
N ASN A 45 5.87 -4.03 -12.02
CA ASN A 45 5.01 -5.06 -11.44
C ASN A 45 3.54 -4.79 -11.76
N ASN A 46 3.31 -4.19 -12.93
CA ASN A 46 1.95 -3.89 -13.37
C ASN A 46 1.11 -3.33 -12.21
N MET A 47 1.75 -2.55 -11.35
CA MET A 47 1.08 -1.95 -10.21
C MET A 47 0.63 -3.02 -9.22
N ASN A 48 1.51 -3.98 -8.96
CA ASN A 48 1.20 -5.06 -8.03
C ASN A 48 1.96 -4.88 -6.73
N LEU A 49 1.27 -5.12 -5.61
CA LEU A 49 1.87 -4.99 -4.29
C LEU A 49 2.65 -6.24 -3.92
N ASP A 50 1.94 -7.36 -3.79
CA ASP A 50 2.56 -8.63 -3.44
C ASP A 50 3.78 -8.89 -4.32
N GLN A 51 3.63 -8.67 -5.62
CA GLN A 51 4.72 -8.89 -6.56
C GLN A 51 5.87 -7.90 -6.31
N ALA A 52 5.50 -6.64 -6.07
CA ALA A 52 6.49 -5.60 -5.82
C ALA A 52 7.29 -5.90 -4.56
N MET A 53 6.59 -6.00 -3.42
CA MET A 53 7.23 -6.28 -2.15
C MET A 53 8.29 -7.38 -2.30
N SER A 54 7.85 -8.55 -2.74
CA SER A 54 8.76 -9.68 -2.93
C SER A 54 9.95 -9.29 -3.82
N ALA A 55 9.67 -8.47 -4.84
CA ALA A 55 10.70 -8.03 -5.76
C ALA A 55 11.73 -7.15 -5.04
N LEU A 56 11.32 -6.55 -3.93
CA LEU A 56 12.19 -5.68 -3.16
C LEU A 56 12.93 -6.47 -2.08
N LEU A 57 12.16 -7.18 -1.26
CA LEU A 57 12.72 -7.99 -0.19
C LEU A 57 13.76 -8.97 -0.72
N GLU A 58 13.35 -9.76 -1.71
CA GLU A 58 14.24 -10.74 -2.32
C GLU A 58 15.68 -10.23 -2.36
N LYS A 59 15.82 -8.93 -2.62
CA LYS A 59 17.14 -8.31 -2.70
C LYS A 59 17.92 -8.57 -1.41
N LYS A 60 17.31 -8.29 -0.27
CA LYS A 60 17.95 -8.50 1.02
C LYS A 60 17.67 -9.90 1.55
N VAL A 61 18.72 -10.59 1.97
CA VAL A 61 18.58 -11.95 2.50
C VAL A 61 18.68 -11.95 4.03
N ASP A 62 17.58 -12.33 4.67
CA ASP A 62 17.54 -12.38 6.14
C ASP A 62 16.91 -13.68 6.61
N VAL A 63 16.95 -13.90 7.93
CA VAL A 63 16.38 -15.11 8.52
C VAL A 63 14.88 -14.96 8.77
N ASP A 64 14.51 -13.83 9.37
CA ASP A 64 13.10 -13.57 9.67
C ASP A 64 12.46 -12.76 8.55
N LYS A 65 11.20 -13.07 8.25
CA LYS A 65 10.47 -12.38 7.21
C LYS A 65 9.62 -11.25 7.78
N ARG A 66 9.40 -10.21 7.00
CA ARG A 66 8.60 -9.07 7.43
C ARG A 66 7.17 -9.20 6.94
N GLY A 67 6.30 -8.33 7.45
CA GLY A 67 4.90 -8.36 7.06
C GLY A 67 4.24 -7.01 7.19
N LEU A 68 3.04 -6.88 6.61
CA LEU A 68 2.30 -5.63 6.65
C LEU A 68 1.99 -5.23 8.10
N GLY A 69 1.78 -3.93 8.31
CA GLY A 69 1.48 -3.44 9.64
C GLY A 69 2.50 -3.91 10.67
N VAL A 70 3.56 -3.14 10.83
CA VAL A 70 4.61 -3.49 11.78
C VAL A 70 4.24 -3.03 13.19
N THR A 71 4.67 -3.79 14.20
CA THR A 71 4.38 -3.46 15.58
C THR A 71 5.30 -4.22 16.53
N ASP A 72 5.37 -3.75 17.77
CA ASP A 72 6.22 -4.39 18.78
C ASP A 72 5.39 -4.83 19.99
N HIS A 73 4.71 -3.87 20.61
CA HIS A 73 3.88 -4.16 21.78
C HIS A 73 2.70 -3.20 21.86
N ASN A 74 1.49 -3.75 21.84
CA ASN A 74 0.28 -2.93 21.90
C ASN A 74 0.06 -2.41 23.33
N GLY A 75 0.68 -1.28 23.64
CA GLY A 75 0.54 -0.69 24.96
C GLY A 75 1.08 -1.59 26.05
N MET A 76 0.61 -1.38 27.28
CA MET A 76 1.04 -2.17 28.42
C MET A 76 -0.13 -2.56 29.30
N ALA A 77 -0.13 -3.80 29.77
CA ALA A 77 -1.21 -4.28 30.64
C ALA A 77 -0.84 -4.14 32.11
N ALA A 78 -1.12 -2.98 32.68
CA ALA A 78 -0.82 -2.71 34.08
C ALA A 78 -1.22 -3.89 34.96
N LYS A 79 -2.42 -4.41 34.73
CA LYS A 79 -2.92 -5.55 35.50
C LYS A 79 -2.86 -5.25 37.00
N SER A 80 -3.24 -4.03 37.37
CA SER A 80 -3.24 -3.62 38.77
C SER A 80 -4.63 -3.71 39.36
N GLY A 81 -4.95 -4.85 39.97
CA GLY A 81 -6.26 -5.03 40.57
C GLY A 81 -6.18 -5.41 42.03
N PRO A 82 -6.01 -4.40 42.90
CA PRO A 82 -5.91 -4.61 44.35
C PRO A 82 -7.24 -5.04 44.96
N SER A 83 -7.16 -5.94 45.94
CA SER A 83 -8.36 -6.44 46.61
C SER A 83 -8.17 -6.45 48.13
N SER A 84 -9.25 -6.69 48.84
CA SER A 84 -9.22 -6.73 50.30
C SER A 84 -8.25 -7.79 50.79
N GLY A 85 -8.33 -8.97 50.20
CA GLY A 85 -7.45 -10.07 50.59
C GLY A 85 -6.05 -9.59 50.92
N GLY A 1 -25.50 -18.75 -4.24
CA GLY A 1 -24.63 -18.58 -5.39
C GLY A 1 -24.45 -17.12 -5.76
N SER A 2 -23.89 -16.88 -6.94
CA SER A 2 -23.65 -15.52 -7.40
C SER A 2 -23.85 -15.42 -8.92
N SER A 3 -24.58 -14.40 -9.35
CA SER A 3 -24.85 -14.19 -10.76
C SER A 3 -23.87 -13.18 -11.37
N GLY A 4 -23.96 -12.98 -12.68
CA GLY A 4 -23.09 -12.05 -13.35
C GLY A 4 -23.70 -11.48 -14.62
N SER A 5 -23.20 -10.33 -15.05
CA SER A 5 -23.71 -9.69 -16.26
C SER A 5 -22.64 -8.82 -16.90
N SER A 6 -22.82 -8.51 -18.19
CA SER A 6 -21.86 -7.69 -18.91
C SER A 6 -22.58 -6.71 -19.84
N GLY A 7 -21.82 -5.83 -20.48
CA GLY A 7 -22.40 -4.86 -21.38
C GLY A 7 -21.44 -3.74 -21.73
N GLY A 8 -21.92 -2.78 -22.50
CA GLY A 8 -21.08 -1.65 -22.90
C GLY A 8 -21.04 -0.56 -21.85
N MET A 9 -19.98 0.24 -21.87
CA MET A 9 -19.83 1.33 -20.91
C MET A 9 -18.75 2.31 -21.37
N LYS A 10 -18.78 3.51 -20.81
CA LYS A 10 -17.80 4.55 -21.16
C LYS A 10 -17.49 5.43 -19.96
N THR A 11 -16.54 6.34 -20.13
CA THR A 11 -16.14 7.25 -19.06
C THR A 11 -16.24 8.70 -19.51
N SER A 12 -16.69 9.57 -18.60
CA SER A 12 -16.83 10.99 -18.90
C SER A 12 -15.73 11.80 -18.23
N GLY A 13 -14.51 11.28 -18.26
CA GLY A 13 -13.39 11.96 -17.65
C GLY A 13 -13.33 11.75 -16.14
N LYS A 14 -12.17 11.32 -15.65
CA LYS A 14 -12.00 11.08 -14.22
C LYS A 14 -10.59 11.47 -13.78
N GLN A 15 -10.32 11.31 -12.48
CA GLN A 15 -9.02 11.65 -11.94
C GLN A 15 -7.90 11.00 -12.74
N ASP A 16 -6.66 11.26 -12.35
CA ASP A 16 -5.51 10.70 -13.04
C ASP A 16 -5.08 9.37 -12.41
N GLU A 17 -4.22 8.64 -13.11
CA GLU A 17 -3.75 7.36 -12.62
C GLU A 17 -2.43 7.51 -11.87
N ALA A 18 -1.69 8.57 -12.20
CA ALA A 18 -0.40 8.83 -11.56
C ALA A 18 -0.57 8.98 -10.05
N TRP A 19 -1.44 9.89 -9.64
CA TRP A 19 -1.70 10.13 -8.22
C TRP A 19 -1.96 8.82 -7.49
N ILE A 20 -2.66 7.90 -8.16
CA ILE A 20 -2.97 6.61 -7.56
C ILE A 20 -1.70 5.85 -7.20
N MET A 21 -0.73 5.83 -8.12
CA MET A 21 0.53 5.14 -7.89
C MET A 21 0.99 5.31 -6.45
N SER A 22 0.86 6.53 -5.93
CA SER A 22 1.28 6.84 -4.56
C SER A 22 0.60 5.89 -3.57
N ARG A 23 -0.72 5.79 -3.67
CA ARG A 23 -1.49 4.92 -2.79
C ARG A 23 -0.72 3.64 -2.48
N LEU A 24 -0.36 2.91 -3.52
CA LEU A 24 0.39 1.66 -3.36
C LEU A 24 1.69 1.90 -2.62
N ILE A 25 2.37 3.00 -2.95
CA ILE A 25 3.63 3.34 -2.30
C ILE A 25 3.48 3.41 -0.79
N LYS A 26 2.53 4.23 -0.33
CA LYS A 26 2.28 4.39 1.09
C LYS A 26 2.47 3.08 1.83
N GLN A 27 1.66 2.08 1.47
CA GLN A 27 1.74 0.77 2.10
C GLN A 27 3.20 0.34 2.29
N LEU A 28 3.96 0.36 1.21
CA LEU A 28 5.36 -0.02 1.25
C LEU A 28 6.15 0.89 2.19
N THR A 29 6.06 2.20 1.94
CA THR A 29 6.76 3.18 2.75
C THR A 29 6.46 2.97 4.23
N ASP A 30 5.30 2.42 4.52
CA ASP A 30 4.89 2.17 5.90
C ASP A 30 5.57 0.92 6.45
N MET A 31 5.94 0.01 5.55
CA MET A 31 6.59 -1.23 5.94
C MET A 31 8.04 -0.98 6.32
N GLY A 32 8.83 -0.45 5.38
CA GLY A 32 10.23 -0.17 5.63
C GLY A 32 11.04 -0.07 4.36
N PHE A 33 10.46 0.55 3.33
CA PHE A 33 11.13 0.72 2.06
C PHE A 33 10.89 2.12 1.48
N PRO A 34 11.92 2.67 0.83
CA PRO A 34 11.85 4.00 0.23
C PRO A 34 10.92 4.04 -0.98
N ARG A 35 10.48 5.24 -1.34
CA ARG A 35 9.59 5.41 -2.49
C ARG A 35 10.34 5.18 -3.79
N GLU A 36 11.64 5.48 -3.78
CA GLU A 36 12.47 5.30 -4.97
C GLU A 36 12.13 3.99 -5.68
N PRO A 37 12.41 2.87 -5.00
CA PRO A 37 12.16 1.53 -5.54
C PRO A 37 10.66 1.22 -5.64
N ALA A 38 9.96 1.42 -4.53
CA ALA A 38 8.52 1.17 -4.49
C ALA A 38 7.84 1.65 -5.76
N GLU A 39 8.33 2.75 -6.31
CA GLU A 39 7.76 3.32 -7.53
C GLU A 39 8.21 2.52 -8.76
N GLU A 40 9.52 2.42 -8.94
CA GLU A 40 10.08 1.68 -10.07
C GLU A 40 9.54 0.26 -10.12
N ALA A 41 9.72 -0.47 -9.03
CA ALA A 41 9.24 -1.85 -8.94
C ALA A 41 7.80 -1.96 -9.44
N LEU A 42 6.88 -1.38 -8.68
CA LEU A 42 5.47 -1.42 -9.05
C LEU A 42 5.29 -1.36 -10.56
N LYS A 43 5.68 -0.23 -11.15
CA LYS A 43 5.57 -0.05 -12.59
C LYS A 43 5.95 -1.32 -13.34
N SER A 44 6.98 -2.00 -12.83
CA SER A 44 7.47 -3.23 -13.45
C SER A 44 6.61 -4.42 -13.03
N ASN A 45 6.08 -4.36 -11.81
CA ASN A 45 5.24 -5.43 -11.30
C ASN A 45 3.79 -5.24 -11.73
N ASN A 46 3.59 -4.57 -12.86
CA ASN A 46 2.26 -4.32 -13.39
C ASN A 46 1.34 -3.76 -12.30
N MET A 47 1.86 -2.78 -11.57
CA MET A 47 1.09 -2.15 -10.50
C MET A 47 0.63 -3.18 -9.47
N ASN A 48 1.54 -4.05 -9.06
CA ASN A 48 1.23 -5.09 -8.09
C ASN A 48 1.98 -4.85 -6.78
N LEU A 49 1.28 -5.07 -5.66
CA LEU A 49 1.88 -4.87 -4.35
C LEU A 49 2.60 -6.13 -3.88
N ASP A 50 1.85 -7.23 -3.75
CA ASP A 50 2.42 -8.50 -3.32
C ASP A 50 3.66 -8.85 -4.16
N GLN A 51 3.55 -8.66 -5.46
CA GLN A 51 4.66 -8.96 -6.36
C GLN A 51 5.87 -8.08 -6.06
N ALA A 52 5.62 -6.78 -5.92
CA ALA A 52 6.69 -5.84 -5.61
C ALA A 52 7.35 -6.16 -4.29
N MET A 53 6.57 -6.12 -3.21
CA MET A 53 7.08 -6.41 -1.88
C MET A 53 8.15 -7.50 -1.93
N SER A 54 7.85 -8.58 -2.63
CA SER A 54 8.78 -9.70 -2.77
C SER A 54 10.00 -9.29 -3.57
N ALA A 55 9.77 -8.61 -4.69
CA ALA A 55 10.86 -8.15 -5.56
C ALA A 55 11.84 -7.28 -4.78
N LEU A 56 11.32 -6.50 -3.85
CA LEU A 56 12.15 -5.62 -3.05
C LEU A 56 12.79 -6.37 -1.87
N LEU A 57 11.97 -7.15 -1.18
CA LEU A 57 12.44 -7.93 -0.04
C LEU A 57 13.59 -8.86 -0.46
N GLU A 58 13.39 -9.56 -1.57
CA GLU A 58 14.40 -10.49 -2.07
C GLU A 58 15.80 -9.92 -1.88
N LYS A 59 16.07 -8.77 -2.49
CA LYS A 59 17.37 -8.12 -2.37
C LYS A 59 17.91 -8.24 -0.95
N LYS A 60 17.10 -7.84 0.02
CA LYS A 60 17.49 -7.90 1.43
C LYS A 60 16.85 -9.08 2.13
N VAL A 61 17.62 -10.15 2.32
CA VAL A 61 17.12 -11.34 2.99
C VAL A 61 17.22 -11.22 4.50
N ASP A 62 16.08 -11.05 5.15
CA ASP A 62 16.04 -10.92 6.61
C ASP A 62 15.72 -12.27 7.26
N VAL A 63 16.53 -12.63 8.26
CA VAL A 63 16.34 -13.88 8.98
C VAL A 63 14.87 -14.15 9.24
N ASP A 64 14.12 -13.09 9.51
CA ASP A 64 12.69 -13.21 9.77
C ASP A 64 11.87 -12.41 8.76
N LYS A 65 10.90 -13.05 8.16
CA LYS A 65 10.04 -12.41 7.16
C LYS A 65 9.03 -11.47 7.85
N ARG A 66 9.30 -10.18 7.77
CA ARG A 66 8.42 -9.18 8.37
C ARG A 66 7.91 -8.21 7.32
N GLY A 67 6.69 -8.45 6.85
CA GLY A 67 6.10 -7.58 5.84
C GLY A 67 4.63 -7.32 6.09
N LEU A 68 3.80 -7.69 5.12
CA LEU A 68 2.35 -7.50 5.23
C LEU A 68 1.60 -8.57 4.44
N GLY A 69 0.42 -8.93 4.94
CA GLY A 69 -0.38 -9.93 4.26
C GLY A 69 -0.52 -11.21 5.07
N VAL A 70 -1.74 -11.52 5.50
CA VAL A 70 -2.00 -12.72 6.28
C VAL A 70 -1.16 -13.88 5.80
N THR A 71 -0.47 -14.55 6.72
CA THR A 71 0.37 -15.69 6.38
C THR A 71 -0.40 -17.00 6.52
N ASP A 72 -0.55 -17.70 5.40
CA ASP A 72 -1.27 -18.97 5.39
C ASP A 72 -0.39 -20.09 5.92
N HIS A 73 -1.00 -21.24 6.19
CA HIS A 73 -0.27 -22.39 6.71
C HIS A 73 -1.15 -23.64 6.71
N ASN A 74 -0.66 -24.71 6.13
CA ASN A 74 -1.40 -25.98 6.07
C ASN A 74 -0.48 -27.17 6.32
N GLY A 75 -1.08 -28.31 6.63
CA GLY A 75 -0.29 -29.51 6.89
C GLY A 75 -1.11 -30.59 7.57
N MET A 76 -1.68 -30.26 8.73
CA MET A 76 -2.48 -31.22 9.49
C MET A 76 -3.72 -31.62 8.70
N ALA A 77 -3.93 -32.93 8.54
CA ALA A 77 -5.08 -33.44 7.83
C ALA A 77 -6.10 -34.07 8.78
N ALA A 78 -7.34 -34.19 8.31
CA ALA A 78 -8.40 -34.78 9.12
C ALA A 78 -9.53 -35.29 8.24
N LYS A 79 -10.20 -36.35 8.70
CA LYS A 79 -11.30 -36.94 7.96
C LYS A 79 -10.96 -37.08 6.48
N SER A 80 -9.72 -37.47 6.19
CA SER A 80 -9.27 -37.63 4.81
C SER A 80 -9.08 -39.11 4.47
N GLY A 81 -10.01 -39.64 3.68
CA GLY A 81 -9.93 -41.04 3.29
C GLY A 81 -8.51 -41.46 2.95
N PRO A 82 -8.18 -42.72 3.25
CA PRO A 82 -6.85 -43.28 2.98
C PRO A 82 -6.59 -43.48 1.50
N SER A 83 -5.39 -43.10 1.06
CA SER A 83 -5.02 -43.23 -0.35
C SER A 83 -3.83 -44.17 -0.51
N SER A 84 -4.12 -45.45 -0.73
CA SER A 84 -3.08 -46.46 -0.90
C SER A 84 -3.48 -47.46 -1.97
N GLY A 85 -2.49 -48.21 -2.47
CA GLY A 85 -2.76 -49.20 -3.49
C GLY A 85 -2.13 -48.84 -4.82
N GLY A 1 -14.54 1.64 9.33
CA GLY A 1 -14.25 3.07 9.25
C GLY A 1 -13.05 3.47 10.08
N SER A 2 -11.87 3.48 9.48
CA SER A 2 -10.65 3.84 10.17
C SER A 2 -10.02 5.08 9.55
N SER A 3 -10.36 6.25 10.06
CA SER A 3 -9.83 7.50 9.55
C SER A 3 -9.04 8.23 10.63
N GLY A 4 -8.22 9.20 10.21
CA GLY A 4 -7.43 9.95 11.15
C GLY A 4 -6.97 11.29 10.59
N SER A 5 -5.75 11.69 10.91
CA SER A 5 -5.21 12.96 10.44
C SER A 5 -5.33 13.07 8.92
N SER A 6 -5.55 14.28 8.44
CA SER A 6 -5.69 14.53 7.01
C SER A 6 -4.82 15.71 6.56
N GLY A 7 -4.01 15.47 5.53
CA GLY A 7 -3.14 16.51 5.03
C GLY A 7 -3.58 17.04 3.67
N GLY A 8 -4.85 17.39 3.58
CA GLY A 8 -5.38 17.90 2.32
C GLY A 8 -5.23 19.41 2.21
N MET A 9 -3.99 19.88 2.24
CA MET A 9 -3.71 21.30 2.14
C MET A 9 -4.49 21.92 0.98
N LYS A 10 -4.27 21.41 -0.22
CA LYS A 10 -4.94 21.91 -1.41
C LYS A 10 -6.13 21.04 -1.77
N THR A 11 -6.96 21.52 -2.70
CA THR A 11 -8.14 20.77 -3.13
C THR A 11 -7.82 19.89 -4.34
N SER A 12 -8.40 18.70 -4.36
CA SER A 12 -8.18 17.75 -5.45
C SER A 12 -9.45 17.59 -6.29
N GLY A 13 -9.26 17.49 -7.60
CA GLY A 13 -10.40 17.33 -8.49
C GLY A 13 -10.14 16.29 -9.57
N LYS A 14 -9.48 16.71 -10.64
CA LYS A 14 -9.17 15.81 -11.75
C LYS A 14 -8.71 14.44 -11.23
N GLN A 15 -9.21 13.38 -11.86
CA GLN A 15 -8.85 12.03 -11.45
C GLN A 15 -7.83 11.43 -12.43
N ASP A 16 -6.65 11.09 -11.90
CA ASP A 16 -5.60 10.52 -12.72
C ASP A 16 -5.09 9.22 -12.11
N GLU A 17 -4.28 8.48 -12.87
CA GLU A 17 -3.73 7.21 -12.41
C GLU A 17 -2.38 7.42 -11.72
N ALA A 18 -1.70 8.50 -12.10
CA ALA A 18 -0.39 8.82 -11.52
C ALA A 18 -0.49 9.00 -10.02
N TRP A 19 -1.42 9.84 -9.58
CA TRP A 19 -1.60 10.10 -8.16
C TRP A 19 -1.90 8.81 -7.40
N ILE A 20 -2.56 7.88 -8.07
CA ILE A 20 -2.90 6.60 -7.46
C ILE A 20 -1.64 5.79 -7.16
N MET A 21 -0.68 5.83 -8.07
CA MET A 21 0.57 5.11 -7.89
C MET A 21 1.09 5.24 -6.47
N SER A 22 0.98 6.44 -5.91
CA SER A 22 1.43 6.71 -4.55
C SER A 22 0.72 5.79 -3.55
N ARG A 23 -0.60 5.72 -3.66
CA ARG A 23 -1.39 4.88 -2.78
C ARG A 23 -0.68 3.57 -2.49
N LEU A 24 -0.34 2.83 -3.54
CA LEU A 24 0.35 1.56 -3.40
C LEU A 24 1.69 1.73 -2.70
N ILE A 25 2.35 2.85 -2.96
CA ILE A 25 3.64 3.14 -2.35
C ILE A 25 3.50 3.33 -0.84
N LYS A 26 2.61 4.23 -0.45
CA LYS A 26 2.38 4.51 0.97
C LYS A 26 2.46 3.22 1.79
N GLN A 27 1.65 2.23 1.42
CA GLN A 27 1.62 0.96 2.12
C GLN A 27 3.03 0.46 2.39
N LEU A 28 3.91 0.60 1.40
CA LEU A 28 5.29 0.16 1.53
C LEU A 28 6.10 1.14 2.38
N THR A 29 5.94 2.43 2.10
CA THR A 29 6.66 3.46 2.83
C THR A 29 6.42 3.33 4.33
N ASP A 30 5.27 2.77 4.70
CA ASP A 30 4.93 2.58 6.11
C ASP A 30 5.53 1.29 6.64
N MET A 31 5.84 0.36 5.74
CA MET A 31 6.42 -0.92 6.13
C MET A 31 7.89 -0.75 6.51
N GLY A 32 8.72 -0.45 5.52
CA GLY A 32 10.14 -0.27 5.78
C GLY A 32 10.95 -0.14 4.51
N PHE A 33 10.36 0.49 3.49
CA PHE A 33 11.03 0.67 2.21
C PHE A 33 10.73 2.06 1.64
N PRO A 34 11.74 2.66 0.98
CA PRO A 34 11.61 3.99 0.38
C PRO A 34 10.69 3.98 -0.84
N ARG A 35 10.33 5.17 -1.30
CA ARG A 35 9.46 5.30 -2.46
C ARG A 35 10.23 5.04 -3.76
N GLU A 36 11.51 5.41 -3.76
CA GLU A 36 12.35 5.23 -4.93
C GLU A 36 12.07 3.88 -5.61
N PRO A 37 12.37 2.79 -4.88
CA PRO A 37 12.14 1.43 -5.39
C PRO A 37 10.66 1.08 -5.50
N ALA A 38 9.93 1.31 -4.41
CA ALA A 38 8.49 1.02 -4.39
C ALA A 38 7.81 1.57 -5.64
N GLU A 39 8.44 2.54 -6.29
CA GLU A 39 7.89 3.14 -7.49
C GLU A 39 8.36 2.39 -8.74
N GLU A 40 9.68 2.21 -8.84
CA GLU A 40 10.26 1.52 -9.99
C GLU A 40 9.73 0.08 -10.08
N ALA A 41 9.76 -0.62 -8.95
CA ALA A 41 9.29 -2.00 -8.90
C ALA A 41 7.84 -2.10 -9.37
N LEU A 42 6.94 -1.45 -8.65
CA LEU A 42 5.53 -1.47 -9.00
C LEU A 42 5.33 -1.41 -10.51
N LYS A 43 6.00 -0.45 -11.15
CA LYS A 43 5.91 -0.29 -12.59
C LYS A 43 6.12 -1.62 -13.31
N SER A 44 7.07 -2.40 -12.82
CA SER A 44 7.38 -3.70 -13.41
C SER A 44 6.51 -4.79 -12.81
N ASN A 45 5.85 -4.47 -11.69
CA ASN A 45 4.99 -5.42 -11.01
C ASN A 45 3.53 -5.16 -11.33
N ASN A 46 3.27 -4.68 -12.55
CA ASN A 46 1.91 -4.39 -12.99
C ASN A 46 1.12 -3.70 -11.88
N MET A 47 1.80 -2.85 -11.11
CA MET A 47 1.16 -2.13 -10.02
C MET A 47 0.58 -3.09 -8.99
N ASN A 48 1.42 -4.02 -8.52
CA ASN A 48 0.99 -5.00 -7.53
C ASN A 48 1.79 -4.85 -6.24
N LEU A 49 1.18 -5.27 -5.13
CA LEU A 49 1.84 -5.18 -3.83
C LEU A 49 2.57 -6.47 -3.50
N ASP A 50 1.92 -7.61 -3.73
CA ASP A 50 2.52 -8.90 -3.47
C ASP A 50 3.70 -9.16 -4.39
N GLN A 51 3.58 -8.70 -5.64
CA GLN A 51 4.64 -8.89 -6.62
C GLN A 51 5.75 -7.85 -6.43
N ALA A 52 5.35 -6.61 -6.16
CA ALA A 52 6.31 -5.54 -5.94
C ALA A 52 7.12 -5.76 -4.67
N MET A 53 6.43 -6.04 -3.58
CA MET A 53 7.09 -6.28 -2.30
C MET A 53 8.19 -7.33 -2.44
N SER A 54 7.82 -8.50 -2.94
CA SER A 54 8.77 -9.59 -3.12
C SER A 54 9.94 -9.14 -4.00
N ALA A 55 9.66 -8.28 -4.96
CA ALA A 55 10.69 -7.77 -5.86
C ALA A 55 11.73 -6.95 -5.10
N LEU A 56 11.28 -6.26 -4.05
CA LEU A 56 12.17 -5.44 -3.24
C LEU A 56 12.83 -6.27 -2.15
N LEU A 57 12.06 -7.13 -1.51
CA LEU A 57 12.57 -7.99 -0.44
C LEU A 57 13.57 -8.99 -1.00
N GLU A 58 13.19 -9.67 -2.08
CA GLU A 58 14.06 -10.67 -2.70
C GLU A 58 15.48 -10.14 -2.83
N LYS A 59 15.61 -8.84 -3.07
CA LYS A 59 16.91 -8.22 -3.22
C LYS A 59 17.35 -7.55 -1.91
N LYS A 60 17.07 -8.23 -0.79
CA LYS A 60 17.43 -7.71 0.52
C LYS A 60 17.14 -8.73 1.61
N VAL A 61 18.11 -8.97 2.48
CA VAL A 61 17.95 -9.92 3.57
C VAL A 61 17.73 -9.20 4.90
N ASP A 62 16.56 -9.42 5.48
CA ASP A 62 16.22 -8.80 6.76
C ASP A 62 15.05 -9.52 7.43
N VAL A 63 15.27 -10.00 8.64
CA VAL A 63 14.24 -10.71 9.39
C VAL A 63 13.26 -9.74 10.03
N ASP A 64 12.12 -9.55 9.38
CA ASP A 64 11.08 -8.65 9.88
C ASP A 64 9.69 -9.13 9.50
N LYS A 65 8.91 -9.54 10.50
CA LYS A 65 7.56 -10.04 10.26
C LYS A 65 6.68 -8.94 9.66
N ARG A 66 5.91 -9.30 8.65
CA ARG A 66 5.02 -8.35 8.00
C ARG A 66 3.73 -8.18 8.78
N GLY A 67 3.30 -6.94 8.95
CA GLY A 67 2.08 -6.66 9.69
C GLY A 67 1.01 -6.04 8.82
N LEU A 68 0.73 -6.66 7.68
CA LEU A 68 -0.28 -6.17 6.76
C LEU A 68 -1.50 -7.08 6.74
N GLY A 69 -2.47 -6.77 7.59
CA GLY A 69 -3.69 -7.57 7.66
C GLY A 69 -3.44 -8.94 8.23
N VAL A 70 -3.30 -9.03 9.55
CA VAL A 70 -3.05 -10.29 10.22
C VAL A 70 -4.36 -10.88 10.77
N THR A 71 -4.55 -12.18 10.54
CA THR A 71 -5.74 -12.86 11.01
C THR A 71 -5.62 -13.25 12.49
N ASP A 72 -5.88 -12.29 13.36
CA ASP A 72 -5.79 -12.52 14.79
C ASP A 72 -7.02 -11.96 15.51
N HIS A 73 -7.63 -12.78 16.36
CA HIS A 73 -8.81 -12.38 17.11
C HIS A 73 -8.44 -11.38 18.21
N ASN A 74 -9.18 -10.28 18.28
CA ASN A 74 -8.93 -9.26 19.29
C ASN A 74 -9.54 -9.66 20.63
N GLY A 75 -10.77 -10.15 20.60
CA GLY A 75 -11.44 -10.57 21.82
C GLY A 75 -11.35 -9.52 22.92
N MET A 76 -12.06 -8.42 22.75
CA MET A 76 -12.05 -7.34 23.73
C MET A 76 -13.44 -6.69 23.85
N ALA A 77 -13.75 -6.17 25.03
CA ALA A 77 -15.03 -5.53 25.26
C ALA A 77 -14.84 -4.17 25.91
N ALA A 78 -13.86 -3.42 25.45
CA ALA A 78 -13.57 -2.09 25.98
C ALA A 78 -14.83 -1.22 25.97
N LYS A 79 -15.16 -0.66 27.12
CA LYS A 79 -16.33 0.20 27.25
C LYS A 79 -16.18 1.16 28.42
N SER A 80 -16.46 2.44 28.17
CA SER A 80 -16.34 3.47 29.20
C SER A 80 -17.66 3.59 29.97
N GLY A 81 -18.73 3.94 29.27
CA GLY A 81 -20.02 4.09 29.90
C GLY A 81 -20.73 5.36 29.48
N PRO A 82 -21.87 5.65 30.13
CA PRO A 82 -22.67 6.85 29.83
C PRO A 82 -21.98 8.13 30.28
N SER A 83 -21.11 8.01 31.28
CA SER A 83 -20.38 9.16 31.81
C SER A 83 -18.88 8.93 31.76
N SER A 84 -18.22 9.59 30.80
CA SER A 84 -16.78 9.43 30.64
C SER A 84 -16.03 10.20 31.73
N GLY A 85 -15.86 9.55 32.88
CA GLY A 85 -15.16 10.18 33.99
C GLY A 85 -15.88 9.99 35.31
N GLY A 1 13.63 -5.34 -21.17
CA GLY A 1 14.64 -4.31 -20.98
C GLY A 1 14.36 -3.07 -21.80
N SER A 2 13.40 -2.26 -21.35
CA SER A 2 13.04 -1.04 -22.05
C SER A 2 13.32 0.19 -21.19
N SER A 3 13.67 1.29 -21.85
CA SER A 3 13.96 2.53 -21.14
C SER A 3 13.27 3.72 -21.80
N GLY A 4 13.35 4.88 -21.15
CA GLY A 4 12.72 6.07 -21.70
C GLY A 4 11.45 6.45 -20.95
N SER A 5 11.57 6.65 -19.64
CA SER A 5 10.42 7.02 -18.82
C SER A 5 10.64 8.38 -18.17
N SER A 6 9.71 9.30 -18.42
CA SER A 6 9.80 10.64 -17.86
C SER A 6 8.76 10.84 -16.77
N GLY A 7 9.20 10.89 -15.52
CA GLY A 7 8.29 11.09 -14.40
C GLY A 7 8.53 12.40 -13.68
N GLY A 8 7.52 12.86 -12.95
CA GLY A 8 7.65 14.10 -12.21
C GLY A 8 6.67 14.19 -11.05
N MET A 9 6.32 15.42 -10.67
CA MET A 9 5.39 15.63 -9.56
C MET A 9 4.19 16.46 -10.02
N LYS A 10 3.29 15.82 -10.76
CA LYS A 10 2.09 16.49 -11.25
C LYS A 10 1.01 16.53 -10.18
N THR A 11 0.43 17.71 -9.99
CA THR A 11 -0.63 17.87 -8.99
C THR A 11 -1.90 18.45 -9.62
N SER A 12 -2.85 17.57 -9.91
CA SER A 12 -4.11 17.99 -10.53
C SER A 12 -5.30 17.36 -9.81
N GLY A 13 -6.39 18.12 -9.70
CA GLY A 13 -7.58 17.63 -9.04
C GLY A 13 -8.45 16.79 -9.96
N LYS A 14 -7.82 15.94 -10.76
CA LYS A 14 -8.55 15.09 -11.69
C LYS A 14 -8.30 13.62 -11.38
N GLN A 15 -9.10 12.75 -11.98
CA GLN A 15 -8.96 11.30 -11.77
C GLN A 15 -7.87 10.72 -12.66
N ASP A 16 -6.64 10.81 -12.19
CA ASP A 16 -5.50 10.28 -12.94
C ASP A 16 -4.93 9.04 -12.27
N GLU A 17 -3.98 8.38 -12.94
CA GLU A 17 -3.35 7.19 -12.40
C GLU A 17 -2.08 7.53 -11.64
N ALA A 18 -1.33 8.51 -12.16
CA ALA A 18 -0.10 8.93 -11.52
C ALA A 18 -0.28 9.13 -10.02
N TRP A 19 -1.33 9.86 -9.65
CA TRP A 19 -1.62 10.13 -8.25
C TRP A 19 -1.90 8.83 -7.49
N ILE A 20 -2.53 7.88 -8.18
CA ILE A 20 -2.86 6.59 -7.58
C ILE A 20 -1.59 5.83 -7.21
N MET A 21 -0.64 5.78 -8.13
CA MET A 21 0.62 5.08 -7.91
C MET A 21 1.07 5.23 -6.45
N SER A 22 0.99 6.45 -5.94
CA SER A 22 1.40 6.73 -4.56
C SER A 22 0.66 5.81 -3.58
N ARG A 23 -0.65 5.74 -3.74
CA ARG A 23 -1.48 4.90 -2.87
C ARG A 23 -0.76 3.60 -2.54
N LEU A 24 -0.33 2.87 -3.56
CA LEU A 24 0.36 1.61 -3.37
C LEU A 24 1.70 1.83 -2.67
N ILE A 25 2.35 2.94 -2.97
CA ILE A 25 3.63 3.28 -2.36
C ILE A 25 3.49 3.50 -0.86
N LYS A 26 2.37 4.09 -0.46
CA LYS A 26 2.09 4.35 0.95
C LYS A 26 2.21 3.09 1.78
N GLN A 27 1.60 2.01 1.28
CA GLN A 27 1.63 0.73 1.99
C GLN A 27 3.06 0.29 2.25
N LEU A 28 3.91 0.41 1.23
CA LEU A 28 5.31 0.02 1.34
C LEU A 28 6.07 0.98 2.27
N THR A 29 6.05 2.26 1.92
CA THR A 29 6.73 3.27 2.72
C THR A 29 6.38 3.14 4.20
N ASP A 30 5.24 2.52 4.47
CA ASP A 30 4.79 2.33 5.84
C ASP A 30 5.54 1.16 6.50
N MET A 31 5.88 0.17 5.70
CA MET A 31 6.59 -1.00 6.20
C MET A 31 8.03 -0.65 6.57
N GLY A 32 8.85 -0.43 5.55
CA GLY A 32 10.25 -0.09 5.78
C GLY A 32 11.05 -0.01 4.50
N PHE A 33 10.45 0.59 3.47
CA PHE A 33 11.12 0.73 2.18
C PHE A 33 10.84 2.11 1.58
N PRO A 34 11.87 2.66 0.90
CA PRO A 34 11.76 3.98 0.26
C PRO A 34 10.82 3.98 -0.94
N ARG A 35 10.48 5.16 -1.42
CA ARG A 35 9.59 5.29 -2.57
C ARG A 35 10.34 5.02 -3.87
N GLU A 36 11.64 5.32 -3.87
CA GLU A 36 12.46 5.11 -5.05
C GLU A 36 12.15 3.77 -5.71
N PRO A 37 12.44 2.67 -4.99
CA PRO A 37 12.20 1.32 -5.48
C PRO A 37 10.71 0.98 -5.55
N ALA A 38 10.00 1.23 -4.46
CA ALA A 38 8.57 0.95 -4.39
C ALA A 38 7.87 1.44 -5.66
N GLU A 39 8.41 2.48 -6.27
CA GLU A 39 7.84 3.05 -7.48
C GLU A 39 8.29 2.26 -8.72
N GLU A 40 9.60 2.21 -8.93
CA GLU A 40 10.16 1.49 -10.07
C GLU A 40 9.59 0.08 -10.16
N ALA A 41 9.43 -0.56 -9.01
CA ALA A 41 8.89 -1.92 -8.96
C ALA A 41 7.41 -1.93 -9.35
N LEU A 42 6.57 -1.37 -8.49
CA LEU A 42 5.13 -1.32 -8.74
C LEU A 42 4.85 -1.14 -10.23
N LYS A 43 5.55 -0.19 -10.85
CA LYS A 43 5.37 0.07 -12.27
C LYS A 43 5.51 -1.20 -13.09
N SER A 44 6.55 -1.98 -12.79
CA SER A 44 6.79 -3.23 -13.50
C SER A 44 5.99 -4.38 -12.88
N ASN A 45 5.46 -4.14 -11.68
CA ASN A 45 4.67 -5.15 -10.98
C ASN A 45 3.18 -4.95 -11.23
N ASN A 46 2.84 -4.50 -12.44
CA ASN A 46 1.45 -4.26 -12.81
C ASN A 46 0.69 -3.64 -11.64
N MET A 47 1.35 -2.78 -10.88
CA MET A 47 0.74 -2.11 -9.74
C MET A 47 0.27 -3.13 -8.70
N ASN A 48 1.14 -4.08 -8.38
CA ASN A 48 0.81 -5.11 -7.40
C ASN A 48 1.65 -4.95 -6.13
N LEU A 49 1.10 -5.40 -5.00
CA LEU A 49 1.80 -5.30 -3.72
C LEU A 49 2.61 -6.57 -3.45
N ASP A 50 1.99 -7.72 -3.66
CA ASP A 50 2.65 -9.00 -3.44
C ASP A 50 3.82 -9.17 -4.41
N GLN A 51 3.66 -8.70 -5.63
CA GLN A 51 4.69 -8.81 -6.64
C GLN A 51 5.76 -7.74 -6.44
N ALA A 52 5.32 -6.54 -6.07
CA ALA A 52 6.24 -5.43 -5.84
C ALA A 52 7.10 -5.67 -4.61
N MET A 53 6.44 -5.96 -3.49
CA MET A 53 7.14 -6.21 -2.23
C MET A 53 8.28 -7.20 -2.43
N SER A 54 7.95 -8.39 -2.90
CA SER A 54 8.94 -9.43 -3.14
C SER A 54 10.15 -8.86 -3.87
N ALA A 55 9.89 -8.09 -4.92
CA ALA A 55 10.96 -7.48 -5.71
C ALA A 55 11.96 -6.74 -4.81
N LEU A 56 11.46 -6.19 -3.71
CA LEU A 56 12.29 -5.47 -2.77
C LEU A 56 12.90 -6.40 -1.74
N LEU A 57 12.04 -7.20 -1.10
CA LEU A 57 12.50 -8.15 -0.09
C LEU A 57 13.59 -9.06 -0.64
N GLU A 58 13.29 -9.76 -1.73
CA GLU A 58 14.25 -10.66 -2.36
C GLU A 58 15.66 -10.07 -2.31
N LYS A 59 15.79 -8.85 -2.81
CA LYS A 59 17.08 -8.17 -2.82
C LYS A 59 17.64 -8.02 -1.41
N LYS A 60 16.87 -7.35 -0.54
CA LYS A 60 17.27 -7.14 0.83
C LYS A 60 16.92 -8.34 1.70
N VAL A 61 17.92 -9.12 2.06
CA VAL A 61 17.72 -10.30 2.90
C VAL A 61 17.54 -9.91 4.36
N ASP A 62 16.31 -9.98 4.84
CA ASP A 62 16.00 -9.64 6.23
C ASP A 62 14.98 -10.61 6.81
N VAL A 63 14.73 -10.49 8.11
CA VAL A 63 13.79 -11.36 8.80
C VAL A 63 12.61 -10.56 9.35
N ASP A 64 11.60 -10.34 8.52
CA ASP A 64 10.42 -9.58 8.93
C ASP A 64 9.22 -10.51 9.08
N LYS A 65 8.18 -10.02 9.76
CA LYS A 65 6.96 -10.80 9.97
C LYS A 65 6.42 -11.34 8.65
N ARG A 66 5.43 -12.21 8.74
CA ARG A 66 4.82 -12.81 7.55
C ARG A 66 4.20 -11.73 6.67
N GLY A 67 4.95 -11.28 5.67
CA GLY A 67 4.46 -10.26 4.77
C GLY A 67 3.98 -9.01 5.50
N LEU A 68 2.71 -8.69 5.35
CA LEU A 68 2.14 -7.51 6.00
C LEU A 68 0.91 -7.88 6.82
N GLY A 69 -0.09 -8.44 6.15
CA GLY A 69 -1.30 -8.84 6.83
C GLY A 69 -2.56 -8.48 6.05
N VAL A 70 -2.78 -9.19 4.95
CA VAL A 70 -3.94 -8.94 4.10
C VAL A 70 -5.15 -9.74 4.58
N THR A 71 -5.32 -9.81 5.90
CA THR A 71 -6.43 -10.55 6.49
C THR A 71 -7.03 -9.81 7.67
N ASP A 72 -8.33 -9.96 7.86
CA ASP A 72 -9.02 -9.30 8.97
C ASP A 72 -9.89 -10.29 9.74
N HIS A 73 -9.34 -10.84 10.81
CA HIS A 73 -10.07 -11.80 11.63
C HIS A 73 -9.50 -11.84 13.05
N ASN A 74 -10.39 -11.84 14.04
CA ASN A 74 -9.98 -11.87 15.44
C ASN A 74 -10.37 -13.20 16.09
N GLY A 75 -9.76 -13.49 17.23
CA GLY A 75 -10.06 -14.73 17.94
C GLY A 75 -10.57 -14.49 19.34
N MET A 76 -11.73 -15.05 19.65
CA MET A 76 -12.33 -14.89 20.97
C MET A 76 -13.21 -16.08 21.31
N ALA A 77 -13.18 -16.51 22.57
CA ALA A 77 -13.99 -17.63 23.02
C ALA A 77 -14.38 -17.47 24.48
N ALA A 78 -15.58 -17.92 24.82
CA ALA A 78 -16.08 -17.84 26.19
C ALA A 78 -17.42 -18.54 26.33
N LYS A 79 -17.69 -19.05 27.53
CA LYS A 79 -18.94 -19.75 27.81
C LYS A 79 -19.65 -19.16 29.02
N SER A 80 -20.84 -19.67 29.32
CA SER A 80 -21.61 -19.19 30.45
C SER A 80 -21.30 -20.00 31.71
N GLY A 81 -21.56 -21.30 31.65
CA GLY A 81 -21.30 -22.15 32.79
C GLY A 81 -22.56 -22.47 33.57
N PRO A 82 -22.59 -23.65 34.20
CA PRO A 82 -23.73 -24.10 35.00
C PRO A 82 -23.88 -23.29 36.30
N SER A 83 -24.83 -23.71 37.14
CA SER A 83 -25.08 -23.03 38.41
C SER A 83 -25.09 -24.02 39.56
N SER A 84 -25.26 -23.50 40.77
CA SER A 84 -25.27 -24.34 41.97
C SER A 84 -26.39 -23.91 42.91
N GLY A 85 -26.53 -24.63 44.02
CA GLY A 85 -27.56 -24.30 44.99
C GLY A 85 -27.80 -25.42 45.98
N GLY A 1 26.25 20.25 -5.38
CA GLY A 1 24.86 19.87 -5.21
C GLY A 1 24.23 19.39 -6.51
N SER A 2 22.94 19.67 -6.67
CA SER A 2 22.22 19.26 -7.87
C SER A 2 20.85 19.92 -7.92
N SER A 3 20.19 19.81 -9.08
CA SER A 3 18.87 20.39 -9.27
C SER A 3 17.82 19.65 -8.44
N GLY A 4 17.13 20.39 -7.57
CA GLY A 4 16.13 19.79 -6.72
C GLY A 4 14.82 19.54 -7.46
N SER A 5 14.01 18.62 -6.94
CA SER A 5 12.73 18.29 -7.57
C SER A 5 11.60 19.09 -6.95
N SER A 6 11.25 20.20 -7.61
CA SER A 6 10.18 21.06 -7.11
C SER A 6 8.83 20.35 -7.18
N GLY A 7 7.81 20.98 -6.61
CA GLY A 7 6.48 20.39 -6.61
C GLY A 7 5.45 21.30 -5.97
N GLY A 8 5.22 21.10 -4.67
CA GLY A 8 4.25 21.92 -3.96
C GLY A 8 2.83 21.40 -4.14
N MET A 9 2.28 21.58 -5.33
CA MET A 9 0.92 21.13 -5.62
C MET A 9 0.91 20.12 -6.76
N LYS A 10 0.47 18.90 -6.46
CA LYS A 10 0.40 17.85 -7.46
C LYS A 10 -0.80 18.02 -8.37
N THR A 11 -2.00 17.99 -7.77
CA THR A 11 -3.23 18.15 -8.53
C THR A 11 -4.37 18.62 -7.64
N SER A 12 -4.96 19.76 -7.99
CA SER A 12 -6.05 20.34 -7.21
C SER A 12 -7.26 19.40 -7.21
N GLY A 13 -7.79 19.15 -8.40
CA GLY A 13 -8.95 18.28 -8.52
C GLY A 13 -9.06 17.64 -9.89
N LYS A 14 -8.32 16.54 -10.09
CA LYS A 14 -8.34 15.84 -11.37
C LYS A 14 -8.04 14.35 -11.17
N GLN A 15 -9.01 13.51 -11.54
CA GLN A 15 -8.84 12.06 -11.40
C GLN A 15 -7.80 11.54 -12.37
N ASP A 16 -6.65 11.12 -11.84
CA ASP A 16 -5.57 10.61 -12.66
C ASP A 16 -4.99 9.33 -12.05
N GLU A 17 -4.08 8.70 -12.78
CA GLU A 17 -3.46 7.46 -12.31
C GLU A 17 -2.14 7.76 -11.59
N ALA A 18 -1.40 8.74 -12.10
CA ALA A 18 -0.13 9.13 -11.52
C ALA A 18 -0.25 9.31 -10.01
N TRP A 19 -1.25 10.06 -9.58
CA TRP A 19 -1.49 10.31 -8.16
C TRP A 19 -1.78 9.01 -7.42
N ILE A 20 -2.46 8.09 -8.10
CA ILE A 20 -2.81 6.81 -7.51
C ILE A 20 -1.56 5.98 -7.20
N MET A 21 -0.65 5.93 -8.17
CA MET A 21 0.59 5.18 -8.00
C MET A 21 1.12 5.32 -6.57
N SER A 22 1.03 6.52 -6.03
CA SER A 22 1.51 6.79 -4.68
C SER A 22 0.79 5.90 -3.67
N ARG A 23 -0.53 5.82 -3.80
CA ARG A 23 -1.33 5.00 -2.90
C ARG A 23 -0.66 3.65 -2.63
N LEU A 24 -0.25 2.99 -3.70
CA LEU A 24 0.42 1.70 -3.57
C LEU A 24 1.74 1.82 -2.82
N ILE A 25 2.38 2.98 -2.95
CA ILE A 25 3.64 3.23 -2.27
C ILE A 25 3.45 3.37 -0.78
N LYS A 26 2.51 4.24 -0.38
CA LYS A 26 2.23 4.46 1.04
C LYS A 26 2.26 3.14 1.81
N GLN A 27 1.57 2.14 1.28
CA GLN A 27 1.51 0.83 1.92
C GLN A 27 2.91 0.31 2.23
N LEU A 28 3.85 0.56 1.32
CA LEU A 28 5.23 0.12 1.49
C LEU A 28 5.99 1.08 2.40
N THR A 29 5.87 2.38 2.13
CA THR A 29 6.54 3.39 2.92
C THR A 29 6.33 3.16 4.42
N ASP A 30 5.30 2.39 4.74
CA ASP A 30 4.98 2.09 6.14
C ASP A 30 5.76 0.87 6.62
N MET A 31 5.92 -0.11 5.74
CA MET A 31 6.65 -1.32 6.07
C MET A 31 8.10 -1.01 6.44
N GLY A 32 8.86 -0.50 5.47
CA GLY A 32 10.24 -0.17 5.71
C GLY A 32 11.02 0.04 4.43
N PHE A 33 10.34 0.56 3.41
CA PHE A 33 10.98 0.81 2.11
C PHE A 33 10.58 2.18 1.56
N PRO A 34 11.53 2.85 0.90
CA PRO A 34 11.31 4.17 0.31
C PRO A 34 10.36 4.11 -0.89
N ARG A 35 10.04 5.29 -1.43
CA ARG A 35 9.15 5.37 -2.59
C ARG A 35 9.93 5.18 -3.89
N GLU A 36 11.19 5.60 -3.89
CA GLU A 36 12.04 5.48 -5.07
C GLU A 36 11.84 4.13 -5.74
N PRO A 37 12.22 3.05 -5.04
CA PRO A 37 12.10 1.68 -5.55
C PRO A 37 10.64 1.23 -5.64
N ALA A 38 9.90 1.40 -4.55
CA ALA A 38 8.50 1.01 -4.51
C ALA A 38 7.75 1.51 -5.74
N GLU A 39 8.26 2.58 -6.35
CA GLU A 39 7.64 3.15 -7.53
C GLU A 39 8.07 2.40 -8.79
N GLU A 40 9.37 2.11 -8.88
CA GLU A 40 9.91 1.39 -10.03
C GLU A 40 9.38 -0.05 -10.07
N ALA A 41 9.54 -0.76 -8.97
CA ALA A 41 9.08 -2.14 -8.88
C ALA A 41 7.65 -2.28 -9.38
N LEU A 42 6.72 -1.63 -8.69
CA LEU A 42 5.31 -1.67 -9.06
C LEU A 42 5.15 -1.58 -10.58
N LYS A 43 5.72 -0.54 -11.17
CA LYS A 43 5.64 -0.34 -12.61
C LYS A 43 5.90 -1.65 -13.37
N SER A 44 6.81 -2.45 -12.82
CA SER A 44 7.16 -3.73 -13.45
C SER A 44 6.31 -4.86 -12.86
N ASN A 45 5.71 -4.60 -11.70
CA ASN A 45 4.87 -5.60 -11.04
C ASN A 45 3.40 -5.35 -11.33
N ASN A 46 3.10 -4.94 -12.56
CA ASN A 46 1.73 -4.67 -12.97
C ASN A 46 0.96 -3.96 -11.85
N MET A 47 1.67 -3.15 -11.08
CA MET A 47 1.05 -2.41 -9.99
C MET A 47 0.54 -3.36 -8.90
N ASN A 48 1.39 -4.31 -8.52
CA ASN A 48 1.04 -5.29 -7.50
C ASN A 48 1.85 -5.05 -6.23
N LEU A 49 1.28 -5.46 -5.09
CA LEU A 49 1.95 -5.30 -3.80
C LEU A 49 2.73 -6.55 -3.44
N ASP A 50 2.10 -7.71 -3.60
CA ASP A 50 2.74 -8.98 -3.30
C ASP A 50 3.92 -9.23 -4.23
N GLN A 51 3.77 -8.84 -5.49
CA GLN A 51 4.82 -9.04 -6.49
C GLN A 51 5.93 -8.00 -6.31
N ALA A 52 5.54 -6.76 -6.03
CA ALA A 52 6.49 -5.69 -5.83
C ALA A 52 7.26 -5.87 -4.53
N MET A 53 6.54 -6.03 -3.43
CA MET A 53 7.17 -6.22 -2.13
C MET A 53 8.27 -7.27 -2.19
N SER A 54 7.93 -8.43 -2.76
CA SER A 54 8.89 -9.52 -2.88
C SER A 54 10.07 -9.12 -3.75
N ALA A 55 9.80 -8.31 -4.77
CA ALA A 55 10.84 -7.84 -5.68
C ALA A 55 11.86 -6.98 -4.95
N LEU A 56 11.41 -6.32 -3.89
CA LEU A 56 12.27 -5.45 -3.10
C LEU A 56 12.91 -6.22 -1.94
N LEU A 57 12.12 -7.07 -1.30
CA LEU A 57 12.62 -7.86 -0.18
C LEU A 57 13.58 -8.94 -0.65
N GLU A 58 13.14 -9.73 -1.63
CA GLU A 58 13.97 -10.80 -2.17
C GLU A 58 15.44 -10.40 -2.19
N LYS A 59 15.70 -9.14 -2.55
CA LYS A 59 17.05 -8.63 -2.60
C LYS A 59 17.91 -9.22 -1.48
N LYS A 60 17.41 -9.12 -0.25
CA LYS A 60 18.11 -9.65 0.91
C LYS A 60 17.18 -10.46 1.80
N VAL A 61 17.74 -11.44 2.49
CA VAL A 61 16.96 -12.30 3.38
C VAL A 61 16.59 -11.57 4.66
N ASP A 62 15.32 -11.18 4.77
CA ASP A 62 14.83 -10.47 5.94
C ASP A 62 13.50 -11.05 6.41
N VAL A 63 12.91 -10.41 7.41
CA VAL A 63 11.62 -10.85 7.95
C VAL A 63 10.53 -9.81 7.69
N ASP A 64 9.58 -10.17 6.86
CA ASP A 64 8.47 -9.27 6.53
C ASP A 64 7.18 -9.74 7.19
N LYS A 65 6.14 -8.91 7.08
CA LYS A 65 4.84 -9.23 7.68
C LYS A 65 4.20 -10.43 6.98
N ARG A 66 3.42 -11.19 7.72
CA ARG A 66 2.74 -12.37 7.17
C ARG A 66 2.21 -12.08 5.77
N GLY A 67 1.59 -10.92 5.60
CA GLY A 67 1.04 -10.54 4.31
C GLY A 67 -0.34 -9.94 4.43
N LEU A 68 -0.73 -9.16 3.41
CA LEU A 68 -2.04 -8.51 3.40
C LEU A 68 -3.08 -9.42 2.75
N GLY A 69 -3.89 -10.07 3.58
CA GLY A 69 -4.92 -10.95 3.07
C GLY A 69 -6.02 -11.21 4.09
N VAL A 70 -6.87 -10.22 4.31
CA VAL A 70 -7.96 -10.35 5.26
C VAL A 70 -9.32 -10.27 4.57
N THR A 71 -10.26 -11.09 5.01
CA THR A 71 -11.60 -11.12 4.42
C THR A 71 -12.66 -10.94 5.49
N ASP A 72 -13.81 -10.41 5.08
CA ASP A 72 -14.92 -10.18 6.01
C ASP A 72 -16.21 -10.78 5.46
N HIS A 73 -17.06 -11.25 6.35
CA HIS A 73 -18.34 -11.85 5.96
C HIS A 73 -19.35 -10.77 5.60
N ASN A 74 -19.41 -9.73 6.42
CA ASN A 74 -20.34 -8.63 6.19
C ASN A 74 -19.93 -7.38 6.97
N GLY A 75 -20.02 -6.23 6.32
CA GLY A 75 -19.65 -4.98 6.97
C GLY A 75 -20.84 -4.20 7.44
N MET A 76 -20.59 -3.11 8.16
CA MET A 76 -21.67 -2.27 8.68
C MET A 76 -21.18 -0.82 8.87
N ALA A 77 -21.82 0.11 8.17
CA ALA A 77 -21.46 1.52 8.27
C ALA A 77 -22.63 2.41 7.87
N ALA A 78 -23.02 3.30 8.77
CA ALA A 78 -24.12 4.22 8.50
C ALA A 78 -24.28 5.23 9.64
N LYS A 79 -24.26 6.51 9.29
CA LYS A 79 -24.41 7.57 10.28
C LYS A 79 -25.86 7.69 10.74
N SER A 80 -26.75 7.96 9.79
CA SER A 80 -28.18 8.10 10.11
C SER A 80 -28.82 6.74 10.31
N GLY A 81 -29.36 6.51 11.50
CA GLY A 81 -30.00 5.24 11.79
C GLY A 81 -31.45 5.42 12.20
N PRO A 82 -32.00 4.40 12.89
CA PRO A 82 -33.39 4.43 13.36
C PRO A 82 -33.61 5.44 14.47
N SER A 83 -34.15 6.60 14.11
CA SER A 83 -34.40 7.66 15.08
C SER A 83 -35.75 8.33 14.81
N SER A 84 -36.14 9.23 15.70
CA SER A 84 -37.41 9.95 15.54
C SER A 84 -37.56 11.02 16.63
N GLY A 85 -38.41 12.00 16.35
CA GLY A 85 -38.63 13.08 17.31
C GLY A 85 -39.58 14.14 16.79
N GLY A 1 -19.67 -7.70 9.41
CA GLY A 1 -20.54 -7.56 8.26
C GLY A 1 -20.41 -6.22 7.58
N SER A 2 -19.19 -5.89 7.16
CA SER A 2 -18.93 -4.62 6.50
C SER A 2 -20.09 -4.23 5.59
N SER A 3 -20.22 -2.94 5.33
CA SER A 3 -21.30 -2.44 4.48
C SER A 3 -20.88 -2.47 3.00
N GLY A 4 -19.67 -1.98 2.73
CA GLY A 4 -19.17 -1.95 1.37
C GLY A 4 -20.02 -1.09 0.46
N SER A 5 -20.44 0.06 0.96
CA SER A 5 -21.26 0.98 0.17
C SER A 5 -20.39 1.96 -0.62
N SER A 6 -20.60 2.00 -1.94
CA SER A 6 -19.84 2.88 -2.80
C SER A 6 -20.13 4.34 -2.48
N GLY A 7 -19.09 5.16 -2.47
CA GLY A 7 -19.25 6.57 -2.18
C GLY A 7 -18.24 7.44 -2.90
N GLY A 8 -18.65 8.65 -3.27
CA GLY A 8 -17.76 9.55 -3.97
C GLY A 8 -18.33 10.01 -5.30
N MET A 9 -17.46 10.50 -6.17
CA MET A 9 -17.88 10.98 -7.48
C MET A 9 -17.30 10.11 -8.59
N LYS A 10 -18.14 9.70 -9.52
CA LYS A 10 -17.71 8.86 -10.64
C LYS A 10 -17.57 9.68 -11.91
N THR A 11 -18.56 10.53 -12.18
CA THR A 11 -18.54 11.37 -13.37
C THR A 11 -17.62 12.58 -13.17
N SER A 12 -17.67 13.17 -11.98
CA SER A 12 -16.85 14.33 -11.67
C SER A 12 -15.65 13.93 -10.82
N GLY A 13 -14.45 14.14 -11.35
CA GLY A 13 -13.24 13.80 -10.63
C GLY A 13 -12.12 13.35 -11.55
N LYS A 14 -10.97 14.02 -11.46
CA LYS A 14 -9.82 13.69 -12.29
C LYS A 14 -9.00 12.57 -11.65
N GLN A 15 -9.34 11.33 -11.98
CA GLN A 15 -8.63 10.18 -11.44
C GLN A 15 -7.47 9.78 -12.34
N ASP A 16 -6.25 10.16 -11.95
CA ASP A 16 -5.06 9.85 -12.73
C ASP A 16 -4.24 8.76 -12.05
N GLU A 17 -3.85 7.75 -12.82
CA GLU A 17 -3.06 6.64 -12.28
C GLU A 17 -1.78 7.15 -11.64
N ALA A 18 -1.32 8.32 -12.07
CA ALA A 18 -0.10 8.92 -11.53
C ALA A 18 -0.22 9.13 -10.03
N TRP A 19 -1.24 9.88 -9.62
CA TRP A 19 -1.46 10.16 -8.20
C TRP A 19 -1.77 8.88 -7.44
N ILE A 20 -2.49 7.97 -8.09
CA ILE A 20 -2.85 6.70 -7.47
C ILE A 20 -1.61 5.87 -7.13
N MET A 21 -0.66 5.84 -8.05
CA MET A 21 0.58 5.09 -7.85
C MET A 21 1.09 5.27 -6.43
N SER A 22 0.99 6.49 -5.91
CA SER A 22 1.45 6.79 -4.56
C SER A 22 0.72 5.91 -3.53
N ARG A 23 -0.59 5.80 -3.67
CA ARG A 23 -1.40 5.01 -2.76
C ARG A 23 -0.71 3.68 -2.46
N LEU A 24 -0.36 2.94 -3.50
CA LEU A 24 0.31 1.65 -3.35
C LEU A 24 1.65 1.82 -2.64
N ILE A 25 2.38 2.87 -3.00
CA ILE A 25 3.67 3.14 -2.39
C ILE A 25 3.55 3.31 -0.88
N LYS A 26 2.63 4.16 -0.46
CA LYS A 26 2.42 4.42 0.96
C LYS A 26 2.48 3.12 1.76
N GLN A 27 1.62 2.17 1.39
CA GLN A 27 1.58 0.88 2.08
C GLN A 27 2.98 0.35 2.32
N LEU A 28 3.89 0.61 1.38
CA LEU A 28 5.26 0.15 1.50
C LEU A 28 6.09 1.11 2.36
N THR A 29 5.88 2.42 2.15
CA THR A 29 6.59 3.42 2.91
C THR A 29 6.40 3.23 4.41
N ASP A 30 5.31 2.58 4.78
CA ASP A 30 5.01 2.33 6.19
C ASP A 30 5.73 1.07 6.67
N MET A 31 5.93 0.12 5.76
CA MET A 31 6.60 -1.13 6.10
C MET A 31 8.07 -0.87 6.46
N GLY A 32 8.84 -0.43 5.48
CA GLY A 32 10.26 -0.15 5.72
C GLY A 32 11.04 0.00 4.42
N PHE A 33 10.38 0.53 3.39
CA PHE A 33 11.02 0.72 2.10
C PHE A 33 10.67 2.10 1.53
N PRO A 34 11.66 2.75 0.89
CA PRO A 34 11.49 4.06 0.29
C PRO A 34 10.59 4.03 -0.94
N ARG A 35 10.03 5.18 -1.30
CA ARG A 35 9.14 5.28 -2.46
C ARG A 35 9.93 5.10 -3.75
N GLU A 36 11.20 5.51 -3.72
CA GLU A 36 12.06 5.40 -4.89
C GLU A 36 11.85 4.08 -5.61
N PRO A 37 12.21 2.97 -4.92
CA PRO A 37 12.07 1.62 -5.46
C PRO A 37 10.61 1.19 -5.58
N ALA A 38 9.85 1.38 -4.51
CA ALA A 38 8.45 1.01 -4.50
C ALA A 38 7.73 1.54 -5.73
N GLU A 39 8.31 2.55 -6.36
CA GLU A 39 7.73 3.15 -7.55
C GLU A 39 8.21 2.43 -8.82
N GLU A 40 9.52 2.23 -8.91
CA GLU A 40 10.11 1.56 -10.06
C GLU A 40 9.63 0.12 -10.16
N ALA A 41 9.66 -0.59 -9.03
CA ALA A 41 9.22 -1.97 -8.98
C ALA A 41 7.76 -2.11 -9.43
N LEU A 42 6.86 -1.50 -8.69
CA LEU A 42 5.44 -1.54 -9.01
C LEU A 42 5.23 -1.56 -10.53
N LYS A 43 5.69 -0.51 -11.19
CA LYS A 43 5.56 -0.40 -12.63
C LYS A 43 5.87 -1.72 -13.32
N SER A 44 6.91 -2.40 -12.83
CA SER A 44 7.31 -3.68 -13.40
C SER A 44 6.51 -4.82 -12.77
N ASN A 45 5.94 -4.57 -11.60
CA ASN A 45 5.15 -5.57 -10.89
C ASN A 45 3.67 -5.44 -11.23
N ASN A 46 3.39 -5.06 -12.47
CA ASN A 46 2.00 -4.90 -12.92
C ASN A 46 1.16 -4.20 -11.86
N MET A 47 1.72 -3.13 -11.27
CA MET A 47 1.03 -2.38 -10.25
C MET A 47 0.45 -3.30 -9.19
N ASN A 48 1.29 -4.15 -8.62
CA ASN A 48 0.86 -5.09 -7.59
C ASN A 48 1.68 -4.92 -6.32
N LEU A 49 1.06 -5.20 -5.17
CA LEU A 49 1.73 -5.07 -3.89
C LEU A 49 2.49 -6.35 -3.55
N ASP A 50 1.83 -7.49 -3.69
CA ASP A 50 2.44 -8.78 -3.41
C ASP A 50 3.65 -9.02 -4.31
N GLN A 51 3.55 -8.60 -5.56
CA GLN A 51 4.63 -8.76 -6.52
C GLN A 51 5.72 -7.73 -6.30
N ALA A 52 5.32 -6.48 -6.08
CA ALA A 52 6.27 -5.40 -5.84
C ALA A 52 7.13 -5.69 -4.62
N MET A 53 6.48 -6.01 -3.50
CA MET A 53 7.20 -6.30 -2.27
C MET A 53 8.31 -7.33 -2.51
N SER A 54 7.92 -8.51 -2.99
CA SER A 54 8.88 -9.58 -3.25
C SER A 54 10.06 -9.05 -4.06
N ALA A 55 9.77 -8.19 -5.04
CA ALA A 55 10.81 -7.61 -5.88
C ALA A 55 11.84 -6.87 -5.04
N LEU A 56 11.41 -6.33 -3.91
CA LEU A 56 12.30 -5.59 -3.02
C LEU A 56 12.93 -6.53 -1.98
N LEU A 57 12.12 -7.43 -1.45
CA LEU A 57 12.60 -8.38 -0.46
C LEU A 57 13.69 -9.28 -1.03
N GLU A 58 13.58 -9.58 -2.32
CA GLU A 58 14.56 -10.44 -2.99
C GLU A 58 15.97 -10.06 -2.57
N LYS A 59 16.17 -8.78 -2.24
CA LYS A 59 17.48 -8.30 -1.82
C LYS A 59 17.72 -8.56 -0.34
N LYS A 60 17.24 -9.71 0.14
CA LYS A 60 17.41 -10.09 1.53
C LYS A 60 17.33 -8.86 2.43
N VAL A 61 16.36 -7.99 2.17
CA VAL A 61 16.19 -6.78 2.96
C VAL A 61 15.41 -7.05 4.24
N ASP A 62 16.03 -6.81 5.38
CA ASP A 62 15.40 -7.03 6.67
C ASP A 62 13.91 -6.70 6.60
N VAL A 63 13.10 -7.52 7.28
CA VAL A 63 11.66 -7.32 7.30
C VAL A 63 11.22 -6.51 8.53
N ASP A 64 11.17 -5.20 8.37
CA ASP A 64 10.78 -4.31 9.46
C ASP A 64 9.27 -4.06 9.45
N LYS A 65 8.56 -4.74 10.34
CA LYS A 65 7.11 -4.60 10.43
C LYS A 65 6.71 -3.94 11.75
N ARG A 66 6.35 -2.66 11.69
CA ARG A 66 5.95 -1.92 12.88
C ARG A 66 4.44 -2.00 13.07
N GLY A 67 3.69 -1.79 12.00
CA GLY A 67 2.24 -1.84 12.09
C GLY A 67 1.56 -1.04 10.99
N LEU A 68 0.46 -1.58 10.47
CA LEU A 68 -0.28 -0.91 9.41
C LEU A 68 -1.67 -0.50 9.89
N GLY A 69 -2.32 -1.39 10.63
CA GLY A 69 -3.65 -1.10 11.14
C GLY A 69 -4.68 -2.09 10.65
N VAL A 70 -4.98 -3.09 11.48
CA VAL A 70 -5.96 -4.11 11.14
C VAL A 70 -7.37 -3.70 11.57
N THR A 71 -7.49 -3.29 12.83
CA THR A 71 -8.77 -2.88 13.38
C THR A 71 -9.10 -1.43 12.99
N ASP A 72 -9.71 -1.27 11.83
CA ASP A 72 -10.08 0.06 11.34
C ASP A 72 -11.58 0.18 11.15
N HIS A 73 -12.05 1.39 10.89
CA HIS A 73 -13.48 1.63 10.68
C HIS A 73 -13.72 2.31 9.34
N ASN A 74 -14.65 1.76 8.56
CA ASN A 74 -14.98 2.32 7.25
C ASN A 74 -16.36 1.88 6.80
N GLY A 75 -17.06 2.75 6.10
CA GLY A 75 -18.40 2.44 5.62
C GLY A 75 -19.34 2.05 6.74
N MET A 76 -19.83 3.06 7.47
CA MET A 76 -20.74 2.81 8.58
C MET A 76 -22.17 2.67 8.09
N ALA A 77 -22.59 1.43 7.85
CA ALA A 77 -23.94 1.14 7.37
C ALA A 77 -24.52 -0.09 8.05
N ALA A 78 -25.82 -0.29 7.91
CA ALA A 78 -26.49 -1.44 8.50
C ALA A 78 -27.03 -2.38 7.43
N LYS A 79 -27.86 -1.84 6.52
CA LYS A 79 -28.43 -2.63 5.45
C LYS A 79 -27.52 -2.65 4.23
N SER A 80 -27.07 -3.85 3.87
CA SER A 80 -26.18 -4.02 2.72
C SER A 80 -26.11 -5.47 2.29
N GLY A 81 -26.29 -5.72 0.99
CA GLY A 81 -26.25 -7.07 0.48
C GLY A 81 -27.63 -7.67 0.28
N PRO A 82 -28.24 -7.36 -0.88
CA PRO A 82 -29.57 -7.86 -1.23
C PRO A 82 -29.58 -9.35 -1.51
N SER A 83 -30.11 -10.12 -0.57
CA SER A 83 -30.18 -11.57 -0.72
C SER A 83 -31.31 -11.97 -1.67
N SER A 84 -31.05 -12.99 -2.48
CA SER A 84 -32.04 -13.47 -3.43
C SER A 84 -32.04 -14.99 -3.50
N GLY A 85 -33.14 -15.60 -3.07
CA GLY A 85 -33.26 -17.04 -3.09
C GLY A 85 -32.32 -17.70 -2.10
N GLY A 1 3.79 3.88 12.92
CA GLY A 1 3.62 4.03 14.36
C GLY A 1 2.98 5.36 14.72
N SER A 2 1.68 5.47 14.48
CA SER A 2 0.95 6.70 14.78
C SER A 2 -0.54 6.43 14.88
N SER A 3 -1.28 7.39 15.44
CA SER A 3 -2.72 7.25 15.60
C SER A 3 -3.35 8.61 15.92
N GLY A 4 -4.22 9.07 15.02
CA GLY A 4 -4.89 10.35 15.22
C GLY A 4 -5.81 10.70 14.07
N SER A 5 -6.71 9.79 13.73
CA SER A 5 -7.64 10.01 12.63
C SER A 5 -8.83 9.08 12.74
N SER A 6 -9.99 9.54 12.26
CA SER A 6 -11.21 8.74 12.31
C SER A 6 -12.18 9.16 11.21
N GLY A 7 -13.24 8.39 11.03
CA GLY A 7 -14.22 8.69 10.00
C GLY A 7 -13.86 8.10 8.66
N GLY A 8 -13.84 8.95 7.63
CA GLY A 8 -13.51 8.49 6.30
C GLY A 8 -13.76 9.54 5.24
N MET A 9 -13.11 10.70 5.39
CA MET A 9 -13.27 11.79 4.44
C MET A 9 -12.83 11.36 3.05
N LYS A 10 -13.78 10.85 2.27
CA LYS A 10 -13.51 10.39 0.91
C LYS A 10 -13.97 11.43 -0.10
N THR A 11 -13.08 11.78 -1.03
CA THR A 11 -13.39 12.76 -2.06
C THR A 11 -13.23 12.16 -3.45
N SER A 12 -13.68 12.90 -4.46
CA SER A 12 -13.58 12.45 -5.84
C SER A 12 -12.42 13.12 -6.57
N GLY A 13 -12.47 14.45 -6.64
CA GLY A 13 -11.40 15.19 -7.31
C GLY A 13 -11.04 14.59 -8.66
N LYS A 14 -9.88 14.98 -9.17
CA LYS A 14 -9.41 14.48 -10.46
C LYS A 14 -8.98 13.02 -10.36
N GLN A 15 -8.93 12.34 -11.50
CA GLN A 15 -8.53 10.94 -11.54
C GLN A 15 -7.32 10.75 -12.43
N ASP A 16 -6.14 10.70 -11.82
CA ASP A 16 -4.90 10.51 -12.57
C ASP A 16 -4.05 9.41 -11.94
N GLU A 17 -3.77 8.37 -12.73
CA GLU A 17 -2.98 7.24 -12.26
C GLU A 17 -1.72 7.72 -11.56
N ALA A 18 -1.24 8.90 -11.95
CA ALA A 18 -0.04 9.48 -11.35
C ALA A 18 -0.17 9.58 -9.83
N TRP A 19 -1.21 10.27 -9.38
CA TRP A 19 -1.45 10.45 -7.95
C TRP A 19 -1.78 9.11 -7.29
N ILE A 20 -2.50 8.26 -8.01
CA ILE A 20 -2.87 6.95 -7.49
C ILE A 20 -1.63 6.11 -7.19
N MET A 21 -0.69 6.11 -8.12
CA MET A 21 0.55 5.35 -7.95
C MET A 21 1.06 5.44 -6.52
N SER A 22 0.91 6.61 -5.92
CA SER A 22 1.36 6.83 -4.55
C SER A 22 0.66 5.86 -3.59
N ARG A 23 -0.66 5.81 -3.68
CA ARG A 23 -1.45 4.93 -2.82
C ARG A 23 -0.73 3.60 -2.59
N LEU A 24 -0.41 2.91 -3.69
CA LEU A 24 0.28 1.64 -3.60
C LEU A 24 1.60 1.77 -2.86
N ILE A 25 2.24 2.93 -3.02
CA ILE A 25 3.52 3.19 -2.35
C ILE A 25 3.34 3.31 -0.84
N LYS A 26 2.38 4.14 -0.42
CA LYS A 26 2.11 4.34 1.00
C LYS A 26 2.25 3.03 1.77
N GLN A 27 1.49 2.02 1.34
CA GLN A 27 1.51 0.71 1.99
C GLN A 27 2.95 0.28 2.27
N LEU A 28 3.83 0.51 1.29
CA LEU A 28 5.23 0.14 1.42
C LEU A 28 5.97 1.11 2.34
N THR A 29 5.90 2.40 1.99
CA THR A 29 6.55 3.43 2.77
C THR A 29 6.34 3.23 4.27
N ASP A 30 5.19 2.65 4.61
CA ASP A 30 4.86 2.40 6.00
C ASP A 30 5.58 1.15 6.52
N MET A 31 5.80 0.19 5.62
CA MET A 31 6.49 -1.04 5.98
C MET A 31 7.94 -0.78 6.36
N GLY A 32 8.73 -0.40 5.36
CA GLY A 32 10.14 -0.13 5.60
C GLY A 32 10.93 -0.02 4.31
N PHE A 33 10.34 0.60 3.30
CA PHE A 33 11.00 0.77 2.01
C PHE A 33 10.72 2.15 1.43
N PRO A 34 11.73 2.72 0.75
CA PRO A 34 11.62 4.04 0.14
C PRO A 34 10.67 4.06 -1.06
N ARG A 35 10.24 5.25 -1.45
CA ARG A 35 9.32 5.39 -2.58
C ARG A 35 10.05 5.14 -3.90
N GLU A 36 11.33 5.46 -3.93
CA GLU A 36 12.14 5.27 -5.13
C GLU A 36 11.81 3.93 -5.80
N PRO A 37 12.11 2.83 -5.10
CA PRO A 37 11.86 1.47 -5.61
C PRO A 37 10.37 1.15 -5.66
N ALA A 38 9.69 1.37 -4.55
CA ALA A 38 8.26 1.11 -4.47
C ALA A 38 7.54 1.51 -5.75
N GLU A 39 8.07 2.54 -6.41
CA GLU A 39 7.48 3.03 -7.65
C GLU A 39 7.96 2.21 -8.85
N GLU A 40 9.27 2.20 -9.06
CA GLU A 40 9.87 1.45 -10.16
C GLU A 40 9.36 0.01 -10.18
N ALA A 41 9.43 -0.66 -9.03
CA ALA A 41 8.98 -2.03 -8.92
C ALA A 41 7.55 -2.18 -9.42
N LEU A 42 6.61 -1.58 -8.69
CA LEU A 42 5.19 -1.65 -9.06
C LEU A 42 5.02 -1.51 -10.57
N LYS A 43 5.61 -0.46 -11.13
CA LYS A 43 5.51 -0.22 -12.57
C LYS A 43 5.83 -1.49 -13.36
N SER A 44 6.86 -2.20 -12.92
CA SER A 44 7.27 -3.44 -13.58
C SER A 44 6.47 -4.63 -13.05
N ASN A 45 5.89 -4.46 -11.87
CA ASN A 45 5.10 -5.53 -11.25
C ASN A 45 3.63 -5.38 -11.61
N ASN A 46 3.35 -4.82 -12.78
CA ASN A 46 1.99 -4.63 -13.24
C ASN A 46 1.11 -4.11 -12.11
N MET A 47 1.64 -3.19 -11.31
CA MET A 47 0.90 -2.61 -10.21
C MET A 47 0.52 -3.69 -9.19
N ASN A 48 1.52 -4.47 -8.77
CA ASN A 48 1.29 -5.53 -7.79
C ASN A 48 2.09 -5.28 -6.52
N LEU A 49 1.41 -5.39 -5.37
CA LEU A 49 2.05 -5.18 -4.08
C LEU A 49 2.84 -6.41 -3.66
N ASP A 50 2.15 -7.55 -3.58
CA ASP A 50 2.79 -8.80 -3.18
C ASP A 50 3.98 -9.11 -4.08
N GLN A 51 3.82 -8.87 -5.38
CA GLN A 51 4.89 -9.12 -6.34
C GLN A 51 6.05 -8.16 -6.14
N ALA A 52 5.74 -6.87 -6.08
CA ALA A 52 6.76 -5.85 -5.89
C ALA A 52 7.51 -6.07 -4.58
N MET A 53 6.78 -6.13 -3.47
CA MET A 53 7.38 -6.34 -2.17
C MET A 53 8.48 -7.40 -2.23
N SER A 54 8.10 -8.61 -2.65
CA SER A 54 9.06 -9.70 -2.76
C SER A 54 10.26 -9.30 -3.60
N ALA A 55 10.00 -8.58 -4.68
CA ALA A 55 11.05 -8.12 -5.57
C ALA A 55 12.02 -7.19 -4.85
N LEU A 56 11.52 -6.50 -3.83
CA LEU A 56 12.34 -5.57 -3.06
C LEU A 56 13.03 -6.28 -1.90
N LEU A 57 12.32 -7.23 -1.29
CA LEU A 57 12.86 -7.99 -0.17
C LEU A 57 13.90 -9.00 -0.65
N GLU A 58 13.51 -9.85 -1.60
CA GLU A 58 14.41 -10.86 -2.14
C GLU A 58 15.84 -10.33 -2.22
N LYS A 59 15.98 -9.05 -2.57
CA LYS A 59 17.28 -8.43 -2.68
C LYS A 59 18.09 -8.62 -1.40
N LYS A 60 17.55 -8.14 -0.28
CA LYS A 60 18.21 -8.27 1.00
C LYS A 60 17.33 -9.01 2.01
N VAL A 61 17.92 -9.97 2.72
CA VAL A 61 17.18 -10.74 3.71
C VAL A 61 17.12 -10.01 5.04
N ASP A 62 15.95 -9.45 5.34
CA ASP A 62 15.75 -8.72 6.59
C ASP A 62 14.79 -9.47 7.51
N VAL A 63 14.55 -8.91 8.69
CA VAL A 63 13.65 -9.53 9.66
C VAL A 63 12.30 -8.81 9.68
N ASP A 64 11.27 -9.47 9.18
CA ASP A 64 9.93 -8.89 9.14
C ASP A 64 8.86 -9.98 9.20
N LYS A 65 7.60 -9.58 9.22
CA LYS A 65 6.49 -10.52 9.27
C LYS A 65 5.45 -10.19 8.20
N ARG A 66 5.19 -11.16 7.32
CA ARG A 66 4.22 -10.97 6.26
C ARG A 66 2.81 -10.82 6.82
N GLY A 67 2.15 -9.71 6.49
CA GLY A 67 0.81 -9.46 6.97
C GLY A 67 0.51 -7.97 7.13
N LEU A 68 -0.55 -7.52 6.48
CA LEU A 68 -0.94 -6.11 6.53
C LEU A 68 -2.45 -5.97 6.72
N GLY A 69 -2.85 -5.04 7.57
CA GLY A 69 -4.27 -4.83 7.82
C GLY A 69 -4.60 -3.36 8.06
N VAL A 70 -5.12 -2.69 7.03
CA VAL A 70 -5.46 -1.29 7.14
C VAL A 70 -6.47 -1.05 8.28
N THR A 71 -5.99 -0.49 9.38
CA THR A 71 -6.84 -0.22 10.53
C THR A 71 -6.97 1.28 10.77
N ASP A 72 -5.83 1.98 10.81
CA ASP A 72 -5.82 3.42 11.03
C ASP A 72 -5.80 4.17 9.71
N HIS A 73 -6.99 4.50 9.19
CA HIS A 73 -7.10 5.22 7.94
C HIS A 73 -6.27 6.51 7.97
N ASN A 74 -5.23 6.55 7.16
CA ASN A 74 -4.35 7.72 7.09
C ASN A 74 -5.10 8.92 6.53
N GLY A 75 -5.57 9.79 7.41
CA GLY A 75 -6.29 10.97 6.97
C GLY A 75 -5.63 12.25 7.42
N MET A 76 -5.88 13.34 6.68
CA MET A 76 -5.29 14.63 7.01
C MET A 76 -5.90 15.20 8.29
N ALA A 77 -7.23 15.31 8.31
CA ALA A 77 -7.93 15.84 9.47
C ALA A 77 -9.34 15.27 9.57
N ALA A 78 -9.98 15.49 10.71
CA ALA A 78 -11.34 14.99 10.92
C ALA A 78 -12.04 15.78 12.03
N LYS A 79 -13.36 15.88 11.93
CA LYS A 79 -14.15 16.60 12.92
C LYS A 79 -15.61 16.16 12.88
N SER A 80 -16.32 16.40 13.97
CA SER A 80 -17.74 16.03 14.06
C SER A 80 -18.38 16.64 15.30
N GLY A 81 -19.71 16.61 15.33
CA GLY A 81 -20.43 17.17 16.46
C GLY A 81 -21.83 17.61 16.10
N PRO A 82 -22.77 17.47 17.05
CA PRO A 82 -24.17 17.84 16.84
C PRO A 82 -24.36 19.35 16.74
N SER A 83 -25.46 19.76 16.12
CA SER A 83 -25.75 21.19 15.95
C SER A 83 -27.13 21.38 15.32
N SER A 84 -27.64 22.61 15.38
CA SER A 84 -28.95 22.93 14.83
C SER A 84 -28.82 23.47 13.41
N GLY A 85 -29.96 23.77 12.79
CA GLY A 85 -29.96 24.29 11.44
C GLY A 85 -31.27 24.05 10.72
N GLY A 1 6.60 13.43 -11.51
CA GLY A 1 5.31 13.58 -10.88
C GLY A 1 4.63 14.88 -11.25
N SER A 2 3.56 14.78 -12.05
CA SER A 2 2.82 15.96 -12.48
C SER A 2 3.76 17.09 -12.83
N SER A 3 4.86 16.77 -13.52
CA SER A 3 5.85 17.76 -13.90
C SER A 3 5.22 18.86 -14.76
N GLY A 4 5.26 20.08 -14.28
CA GLY A 4 4.69 21.19 -15.01
C GLY A 4 3.40 21.71 -14.38
N SER A 5 3.53 22.32 -13.21
CA SER A 5 2.36 22.86 -12.50
C SER A 5 2.62 24.29 -12.05
N SER A 6 1.72 25.20 -12.44
CA SER A 6 1.85 26.60 -12.07
C SER A 6 2.09 26.76 -10.58
N GLY A 7 2.89 27.74 -10.22
CA GLY A 7 3.20 27.99 -8.82
C GLY A 7 2.12 28.78 -8.12
N GLY A 8 1.15 28.06 -7.54
CA GLY A 8 0.06 28.72 -6.85
C GLY A 8 -0.95 27.73 -6.30
N MET A 9 -1.78 27.18 -7.18
CA MET A 9 -2.79 26.21 -6.77
C MET A 9 -2.51 24.84 -7.37
N LYS A 10 -2.09 23.90 -6.52
CA LYS A 10 -1.79 22.55 -6.97
C LYS A 10 -3.07 21.72 -7.09
N THR A 11 -4.12 22.34 -7.62
CA THR A 11 -5.40 21.65 -7.80
C THR A 11 -5.21 20.30 -8.46
N SER A 12 -5.60 19.24 -7.74
CA SER A 12 -5.47 17.88 -8.26
C SER A 12 -6.10 17.75 -9.64
N GLY A 13 -7.33 18.24 -9.76
CA GLY A 13 -8.03 18.18 -11.04
C GLY A 13 -8.49 16.78 -11.37
N LYS A 14 -8.83 16.56 -12.64
CA LYS A 14 -9.28 15.25 -13.10
C LYS A 14 -8.51 14.13 -12.42
N GLN A 15 -9.13 12.97 -12.30
CA GLN A 15 -8.49 11.82 -11.66
C GLN A 15 -7.42 11.22 -12.57
N ASP A 16 -6.19 11.16 -12.08
CA ASP A 16 -5.08 10.61 -12.84
C ASP A 16 -4.59 9.31 -12.23
N GLU A 17 -3.70 8.62 -12.94
CA GLU A 17 -3.15 7.35 -12.46
C GLU A 17 -1.85 7.58 -11.69
N ALA A 18 -1.12 8.62 -12.07
CA ALA A 18 0.14 8.96 -11.41
C ALA A 18 -0.05 9.12 -9.91
N TRP A 19 -1.05 9.92 -9.52
CA TRP A 19 -1.32 10.16 -8.11
C TRP A 19 -1.65 8.85 -7.40
N ILE A 20 -2.30 7.93 -8.12
CA ILE A 20 -2.66 6.65 -7.54
C ILE A 20 -1.43 5.83 -7.17
N MET A 21 -0.47 5.76 -8.08
CA MET A 21 0.77 5.03 -7.85
C MET A 21 1.19 5.12 -6.39
N SER A 22 1.11 6.33 -5.84
CA SER A 22 1.49 6.57 -4.44
C SER A 22 0.70 5.66 -3.51
N ARG A 23 -0.62 5.67 -3.66
CA ARG A 23 -1.49 4.84 -2.83
C ARG A 23 -0.84 3.50 -2.51
N LEU A 24 -0.45 2.78 -3.55
CA LEU A 24 0.19 1.48 -3.38
C LEU A 24 1.53 1.63 -2.64
N ILE A 25 2.27 2.67 -2.97
CA ILE A 25 3.56 2.93 -2.33
C ILE A 25 3.41 3.09 -0.82
N LYS A 26 2.45 3.91 -0.42
CA LYS A 26 2.19 4.15 1.00
C LYS A 26 2.37 2.87 1.81
N GLN A 27 1.63 1.83 1.44
CA GLN A 27 1.70 0.56 2.13
C GLN A 27 3.15 0.18 2.43
N LEU A 28 4.00 0.28 1.41
CA LEU A 28 5.41 -0.05 1.56
C LEU A 28 6.13 1.00 2.41
N THR A 29 5.99 2.26 2.01
CA THR A 29 6.63 3.36 2.73
C THR A 29 6.48 3.18 4.24
N ASP A 30 5.35 2.63 4.66
CA ASP A 30 5.08 2.40 6.08
C ASP A 30 5.77 1.12 6.55
N MET A 31 5.93 0.17 5.65
CA MET A 31 6.56 -1.09 5.98
C MET A 31 8.02 -0.90 6.34
N GLY A 32 8.83 -0.55 5.34
CA GLY A 32 10.25 -0.32 5.57
C GLY A 32 11.03 -0.16 4.28
N PHE A 33 10.43 0.54 3.31
CA PHE A 33 11.07 0.77 2.03
C PHE A 33 10.66 2.12 1.45
N PRO A 34 11.63 2.80 0.82
CA PRO A 34 11.40 4.12 0.21
C PRO A 34 10.51 4.04 -1.03
N ARG A 35 9.88 5.16 -1.37
CA ARG A 35 8.99 5.21 -2.53
C ARG A 35 9.79 5.06 -3.82
N GLU A 36 11.04 5.53 -3.80
CA GLU A 36 11.90 5.45 -4.98
C GLU A 36 11.75 4.11 -5.68
N PRO A 37 12.15 3.02 -4.98
CA PRO A 37 12.07 1.66 -5.52
C PRO A 37 10.63 1.17 -5.64
N ALA A 38 9.87 1.29 -4.55
CA ALA A 38 8.48 0.87 -4.52
C ALA A 38 7.74 1.36 -5.76
N GLU A 39 8.26 2.40 -6.38
CA GLU A 39 7.64 2.97 -7.58
C GLU A 39 8.12 2.25 -8.84
N GLU A 40 9.44 2.19 -9.02
CA GLU A 40 10.02 1.53 -10.18
C GLU A 40 9.60 0.07 -10.23
N ALA A 41 9.59 -0.59 -9.08
CA ALA A 41 9.20 -1.99 -9.01
C ALA A 41 7.76 -2.19 -9.44
N LEU A 42 6.84 -1.55 -8.71
CA LEU A 42 5.41 -1.66 -9.03
C LEU A 42 5.19 -1.70 -10.54
N LYS A 43 5.70 -0.69 -11.24
CA LYS A 43 5.55 -0.63 -12.69
C LYS A 43 5.84 -1.98 -13.33
N SER A 44 6.91 -2.63 -12.88
CA SER A 44 7.29 -3.93 -13.41
C SER A 44 6.47 -5.05 -12.77
N ASN A 45 5.83 -4.73 -11.64
CA ASN A 45 5.02 -5.70 -10.93
C ASN A 45 3.54 -5.51 -11.24
N ASN A 46 3.25 -5.09 -12.47
CA ASN A 46 1.88 -4.87 -12.90
C ASN A 46 1.11 -4.05 -11.86
N MET A 47 1.80 -3.11 -11.23
CA MET A 47 1.18 -2.26 -10.22
C MET A 47 0.60 -3.10 -9.08
N ASN A 48 1.36 -4.09 -8.63
CA ASN A 48 0.91 -4.97 -7.55
C ASN A 48 1.70 -4.71 -6.28
N LEU A 49 1.13 -5.08 -5.14
CA LEU A 49 1.78 -4.90 -3.85
C LEU A 49 2.54 -6.15 -3.44
N ASP A 50 1.88 -7.30 -3.55
CA ASP A 50 2.50 -8.56 -3.19
C ASP A 50 3.67 -8.88 -4.11
N GLN A 51 3.52 -8.53 -5.39
CA GLN A 51 4.57 -8.78 -6.38
C GLN A 51 5.69 -7.74 -6.25
N ALA A 52 5.30 -6.49 -6.07
CA ALA A 52 6.25 -5.40 -5.94
C ALA A 52 7.13 -5.58 -4.71
N MET A 53 6.49 -5.78 -3.56
CA MET A 53 7.21 -5.97 -2.31
C MET A 53 8.29 -7.03 -2.45
N SER A 54 7.89 -8.23 -2.84
CA SER A 54 8.83 -9.34 -3.03
C SER A 54 10.00 -8.91 -3.90
N ALA A 55 9.75 -7.97 -4.80
CA ALA A 55 10.79 -7.48 -5.70
C ALA A 55 11.83 -6.66 -4.94
N LEU A 56 11.38 -5.95 -3.91
CA LEU A 56 12.27 -5.13 -3.11
C LEU A 56 12.92 -5.94 -2.00
N LEU A 57 12.09 -6.62 -1.20
CA LEU A 57 12.58 -7.44 -0.11
C LEU A 57 13.71 -8.36 -0.57
N GLU A 58 13.50 -9.02 -1.71
CA GLU A 58 14.49 -9.92 -2.27
C GLU A 58 15.89 -9.30 -2.18
N LYS A 59 16.07 -8.16 -2.82
CA LYS A 59 17.35 -7.47 -2.82
C LYS A 59 17.87 -7.28 -1.40
N LYS A 60 17.01 -6.75 -0.53
CA LYS A 60 17.37 -6.52 0.86
C LYS A 60 16.31 -7.07 1.81
N VAL A 61 16.73 -7.95 2.72
CA VAL A 61 15.81 -8.55 3.67
C VAL A 61 15.74 -7.74 4.96
N ASP A 62 14.55 -7.31 5.32
CA ASP A 62 14.34 -6.52 6.53
C ASP A 62 13.22 -7.11 7.38
N VAL A 63 13.12 -6.64 8.62
CA VAL A 63 12.08 -7.12 9.53
C VAL A 63 10.76 -6.41 9.27
N ASP A 64 9.98 -6.96 8.35
CA ASP A 64 8.69 -6.38 8.00
C ASP A 64 7.56 -7.09 8.76
N LYS A 65 6.37 -6.50 8.72
CA LYS A 65 5.22 -7.08 9.40
C LYS A 65 4.05 -7.25 8.43
N ARG A 66 3.26 -8.31 8.62
CA ARG A 66 2.12 -8.58 7.77
C ARG A 66 1.07 -7.47 7.89
N GLY A 67 0.83 -7.03 9.13
CA GLY A 67 -0.15 -5.98 9.35
C GLY A 67 0.46 -4.60 9.29
N LEU A 68 -0.22 -3.68 8.60
CA LEU A 68 0.26 -2.31 8.47
C LEU A 68 -0.83 -1.31 8.87
N GLY A 69 -0.47 -0.03 8.84
CA GLY A 69 -1.42 1.00 9.20
C GLY A 69 -2.63 1.01 8.29
N VAL A 70 -3.70 0.34 8.73
CA VAL A 70 -4.93 0.28 7.96
C VAL A 70 -5.81 1.50 8.21
N THR A 71 -6.72 1.77 7.28
CA THR A 71 -7.62 2.91 7.41
C THR A 71 -8.74 2.62 8.39
N ASP A 72 -8.77 3.40 9.47
CA ASP A 72 -9.80 3.24 10.51
C ASP A 72 -10.59 4.52 10.71
N HIS A 73 -11.53 4.49 11.64
CA HIS A 73 -12.36 5.65 11.93
C HIS A 73 -13.07 6.14 10.67
N ASN A 74 -13.62 5.21 9.90
CA ASN A 74 -14.33 5.55 8.67
C ASN A 74 -15.83 5.59 8.90
N GLY A 75 -16.56 6.12 7.92
CA GLY A 75 -18.01 6.20 8.04
C GLY A 75 -18.66 4.85 8.26
N MET A 76 -19.98 4.84 8.31
CA MET A 76 -20.72 3.61 8.52
C MET A 76 -20.81 2.80 7.23
N ALA A 77 -21.21 1.54 7.34
CA ALA A 77 -21.33 0.67 6.18
C ALA A 77 -22.69 0.86 5.50
N ALA A 78 -23.75 0.52 6.21
CA ALA A 78 -25.10 0.65 5.67
C ALA A 78 -25.35 2.06 5.18
N LYS A 79 -25.17 2.28 3.87
CA LYS A 79 -25.39 3.59 3.27
C LYS A 79 -26.82 4.05 3.46
N SER A 80 -27.02 5.35 3.52
CA SER A 80 -28.35 5.92 3.71
C SER A 80 -29.32 5.38 2.65
N GLY A 81 -28.88 5.37 1.39
CA GLY A 81 -29.71 4.88 0.32
C GLY A 81 -29.54 5.68 -0.96
N PRO A 82 -30.55 5.61 -1.84
CA PRO A 82 -30.53 6.33 -3.12
C PRO A 82 -30.65 7.84 -2.93
N SER A 83 -29.52 8.51 -2.82
CA SER A 83 -29.49 9.95 -2.64
C SER A 83 -29.11 10.66 -3.94
N SER A 84 -29.69 11.84 -4.16
CA SER A 84 -29.40 12.61 -5.37
C SER A 84 -28.13 13.43 -5.20
N GLY A 85 -28.03 14.14 -4.09
CA GLY A 85 -26.86 14.96 -3.83
C GLY A 85 -27.02 16.38 -4.31
#